data_9F9R
#
_entry.id   9F9R
#
_cell.length_a   44.643
_cell.length_b   67.042
_cell.length_c   144.617
_cell.angle_alpha   90.20
_cell.angle_beta   94.25
_cell.angle_gamma   107.48
#
_symmetry.space_group_name_H-M   'P 1'
#
loop_
_entity.id
_entity.type
_entity.pdbx_description
1 polymer 'AimR 13952'
2 polymer 'AimP Goe11'
3 water water
#
loop_
_entity_poly.entity_id
_entity_poly.type
_entity_poly.pdbx_seq_one_letter_code
_entity_poly.pdbx_strand_id
1 'polypeptide(L)'
;MELIRIAMRKDLENDKSLMSKWAAVAGLKNPNPLYDFLNHDGKTFSEFNSIVNIVKTHYPDQEYELMENYCLLLDPNTKA
ARSALEYADANSFNTLTDKLVEKMSIASNLKSKEYGKIYEIHRKLSRGEIDVLEASKNIGKYRIKTDEMNIFSKMIPMYD
YLSKGNFSPMKSLLKQIDLNDIKENNYLKKSFETRIYVLLSNIYLNENELELSRKYAEKAIKSTDTKRFLVFSYLTIGTS
YIFSDYALSKQNYLSGYEIAKGNSVFEEFFKRNLSFLNNFWNKENPWINYDSNAVTDVQEVIFELINQKKLERALTLLKS
LERKKQNENDLGFHYYLEGLITNDKEAFYKSVEYFKLSQDKLFIKMPLIKLESLGENPRLLKIISM
;
A,C,E,G
2 'polypeptide(L)' GIVRGA B,D,F,H
#
# COMPACT_ATOMS: atom_id res chain seq x y z
N SER A 46 54.96 34.10 34.49
CA SER A 46 54.13 33.63 35.63
C SER A 46 54.98 32.69 36.48
N GLU A 47 54.51 32.32 37.67
CA GLU A 47 55.39 31.49 38.53
C GLU A 47 55.85 30.27 37.73
N PHE A 48 54.92 29.45 37.24
CA PHE A 48 55.31 28.18 36.56
C PHE A 48 56.17 28.48 35.34
N ASN A 49 55.75 29.40 34.47
CA ASN A 49 56.54 29.61 33.28
C ASN A 49 57.98 29.96 33.67
N SER A 50 58.15 30.86 34.65
CA SER A 50 59.46 31.35 35.06
C SER A 50 60.29 30.21 35.63
N ILE A 51 59.68 29.37 36.48
CA ILE A 51 60.32 28.25 37.14
C ILE A 51 60.92 27.35 36.06
N VAL A 52 60.05 26.94 35.12
CA VAL A 52 60.40 26.01 34.07
C VAL A 52 61.54 26.56 33.23
N ASN A 53 61.41 27.84 32.81
CA ASN A 53 62.39 28.48 31.93
C ASN A 53 63.76 28.58 32.58
N ILE A 54 63.81 28.70 33.91
CA ILE A 54 65.11 28.68 34.58
C ILE A 54 65.60 27.25 34.73
N VAL A 55 64.72 26.33 35.15
CA VAL A 55 65.16 24.95 35.25
C VAL A 55 65.82 24.54 33.93
N LYS A 56 65.23 24.93 32.78
CA LYS A 56 65.67 24.49 31.45
C LYS A 56 67.00 25.11 31.08
N THR A 57 67.09 26.43 31.26
CA THR A 57 68.27 27.14 30.82
C THR A 57 69.48 26.90 31.75
N HIS A 58 69.26 26.62 33.04
CA HIS A 58 70.38 26.52 33.96
C HIS A 58 70.61 25.11 34.48
N TYR A 59 69.61 24.22 34.42
CA TYR A 59 69.77 22.87 34.94
C TYR A 59 69.15 21.84 34.00
N PRO A 60 69.43 21.90 32.68
CA PRO A 60 68.63 21.16 31.68
C PRO A 60 68.56 19.67 31.94
N ASP A 61 69.63 19.19 32.56
CA ASP A 61 69.83 17.74 32.81
C ASP A 61 69.11 17.24 34.05
N GLN A 62 68.63 18.15 34.89
CA GLN A 62 67.96 17.75 36.15
C GLN A 62 66.51 18.23 36.11
N GLU A 63 66.02 18.53 34.91
CA GLU A 63 64.65 19.12 34.75
C GLU A 63 63.59 18.26 35.41
N TYR A 64 63.56 16.97 35.11
CA TYR A 64 62.47 16.15 35.69
C TYR A 64 62.61 16.13 37.20
N GLU A 65 63.81 15.91 37.70
CA GLU A 65 64.01 15.75 39.17
C GLU A 65 63.58 17.01 39.91
N LEU A 66 63.93 18.18 39.37
CA LEU A 66 63.62 19.46 40.04
C LEU A 66 62.15 19.81 39.84
N MET A 67 61.67 19.70 38.61
CA MET A 67 60.28 19.99 38.31
C MET A 67 59.37 18.96 38.97
N GLU A 68 59.76 17.70 39.07
CA GLU A 68 58.90 16.71 39.69
C GLU A 68 58.64 17.11 41.13
N ASN A 69 59.70 17.47 41.84
CA ASN A 69 59.64 17.81 43.24
C ASN A 69 58.80 19.07 43.46
N TYR A 70 59.12 20.12 42.66
CA TYR A 70 58.46 21.41 42.68
C TYR A 70 56.96 21.32 42.40
N CYS A 71 56.61 20.62 41.32
CA CYS A 71 55.21 20.46 40.87
C CYS A 71 54.39 19.70 41.93
N LEU A 72 55.02 18.76 42.63
CA LEU A 72 54.29 17.92 43.61
C LEU A 72 54.14 18.66 44.95
N LEU A 73 54.77 19.83 45.09
CA LEU A 73 54.68 20.61 46.34
C LEU A 73 53.81 21.84 46.11
N LEU A 74 53.29 21.99 44.90
CA LEU A 74 52.36 23.12 44.60
C LEU A 74 51.01 22.77 45.20
N ASP A 75 50.24 23.80 45.55
CA ASP A 75 48.89 23.59 46.16
C ASP A 75 47.90 23.28 45.05
N PRO A 76 47.24 22.13 45.10
CA PRO A 76 46.29 21.75 44.04
C PRO A 76 45.44 22.91 43.50
N ASN A 77 45.08 23.88 44.35
CA ASN A 77 44.04 24.84 44.03
C ASN A 77 44.61 26.01 43.22
N THR A 78 45.90 25.97 42.90
CA THR A 78 46.58 27.17 42.45
C THR A 78 46.67 27.15 40.92
N LYS A 79 46.78 28.34 40.33
CA LYS A 79 47.06 28.49 38.91
C LYS A 79 48.35 27.75 38.48
N ALA A 80 49.39 27.77 39.32
CA ALA A 80 50.61 27.04 39.00
C ALA A 80 50.37 25.53 38.98
N ALA A 81 49.50 25.01 39.85
CA ALA A 81 49.26 23.57 39.81
C ALA A 81 48.51 23.14 38.55
N ARG A 82 47.71 24.06 37.99
CA ARG A 82 47.01 23.82 36.74
C ARG A 82 48.02 23.78 35.59
N SER A 83 48.95 24.74 35.54
CA SER A 83 49.96 24.73 34.48
C SER A 83 50.84 23.49 34.55
N ALA A 84 51.08 23.05 35.79
CA ALA A 84 51.89 21.88 36.10
C ALA A 84 51.26 20.62 35.50
N LEU A 85 49.94 20.46 35.52
CA LEU A 85 49.32 19.21 35.04
C LEU A 85 49.56 19.04 33.53
N GLU A 86 49.44 20.12 32.77
CA GLU A 86 49.69 20.09 31.31
C GLU A 86 51.17 19.82 31.01
N TYR A 87 52.07 20.42 31.78
CA TYR A 87 53.52 20.16 31.61
C TYR A 87 53.78 18.69 31.74
N ALA A 88 53.18 18.06 32.75
CA ALA A 88 53.45 16.62 32.99
C ALA A 88 52.89 15.78 31.85
N ASP A 89 51.67 16.08 31.39
CA ASP A 89 51.04 15.30 30.27
C ASP A 89 51.69 15.63 28.92
N ALA A 90 52.06 16.89 28.69
CA ALA A 90 52.64 17.24 27.38
C ALA A 90 54.03 16.61 27.25
N ASN A 91 54.72 16.45 28.38
CA ASN A 91 56.10 15.88 28.40
C ASN A 91 55.99 14.37 28.57
N SER A 92 54.78 13.85 28.66
CA SER A 92 54.52 12.41 28.84
C SER A 92 55.19 11.88 30.11
N PHE A 93 55.11 12.64 31.21
CA PHE A 93 55.63 12.21 32.54
C PHE A 93 54.43 11.63 33.25
N ASN A 94 54.15 10.37 33.01
CA ASN A 94 52.87 9.75 33.44
C ASN A 94 52.70 9.64 34.96
N THR A 95 53.68 9.10 35.67
CA THR A 95 53.61 8.93 37.13
C THR A 95 53.30 10.26 37.79
N LEU A 96 53.90 11.34 37.30
CA LEU A 96 53.67 12.70 37.85
C LEU A 96 52.27 13.20 37.49
N THR A 97 51.87 13.04 36.24
CA THR A 97 50.57 13.53 35.77
C THR A 97 49.52 12.86 36.62
N ASP A 98 49.71 11.58 36.88
CA ASP A 98 48.70 10.78 37.62
C ASP A 98 48.58 11.24 39.07
N LYS A 99 49.70 11.55 39.72
CA LYS A 99 49.68 12.08 41.10
C LYS A 99 49.00 13.45 41.11
N LEU A 100 49.26 14.24 40.07
CA LEU A 100 48.70 15.60 39.95
C LEU A 100 47.18 15.52 39.73
N VAL A 101 46.72 14.57 38.93
CA VAL A 101 45.28 14.38 38.67
C VAL A 101 44.58 13.96 39.95
N GLU A 102 45.17 13.05 40.72
CA GLU A 102 44.54 12.53 41.96
C GLU A 102 44.38 13.66 42.97
N LYS A 103 45.38 14.51 43.07
CA LYS A 103 45.35 15.61 44.04
C LYS A 103 44.36 16.69 43.59
N MET A 104 44.27 16.96 42.30
CA MET A 104 43.43 18.09 41.82
C MET A 104 41.99 17.64 41.57
N SER A 105 41.72 16.34 41.66
CA SER A 105 40.33 15.83 41.49
C SER A 105 39.55 16.05 42.79
N ILE A 106 40.24 16.07 43.93
CA ILE A 106 39.58 16.31 45.24
C ILE A 106 39.91 17.75 45.63
N ALA A 107 39.85 18.67 44.68
CA ALA A 107 40.27 20.06 44.96
C ALA A 107 39.08 20.99 45.20
N SER A 108 39.35 22.12 45.86
CA SER A 108 38.30 23.12 46.17
C SER A 108 38.17 24.13 45.03
N ASN A 109 39.28 24.53 44.42
CA ASN A 109 39.14 25.43 43.24
C ASN A 109 38.33 24.67 42.20
N LEU A 110 37.44 25.37 41.51
CA LEU A 110 36.54 24.72 40.53
C LEU A 110 37.30 24.43 39.24
N LYS A 111 38.21 25.33 38.82
CA LYS A 111 39.04 25.10 37.62
C LYS A 111 39.98 23.92 37.84
N SER A 112 40.60 23.84 39.02
CA SER A 112 41.56 22.77 39.34
C SER A 112 40.89 21.38 39.40
N LYS A 113 39.62 21.34 39.80
CA LYS A 113 38.90 20.05 39.89
C LYS A 113 38.47 19.59 38.50
N GLU A 114 38.03 20.51 37.66
CA GLU A 114 37.63 20.16 36.29
C GLU A 114 38.85 19.62 35.54
N TYR A 115 39.99 20.30 35.67
CA TYR A 115 41.22 19.88 34.97
C TYR A 115 41.53 18.44 35.33
N GLY A 116 41.52 18.11 36.62
CA GLY A 116 41.84 16.76 37.08
C GLY A 116 40.85 15.75 36.56
N LYS A 117 39.59 16.15 36.48
CA LYS A 117 38.52 15.23 36.01
C LYS A 117 38.69 14.94 34.52
N ILE A 118 38.91 15.95 33.70
CA ILE A 118 39.04 15.79 32.23
C ILE A 118 40.31 15.00 31.91
N TYR A 119 41.41 15.34 32.57
CA TYR A 119 42.71 14.65 32.35
C TYR A 119 42.63 13.22 32.84
N GLU A 120 41.86 12.99 33.91
CA GLU A 120 41.68 11.63 34.45
C GLU A 120 41.15 10.72 33.35
N ILE A 121 40.21 11.21 32.54
CA ILE A 121 39.67 10.42 31.40
C ILE A 121 40.81 10.21 30.38
N HIS A 122 41.50 11.29 30.05
CA HIS A 122 42.61 11.24 29.05
C HIS A 122 43.68 10.23 29.50
N ARG A 123 43.94 10.18 30.80
CA ARG A 123 45.01 9.28 31.29
C ARG A 123 44.48 7.84 31.24
N LYS A 124 43.20 7.65 31.51
CA LYS A 124 42.60 6.29 31.42
C LYS A 124 42.57 5.82 29.96
N LEU A 125 42.24 6.70 29.01
CA LEU A 125 42.23 6.35 27.57
C LEU A 125 43.65 6.04 27.10
N SER A 126 44.62 6.82 27.56
CA SER A 126 46.03 6.64 27.14
C SER A 126 46.60 5.35 27.74
N ARG A 127 46.22 5.03 28.97
CA ARG A 127 46.73 3.82 29.66
C ARG A 127 46.00 2.58 29.15
N GLY A 128 44.83 2.76 28.55
CA GLY A 128 44.12 1.61 27.95
C GLY A 128 43.08 1.05 28.87
N GLU A 129 42.64 1.85 29.83
CA GLU A 129 41.67 1.39 30.84
C GLU A 129 40.27 1.62 30.29
N ILE A 130 40.14 2.56 29.36
CA ILE A 130 38.79 2.87 28.81
C ILE A 130 38.79 2.85 27.28
N ASP A 131 37.63 3.04 26.67
CA ASP A 131 37.45 3.05 25.19
C ASP A 131 37.32 4.50 24.75
N VAL A 132 37.53 4.77 23.47
CA VAL A 132 37.39 6.16 22.93
C VAL A 132 35.94 6.61 23.12
N LEU A 133 35.01 5.69 22.92
CA LEU A 133 33.58 6.04 23.06
C LEU A 133 33.24 6.24 24.54
N GLU A 134 33.74 5.36 25.41
CA GLU A 134 33.52 5.54 26.86
C GLU A 134 33.98 6.94 27.23
N ALA A 135 35.18 7.30 26.76
CA ALA A 135 35.74 8.64 27.02
C ALA A 135 34.84 9.71 26.43
N SER A 136 34.36 9.49 25.21
CA SER A 136 33.51 10.48 24.51
C SER A 136 32.20 10.63 25.29
N LYS A 137 31.75 9.57 25.95
CA LYS A 137 30.50 9.62 26.75
C LYS A 137 30.75 10.46 28.00
N ASN A 138 31.87 10.22 28.69
CA ASN A 138 32.18 10.93 29.94
C ASN A 138 32.36 12.41 29.65
N ILE A 139 32.79 12.75 28.44
CA ILE A 139 33.04 14.18 28.08
C ILE A 139 31.71 14.89 27.83
N GLY A 140 30.78 14.22 27.15
CA GLY A 140 29.44 14.80 26.95
C GLY A 140 28.68 14.88 28.26
N LYS A 141 28.79 13.84 29.09
CA LYS A 141 28.13 13.86 30.42
C LYS A 141 28.60 15.09 31.20
N TYR A 142 29.91 15.22 31.39
CA TYR A 142 30.43 16.34 32.21
C TYR A 142 30.02 17.64 31.57
N ARG A 143 29.77 18.65 32.41
CA ARG A 143 29.47 20.00 31.87
C ARG A 143 30.76 20.82 32.02
N ILE A 144 31.46 21.05 30.93
CA ILE A 144 32.78 21.74 31.00
C ILE A 144 32.55 23.25 31.01
N LYS A 145 33.01 23.92 32.07
CA LYS A 145 32.84 25.38 32.20
C LYS A 145 34.09 26.10 31.71
N THR A 146 35.22 25.40 31.66
CA THR A 146 36.49 26.03 31.26
C THR A 146 36.65 25.96 29.77
N ASP A 147 37.00 27.07 29.12
CA ASP A 147 37.23 27.08 27.66
C ASP A 147 38.45 26.21 27.37
N GLU A 148 39.38 26.17 28.32
CA GLU A 148 40.60 25.35 28.16
C GLU A 148 40.25 23.86 28.21
N MET A 149 39.42 23.43 29.15
CA MET A 149 39.16 21.98 29.25
C MET A 149 38.10 21.62 28.21
N ASN A 150 37.67 22.59 27.41
CA ASN A 150 36.72 22.32 26.30
C ASN A 150 37.52 22.05 25.04
N ILE A 151 38.63 22.75 24.86
CA ILE A 151 39.53 22.47 23.69
C ILE A 151 40.25 21.13 23.95
N PHE A 152 40.59 20.83 25.20
CA PHE A 152 41.35 19.58 25.49
C PHE A 152 40.41 18.41 25.31
N SER A 153 39.12 18.65 25.44
CA SER A 153 38.10 17.58 25.37
C SER A 153 38.00 17.03 23.95
N LYS A 154 38.16 17.90 22.96
CA LYS A 154 38.06 17.49 21.55
C LYS A 154 39.36 16.77 21.14
N MET A 155 40.46 17.12 21.78
CA MET A 155 41.76 16.48 21.47
C MET A 155 41.87 15.10 22.15
N ILE A 156 41.23 14.89 23.29
CA ILE A 156 41.42 13.63 24.06
C ILE A 156 41.13 12.40 23.18
N PRO A 157 40.04 12.36 22.39
CA PRO A 157 39.81 11.24 21.51
C PRO A 157 40.77 11.05 20.34
N MET A 158 41.21 12.16 19.73
CA MET A 158 42.04 12.11 18.51
C MET A 158 43.35 11.35 18.76
N TYR A 159 43.82 11.32 19.99
CA TYR A 159 45.06 10.58 20.34
C TYR A 159 44.81 9.07 20.20
N ASP A 160 43.69 8.56 20.69
CA ASP A 160 43.33 7.12 20.53
C ASP A 160 43.04 6.83 19.06
N TYR A 161 42.38 7.77 18.39
CA TYR A 161 42.06 7.61 16.94
C TYR A 161 43.38 7.43 16.16
N LEU A 162 44.38 8.25 16.47
CA LEU A 162 45.67 8.15 15.74
C LEU A 162 46.35 6.83 16.09
N SER A 163 46.40 6.48 17.37
CA SER A 163 47.10 5.24 17.81
C SER A 163 46.49 3.98 17.20
N LYS A 164 45.18 3.94 16.99
CA LYS A 164 44.54 2.67 16.52
C LYS A 164 44.16 2.71 15.03
N GLY A 165 44.79 3.56 14.22
CA GLY A 165 44.56 3.58 12.76
C GLY A 165 43.18 4.03 12.34
N ASN A 166 42.45 4.74 13.20
CA ASN A 166 41.09 5.26 12.89
C ASN A 166 41.22 6.74 12.58
N PHE A 167 41.62 7.08 11.36
CA PHE A 167 41.92 8.48 11.02
C PHE A 167 40.67 9.17 10.56
N SER A 168 39.63 8.40 10.27
CA SER A 168 38.39 8.97 9.70
C SER A 168 37.82 10.09 10.58
N PRO A 169 37.57 9.86 11.89
CA PRO A 169 36.95 10.87 12.72
C PRO A 169 37.83 11.99 13.26
N MET A 170 39.11 12.01 12.89
CA MET A 170 40.07 12.94 13.51
C MET A 170 40.01 14.36 12.95
N LYS A 171 39.88 14.55 11.64
CA LYS A 171 40.01 15.91 11.06
C LYS A 171 38.82 16.82 11.44
N SER A 172 37.62 16.26 11.52
CA SER A 172 36.47 17.15 11.82
C SER A 172 36.65 17.74 13.22
N LEU A 173 36.90 16.88 14.21
CA LEU A 173 36.98 17.37 15.60
C LEU A 173 37.99 18.52 15.65
N LEU A 174 39.09 18.39 14.92
CA LEU A 174 40.14 19.41 15.03
C LEU A 174 39.58 20.80 14.66
N LYS A 175 38.51 20.84 13.89
CA LYS A 175 38.04 22.18 13.43
C LYS A 175 37.06 22.76 14.45
N GLN A 176 36.89 22.09 15.59
CA GLN A 176 36.04 22.67 16.67
C GLN A 176 36.93 23.38 17.69
N ILE A 177 38.13 23.82 17.28
CA ILE A 177 39.09 24.40 18.27
C ILE A 177 39.50 25.84 17.93
N ASP A 178 39.22 26.80 18.82
CA ASP A 178 39.73 28.19 18.63
C ASP A 178 40.51 28.54 19.90
N LEU A 179 41.80 28.82 19.78
CA LEU A 179 42.64 29.04 20.98
C LEU A 179 42.54 30.50 21.42
N ASN A 180 41.68 31.28 20.75
CA ASN A 180 41.46 32.68 21.19
C ASN A 180 40.38 32.64 22.26
N ASP A 181 39.68 31.51 22.35
CA ASP A 181 38.65 31.34 23.41
C ASP A 181 39.36 31.19 24.78
N ILE A 182 40.69 31.09 24.79
CA ILE A 182 41.46 30.95 26.06
C ILE A 182 42.14 32.30 26.32
N LYS A 183 42.15 32.76 27.57
CA LYS A 183 42.83 34.04 27.92
C LYS A 183 43.50 34.01 29.29
N GLU A 184 43.16 33.07 30.17
CA GLU A 184 43.69 33.10 31.58
C GLU A 184 45.05 32.40 31.71
N ASN A 185 45.21 31.22 31.11
CA ASN A 185 46.56 30.59 31.16
C ASN A 185 47.20 30.78 29.79
N ASN A 186 48.40 31.35 29.75
CA ASN A 186 49.11 31.49 28.46
C ASN A 186 50.09 30.32 28.32
N TYR A 187 50.37 29.61 29.40
CA TYR A 187 51.23 28.41 29.31
C TYR A 187 50.47 27.33 28.59
N LEU A 188 49.17 27.22 28.83
CA LEU A 188 48.39 26.13 28.21
C LEU A 188 48.17 26.50 26.75
N LYS A 189 47.79 27.74 26.48
CA LYS A 189 47.45 28.11 25.09
C LYS A 189 48.64 27.77 24.21
N LYS A 190 49.85 27.94 24.73
CA LYS A 190 51.07 27.60 23.95
C LYS A 190 51.18 26.07 23.82
N SER A 191 50.96 25.34 24.91
CA SER A 191 51.09 23.87 24.90
C SER A 191 50.01 23.26 24.00
N PHE A 192 48.79 23.79 24.07
CA PHE A 192 47.66 23.30 23.26
C PHE A 192 47.90 23.67 21.81
N GLU A 193 48.54 24.81 21.58
CA GLU A 193 48.87 25.27 20.21
C GLU A 193 49.85 24.27 19.56
N THR A 194 50.86 23.83 20.29
CA THR A 194 51.81 22.83 19.77
C THR A 194 51.08 21.52 19.63
N ARG A 195 50.28 21.12 20.62
CA ARG A 195 49.53 19.84 20.61
C ARG A 195 48.67 19.74 19.34
N ILE A 196 48.06 20.85 18.91
CA ILE A 196 47.16 20.87 17.73
C ILE A 196 47.99 20.79 16.44
N TYR A 197 49.15 21.41 16.42
CA TYR A 197 49.97 21.41 15.17
C TYR A 197 50.45 20.01 14.88
N VAL A 198 50.79 19.26 15.92
CA VAL A 198 51.34 17.89 15.74
C VAL A 198 50.20 16.96 15.30
N LEU A 199 49.01 17.19 15.84
CA LEU A 199 47.84 16.39 15.47
C LEU A 199 47.45 16.73 14.03
N LEU A 200 47.55 18.01 13.67
CA LEU A 200 47.20 18.48 12.31
C LEU A 200 48.22 17.98 11.27
N SER A 201 49.47 17.75 11.70
CA SER A 201 50.51 17.21 10.80
C SER A 201 50.19 15.74 10.50
N ASN A 202 49.84 14.98 11.53
CA ASN A 202 49.51 13.54 11.40
C ASN A 202 48.24 13.40 10.57
N ILE A 203 47.31 14.36 10.67
CA ILE A 203 46.03 14.33 9.91
C ILE A 203 46.29 14.60 8.43
N TYR A 204 47.16 15.55 8.12
CA TYR A 204 47.49 15.89 6.71
C TYR A 204 48.35 14.79 6.13
N LEU A 205 49.18 14.16 6.96
CA LEU A 205 50.03 13.04 6.49
C LEU A 205 49.13 11.91 6.02
N ASN A 206 48.08 11.66 6.78
CA ASN A 206 47.19 10.52 6.49
C ASN A 206 46.24 10.89 5.34
N GLU A 207 46.17 12.16 4.96
CA GLU A 207 45.34 12.60 3.81
C GLU A 207 46.21 12.73 2.55
N ASN A 208 47.50 12.39 2.64
CA ASN A 208 48.48 12.51 1.53
C ASN A 208 48.74 13.98 1.19
N GLU A 209 48.50 14.89 2.13
CA GLU A 209 48.80 16.34 1.94
C GLU A 209 50.09 16.56 2.73
N LEU A 210 51.21 16.09 2.18
CA LEU A 210 52.49 16.05 2.94
C LEU A 210 53.20 17.39 3.05
N GLU A 211 52.96 18.31 2.13
CA GLU A 211 53.58 19.64 2.29
C GLU A 211 52.96 20.32 3.52
N LEU A 212 51.67 20.12 3.72
CA LEU A 212 50.95 20.74 4.87
C LEU A 212 51.37 20.03 6.16
N SER A 213 51.70 18.75 6.07
CA SER A 213 52.10 17.98 7.27
C SER A 213 53.41 18.58 7.77
N ARG A 214 54.40 18.72 6.89
CA ARG A 214 55.72 19.26 7.29
C ARG A 214 55.55 20.69 7.81
N LYS A 215 54.75 21.50 7.10
CA LYS A 215 54.56 22.92 7.51
C LYS A 215 54.06 22.98 8.96
N TYR A 216 53.16 22.07 9.33
CA TYR A 216 52.56 22.07 10.69
C TYR A 216 53.50 21.42 11.72
N ALA A 217 54.37 20.51 11.29
CA ALA A 217 55.35 19.91 12.22
C ALA A 217 56.51 20.89 12.46
N GLU A 218 56.90 21.64 11.45
CA GLU A 218 57.99 22.63 11.59
C GLU A 218 57.47 23.79 12.43
N LYS A 219 56.19 24.12 12.28
CA LYS A 219 55.59 25.18 13.11
C LYS A 219 55.66 24.73 14.57
N ALA A 220 55.32 23.49 14.83
CA ALA A 220 55.33 22.96 16.21
C ALA A 220 56.75 22.97 16.76
N ILE A 221 57.71 22.58 15.93
CA ILE A 221 59.13 22.53 16.37
C ILE A 221 59.56 23.96 16.79
N LYS A 222 59.11 24.98 16.07
CA LYS A 222 59.39 26.39 16.44
C LYS A 222 58.60 26.79 17.70
N SER A 223 57.38 26.31 17.83
CA SER A 223 56.49 26.70 18.95
C SER A 223 56.90 26.10 20.29
N THR A 224 57.85 25.16 20.32
CA THR A 224 58.08 24.47 21.61
C THR A 224 59.50 24.09 21.90
N ASP A 225 59.72 23.65 23.14
CA ASP A 225 61.01 23.08 23.57
C ASP A 225 60.67 21.78 24.27
N THR A 226 59.37 21.47 24.38
CA THR A 226 58.91 20.22 25.00
C THR A 226 59.37 19.05 24.16
N LYS A 227 60.04 18.07 24.75
CA LYS A 227 60.66 16.96 23.98
C LYS A 227 59.66 16.13 23.18
N ARG A 228 58.53 15.77 23.76
CA ARG A 228 57.58 14.86 23.05
C ARG A 228 57.12 15.50 21.74
N PHE A 229 56.90 16.82 21.72
CA PHE A 229 56.36 17.52 20.53
C PHE A 229 57.39 17.57 19.44
N LEU A 230 58.65 17.79 19.80
CA LEU A 230 59.74 17.79 18.83
C LEU A 230 59.95 16.37 18.31
N VAL A 231 59.88 15.39 19.19
CA VAL A 231 60.06 13.95 18.82
C VAL A 231 58.98 13.55 17.81
N PHE A 232 57.73 13.90 18.09
CA PHE A 232 56.60 13.51 17.22
C PHE A 232 56.61 14.42 16.02
N SER A 233 57.10 15.66 16.15
CA SER A 233 57.21 16.43 14.91
C SER A 233 58.21 15.79 13.94
N TYR A 234 59.38 15.41 14.44
CA TYR A 234 60.39 14.87 13.54
C TYR A 234 59.87 13.54 12.97
N LEU A 235 59.24 12.70 13.77
CA LEU A 235 58.78 11.38 13.30
C LEU A 235 57.79 11.57 12.14
N THR A 236 56.89 12.55 12.25
CA THR A 236 55.87 12.79 11.22
C THR A 236 56.51 13.29 9.94
N ILE A 237 57.56 14.11 10.04
CA ILE A 237 58.30 14.62 8.85
C ILE A 237 59.01 13.47 8.14
N GLY A 238 59.58 12.53 8.88
CA GLY A 238 60.21 11.36 8.27
C GLY A 238 59.22 10.46 7.56
N THR A 239 58.03 10.32 8.12
CA THR A 239 57.03 9.44 7.53
C THR A 239 56.49 10.13 6.29
N SER A 240 56.59 11.46 6.23
CA SER A 240 56.09 12.25 5.08
C SER A 240 57.05 12.13 3.90
N TYR A 241 58.28 11.70 4.15
CA TYR A 241 59.30 11.58 3.08
C TYR A 241 59.58 10.12 2.80
N ILE A 242 58.80 9.21 3.35
CA ILE A 242 59.10 7.74 3.24
C ILE A 242 59.15 7.28 1.77
N PHE A 243 58.38 7.92 0.90
CA PHE A 243 58.34 7.52 -0.53
C PHE A 243 58.93 8.63 -1.38
N SER A 244 58.85 9.88 -0.92
CA SER A 244 59.27 11.03 -1.69
C SER A 244 60.81 11.11 -1.78
N ASP A 245 61.50 11.00 -0.64
CA ASP A 245 62.94 11.24 -0.57
C ASP A 245 63.56 10.38 0.53
N TYR A 246 64.31 9.34 0.18
CA TYR A 246 64.90 8.50 1.21
C TYR A 246 65.76 9.31 2.19
N ALA A 247 66.71 10.10 1.67
CA ALA A 247 67.65 10.84 2.51
C ALA A 247 66.94 11.70 3.58
N LEU A 248 65.95 12.47 3.16
CA LEU A 248 65.26 13.42 4.09
C LEU A 248 64.39 12.69 5.11
N SER A 249 63.97 11.46 4.81
CA SER A 249 63.23 10.66 5.81
C SER A 249 64.20 10.21 6.91
N LYS A 250 65.39 9.74 6.53
CA LYS A 250 66.39 9.28 7.51
C LYS A 250 66.96 10.46 8.32
N GLN A 251 67.10 11.63 7.71
CA GLN A 251 67.65 12.81 8.40
C GLN A 251 66.69 13.26 9.49
N ASN A 252 65.40 13.27 9.20
CA ASN A 252 64.42 13.79 10.18
C ASN A 252 64.13 12.72 11.23
N TYR A 253 64.21 11.45 10.85
CA TYR A 253 64.02 10.32 11.81
C TYR A 253 65.21 10.23 12.77
N LEU A 254 66.40 10.53 12.26
CA LEU A 254 67.63 10.47 13.10
C LEU A 254 67.69 11.71 14.00
N SER A 255 67.17 12.84 13.53
CA SER A 255 67.10 14.08 14.35
C SER A 255 66.17 13.85 15.54
N GLY A 256 65.04 13.20 15.30
CA GLY A 256 64.13 12.84 16.41
C GLY A 256 64.68 11.77 17.33
N TYR A 257 65.38 10.79 16.80
CA TYR A 257 65.96 9.69 17.60
C TYR A 257 66.93 10.23 18.62
N GLU A 258 67.65 11.28 18.25
CA GLU A 258 68.65 11.88 19.16
C GLU A 258 67.97 12.58 20.34
N ILE A 259 66.90 13.30 20.06
CA ILE A 259 66.12 14.01 21.11
C ILE A 259 65.50 12.96 22.03
N ALA A 260 65.02 11.86 21.47
CA ALA A 260 64.30 10.85 22.26
C ALA A 260 65.26 9.99 23.06
N LYS A 261 66.52 9.95 22.67
CA LYS A 261 67.51 9.06 23.30
C LYS A 261 67.37 9.14 24.81
N GLY A 262 67.21 8.00 25.46
CA GLY A 262 67.00 7.92 26.90
C GLY A 262 65.55 7.61 27.26
N ASN A 263 64.58 8.23 26.57
CA ASN A 263 63.21 7.76 26.70
C ASN A 263 62.99 6.58 25.75
N SER A 264 63.10 5.36 26.29
CA SER A 264 63.01 4.11 25.56
C SER A 264 61.69 4.04 24.76
N VAL A 265 60.64 4.68 25.28
CA VAL A 265 59.34 4.66 24.63
C VAL A 265 59.33 5.56 23.40
N PHE A 266 59.90 6.77 23.50
CA PHE A 266 60.05 7.61 22.34
C PHE A 266 61.07 7.01 21.36
N GLU A 267 62.15 6.38 21.84
CA GLU A 267 63.17 5.86 20.95
C GLU A 267 62.51 4.83 20.05
N GLU A 268 61.58 4.05 20.61
CA GLU A 268 61.02 2.89 19.95
C GLU A 268 60.25 3.28 18.71
N PHE A 269 59.65 4.47 18.70
CA PHE A 269 58.97 5.00 17.53
C PHE A 269 59.91 5.20 16.36
N PHE A 270 61.16 5.64 16.64
CA PHE A 270 62.15 5.77 15.57
C PHE A 270 62.70 4.43 15.07
N LYS A 271 63.08 3.57 16.02
CA LYS A 271 63.58 2.24 15.70
C LYS A 271 62.57 1.49 14.82
N ARG A 272 61.28 1.77 14.99
CA ARG A 272 60.26 1.11 14.22
C ARG A 272 60.17 1.76 12.85
N ASN A 273 60.23 3.09 12.79
CA ASN A 273 60.04 3.73 11.51
C ASN A 273 61.30 3.65 10.67
N LEU A 274 62.47 3.78 11.29
CA LEU A 274 63.69 3.58 10.51
C LEU A 274 63.73 2.16 9.95
N SER A 275 63.39 1.21 10.83
CA SER A 275 63.30 -0.19 10.49
C SER A 275 62.42 -0.36 9.24
N PHE A 276 61.24 0.29 9.22
CA PHE A 276 60.37 0.31 8.06
C PHE A 276 61.03 1.00 6.87
N LEU A 277 61.50 2.25 7.02
CA LEU A 277 62.13 3.00 5.93
C LEU A 277 63.19 2.18 5.20
N ASN A 278 64.06 1.53 5.98
CA ASN A 278 65.12 0.71 5.41
C ASN A 278 64.57 -0.56 4.74
N ASN A 279 63.49 -1.17 5.24
CA ASN A 279 63.04 -2.41 4.56
C ASN A 279 62.38 -2.09 3.22
N PHE A 280 61.76 -0.92 3.09
CA PHE A 280 61.06 -0.51 1.84
C PHE A 280 62.07 -0.13 0.75
N TRP A 281 63.15 0.55 1.12
CA TRP A 281 64.21 0.92 0.16
C TRP A 281 65.27 -0.18 0.05
N ASN A 282 65.06 -1.34 0.68
CA ASN A 282 66.00 -2.49 0.67
C ASN A 282 67.40 -1.98 1.03
N LYS A 283 67.60 -1.67 2.31
CA LYS A 283 68.90 -1.17 2.78
C LYS A 283 69.28 -1.93 4.05
N GLU A 284 70.52 -1.75 4.52
CA GLU A 284 70.95 -2.39 5.79
C GLU A 284 70.03 -1.90 6.90
N ASN A 285 69.51 -2.81 7.70
CA ASN A 285 68.53 -2.44 8.75
C ASN A 285 69.03 -2.92 10.10
N PRO A 286 69.75 -2.07 10.87
CA PRO A 286 70.14 -2.44 12.21
C PRO A 286 69.07 -2.08 13.21
N TRP A 287 67.91 -1.65 12.74
CA TRP A 287 66.84 -1.12 13.63
C TRP A 287 65.77 -2.16 13.95
N ILE A 288 65.97 -3.41 13.59
CA ILE A 288 64.89 -4.43 13.78
C ILE A 288 64.97 -5.05 15.19
N ASN A 289 63.81 -5.22 15.81
CA ASN A 289 63.72 -5.88 17.13
C ASN A 289 63.27 -7.30 16.87
N TYR A 290 64.15 -8.27 17.14
CA TYR A 290 63.83 -9.69 16.91
C TYR A 290 63.22 -10.27 18.18
N ASP A 291 63.23 -9.50 19.27
CA ASP A 291 62.74 -10.04 20.54
C ASP A 291 61.29 -9.65 20.84
N SER A 292 60.76 -8.67 20.10
CA SER A 292 59.39 -8.19 20.29
C SER A 292 58.35 -9.09 19.63
N ASN A 293 57.19 -9.24 20.27
CA ASN A 293 56.04 -10.01 19.77
C ASN A 293 55.01 -9.07 19.16
N ALA A 294 55.19 -7.75 19.34
CA ALA A 294 54.28 -6.78 18.76
C ALA A 294 54.19 -6.99 17.25
N VAL A 295 52.97 -6.93 16.74
CA VAL A 295 52.66 -7.05 15.34
C VAL A 295 53.60 -6.17 14.51
N THR A 296 53.68 -4.87 14.83
CA THR A 296 54.37 -3.95 13.95
C THR A 296 55.86 -4.26 13.93
N ASP A 297 56.34 -4.93 14.98
CA ASP A 297 57.74 -5.32 15.07
C ASP A 297 57.98 -6.59 14.25
N VAL A 298 57.08 -7.56 14.40
CA VAL A 298 57.18 -8.83 13.66
C VAL A 298 57.07 -8.56 12.17
N GLN A 299 56.23 -7.60 11.81
CA GLN A 299 56.11 -7.20 10.42
C GLN A 299 57.43 -6.73 9.86
N GLU A 300 58.38 -6.27 10.70
CA GLU A 300 59.61 -5.71 10.17
C GLU A 300 60.62 -6.84 9.97
N VAL A 301 60.47 -7.89 10.78
CA VAL A 301 61.31 -9.07 10.64
C VAL A 301 60.95 -9.76 9.32
N ILE A 302 59.65 -9.71 8.98
CA ILE A 302 59.13 -10.37 7.80
C ILE A 302 59.56 -9.60 6.56
N PHE A 303 59.47 -8.28 6.63
CA PHE A 303 59.80 -7.48 5.47
C PHE A 303 61.28 -7.68 5.16
N GLU A 304 62.10 -7.92 6.17
CA GLU A 304 63.54 -8.19 5.91
C GLU A 304 63.74 -9.56 5.23
N LEU A 305 63.03 -10.60 5.67
CA LEU A 305 63.20 -11.95 5.11
C LEU A 305 62.85 -11.93 3.61
N ILE A 306 61.86 -11.14 3.24
CA ILE A 306 61.46 -10.99 1.82
C ILE A 306 62.62 -10.32 1.08
N ASN A 307 63.16 -9.25 1.64
CA ASN A 307 64.26 -8.51 0.98
C ASN A 307 65.46 -9.44 0.87
N GLN A 308 65.55 -10.44 1.75
CA GLN A 308 66.65 -11.41 1.76
C GLN A 308 66.22 -12.66 0.98
N LYS A 309 64.98 -12.69 0.50
CA LYS A 309 64.46 -13.80 -0.34
C LYS A 309 64.34 -15.09 0.47
N LYS A 310 63.96 -14.99 1.74
CA LYS A 310 63.68 -16.19 2.58
C LYS A 310 62.16 -16.18 2.72
N LEU A 311 61.43 -16.48 1.64
CA LEU A 311 59.95 -16.32 1.61
C LEU A 311 59.19 -17.38 2.42
N GLU A 312 59.72 -18.59 2.47
CA GLU A 312 59.03 -19.68 3.20
C GLU A 312 58.95 -19.31 4.69
N ARG A 313 60.05 -18.80 5.25
CA ARG A 313 60.07 -18.41 6.69
C ARG A 313 59.20 -17.17 6.89
N ALA A 314 59.17 -16.28 5.90
CA ALA A 314 58.36 -15.04 5.96
C ALA A 314 56.87 -15.36 5.93
N LEU A 315 56.47 -16.33 5.11
CA LEU A 315 55.03 -16.66 4.97
C LEU A 315 54.57 -17.43 6.22
N THR A 316 55.47 -18.19 6.83
CA THR A 316 55.13 -18.93 8.07
C THR A 316 54.93 -17.93 9.17
N LEU A 317 55.83 -16.94 9.25
CA LEU A 317 55.75 -15.93 10.32
C LEU A 317 54.59 -14.98 10.03
N LEU A 318 54.30 -14.73 8.76
CA LEU A 318 53.17 -13.88 8.44
C LEU A 318 51.89 -14.61 8.79
N LYS A 319 51.79 -15.91 8.47
CA LYS A 319 50.54 -16.64 8.69
C LYS A 319 50.18 -16.68 10.17
N SER A 320 51.22 -16.67 11.05
CA SER A 320 50.96 -16.79 12.48
C SER A 320 50.45 -15.47 13.05
N LEU A 321 50.65 -14.39 12.27
CA LEU A 321 50.33 -13.04 12.66
C LEU A 321 48.87 -12.76 12.32
N GLU A 322 48.33 -13.49 11.34
CA GLU A 322 47.05 -13.14 10.75
C GLU A 322 45.95 -13.35 11.79
N ARG A 323 46.19 -14.38 12.63
CA ARG A 323 45.28 -14.83 13.69
C ARG A 323 45.27 -13.83 14.86
N LYS A 324 46.29 -12.97 14.93
CA LYS A 324 46.53 -12.09 16.05
C LYS A 324 45.74 -10.80 15.90
N LYS A 325 45.46 -10.19 17.06
CA LYS A 325 44.59 -9.02 17.15
C LYS A 325 45.36 -7.78 16.71
N GLN A 326 44.79 -7.05 15.76
CA GLN A 326 45.47 -5.92 15.14
C GLN A 326 44.44 -5.05 14.45
N ASN A 327 44.78 -3.77 14.27
CA ASN A 327 43.78 -2.88 13.69
C ASN A 327 43.74 -3.03 12.18
N GLU A 328 42.85 -2.24 11.57
CA GLU A 328 42.69 -2.25 10.13
C GLU A 328 43.93 -1.73 9.42
N ASN A 329 44.55 -0.66 9.95
CA ASN A 329 45.80 -0.17 9.41
C ASN A 329 46.88 -1.26 9.36
N ASP A 330 47.00 -2.00 10.47
CA ASP A 330 47.93 -3.12 10.55
C ASP A 330 47.73 -4.11 9.40
N LEU A 331 46.49 -4.53 9.18
CA LEU A 331 46.15 -5.50 8.11
C LEU A 331 46.42 -4.96 6.70
N GLY A 332 46.39 -3.64 6.51
CA GLY A 332 46.80 -3.08 5.20
C GLY A 332 48.24 -3.46 4.93
N PHE A 333 49.08 -3.34 5.94
CA PHE A 333 50.51 -3.74 5.83
C PHE A 333 50.66 -5.26 5.77
N HIS A 334 49.81 -5.99 6.48
CA HIS A 334 49.90 -7.47 6.55
C HIS A 334 49.72 -8.07 5.16
N TYR A 335 48.74 -7.55 4.42
CA TYR A 335 48.43 -8.16 3.11
C TYR A 335 49.37 -7.61 2.06
N TYR A 336 50.00 -6.47 2.32
CA TYR A 336 51.01 -5.94 1.36
C TYR A 336 52.20 -6.87 1.38
N LEU A 337 52.52 -7.36 2.57
CA LEU A 337 53.65 -8.31 2.72
C LEU A 337 53.33 -9.64 2.06
N GLU A 338 52.10 -10.15 2.21
CA GLU A 338 51.68 -11.43 1.58
C GLU A 338 51.77 -11.30 0.05
N GLY A 339 51.38 -10.16 -0.49
CA GLY A 339 51.50 -9.89 -1.92
C GLY A 339 52.93 -9.87 -2.39
N LEU A 340 53.84 -9.39 -1.56
CA LEU A 340 55.27 -9.41 -1.95
C LEU A 340 55.82 -10.84 -1.97
N ILE A 341 55.22 -11.76 -1.22
CA ILE A 341 55.72 -13.17 -1.14
C ILE A 341 55.05 -14.04 -2.21
N THR A 342 53.76 -13.83 -2.49
CA THR A 342 53.02 -14.71 -3.40
C THR A 342 52.78 -14.02 -4.72
N ASN A 343 52.88 -12.70 -4.76
CA ASN A 343 52.57 -11.91 -5.99
C ASN A 343 51.12 -12.19 -6.41
N ASP A 344 50.24 -12.43 -5.44
CA ASP A 344 48.80 -12.64 -5.74
C ASP A 344 48.15 -11.28 -5.76
N LYS A 345 47.45 -10.92 -6.82
CA LYS A 345 46.89 -9.55 -6.88
C LYS A 345 45.84 -9.42 -5.78
N GLU A 346 45.17 -10.51 -5.43
CA GLU A 346 44.12 -10.51 -4.39
C GLU A 346 44.66 -10.01 -3.04
N ALA A 347 45.92 -10.31 -2.73
CA ALA A 347 46.56 -9.82 -1.48
C ALA A 347 46.74 -8.31 -1.55
N PHE A 348 47.20 -7.81 -2.70
CA PHE A 348 47.33 -6.34 -2.91
C PHE A 348 45.94 -5.68 -2.83
N TYR A 349 44.91 -6.33 -3.36
CA TYR A 349 43.52 -5.83 -3.26
C TYR A 349 43.06 -5.75 -1.80
N LYS A 350 43.37 -6.75 -0.99
CA LYS A 350 42.98 -6.70 0.43
C LYS A 350 43.74 -5.63 1.20
N SER A 351 45.01 -5.46 0.81
CA SER A 351 45.81 -4.39 1.37
C SER A 351 45.12 -3.06 1.07
N VAL A 352 44.70 -2.89 -0.19
CA VAL A 352 44.04 -1.65 -0.59
C VAL A 352 42.76 -1.46 0.22
N GLU A 353 42.07 -2.58 0.52
CA GLU A 353 40.79 -2.53 1.20
C GLU A 353 40.97 -2.08 2.64
N TYR A 354 41.97 -2.64 3.31
CA TYR A 354 42.21 -2.30 4.70
C TYR A 354 42.72 -0.86 4.87
N PHE A 355 43.55 -0.43 3.91
CA PHE A 355 44.04 0.93 3.92
C PHE A 355 42.88 1.88 3.70
N LYS A 356 41.92 1.45 2.88
CA LYS A 356 40.76 2.29 2.62
C LYS A 356 39.93 2.46 3.90
N LEU A 357 39.77 1.37 4.68
CA LEU A 357 38.94 1.39 5.87
C LEU A 357 39.54 2.32 6.91
N SER A 358 40.85 2.08 7.15
CA SER A 358 41.71 2.89 7.99
C SER A 358 41.68 4.37 7.57
N GLN A 359 41.46 4.64 6.27
CA GLN A 359 41.45 5.97 5.69
C GLN A 359 42.89 6.53 5.72
N ASP A 360 43.83 5.69 5.28
CA ASP A 360 45.23 6.01 5.21
C ASP A 360 45.59 6.30 3.76
N LYS A 361 45.62 7.56 3.35
CA LYS A 361 45.85 7.91 1.95
C LYS A 361 47.33 7.99 1.61
N LEU A 362 48.21 7.80 2.60
CA LEU A 362 49.62 7.73 2.25
C LEU A 362 50.03 6.29 1.94
N PHE A 363 49.80 5.38 2.89
CA PHE A 363 50.32 4.03 2.78
C PHE A 363 49.51 3.17 1.81
N ILE A 364 48.37 3.66 1.33
CA ILE A 364 47.64 2.97 0.28
C ILE A 364 48.45 2.97 -1.01
N LYS A 365 49.42 3.87 -1.15
CA LYS A 365 50.22 3.94 -2.36
C LYS A 365 51.02 2.66 -2.56
N MET A 366 51.36 1.96 -1.48
CA MET A 366 52.26 0.81 -1.59
C MET A 366 51.66 -0.31 -2.42
N PRO A 367 50.49 -0.85 -2.08
CA PRO A 367 49.83 -1.81 -2.94
C PRO A 367 49.38 -1.27 -4.31
N LEU A 368 48.94 0.00 -4.36
CA LEU A 368 48.57 0.65 -5.61
C LEU A 368 49.71 0.60 -6.62
N ILE A 369 50.95 0.78 -6.16
CA ILE A 369 52.08 0.83 -7.05
C ILE A 369 52.38 -0.57 -7.58
N LYS A 370 52.32 -1.58 -6.71
CA LYS A 370 52.47 -2.99 -7.08
C LYS A 370 51.48 -3.38 -8.15
N LEU A 371 50.23 -2.93 -8.00
CA LEU A 371 49.17 -3.22 -8.96
C LEU A 371 49.48 -2.51 -10.28
N GLU A 372 50.04 -1.29 -10.25
CA GLU A 372 50.46 -0.63 -11.48
C GLU A 372 51.48 -1.48 -12.24
N SER A 373 52.47 -2.00 -11.50
CA SER A 373 53.54 -2.81 -12.08
C SER A 373 53.03 -4.18 -12.51
N LEU A 374 51.91 -4.68 -11.96
CA LEU A 374 51.34 -5.93 -12.46
C LEU A 374 50.36 -5.63 -13.60
N GLY A 375 50.42 -4.41 -14.17
CA GLY A 375 49.68 -3.96 -15.33
C GLY A 375 48.18 -3.72 -15.10
N GLU A 376 47.76 -3.35 -13.88
CA GLU A 376 46.40 -2.90 -13.62
C GLU A 376 46.24 -1.45 -14.11
N ASN A 377 45.00 -1.07 -14.40
CA ASN A 377 44.72 0.18 -15.08
C ASN A 377 45.13 1.40 -14.23
N PRO A 378 46.10 2.24 -14.65
CA PRO A 378 46.59 3.36 -13.83
C PRO A 378 45.55 4.37 -13.38
N ARG A 379 44.53 4.62 -14.21
CA ARG A 379 43.48 5.59 -13.91
C ARG A 379 42.58 5.13 -12.76
N LEU A 380 42.25 3.82 -12.72
CA LEU A 380 41.49 3.26 -11.62
C LEU A 380 42.31 3.31 -10.33
N LEU A 381 43.61 3.03 -10.43
CA LEU A 381 44.47 3.09 -9.27
C LEU A 381 44.57 4.51 -8.70
N LYS A 382 44.56 5.52 -9.57
CA LYS A 382 44.59 6.94 -9.12
C LYS A 382 43.29 7.33 -8.40
N ILE A 383 42.15 6.83 -8.86
CA ILE A 383 40.83 7.17 -8.23
C ILE A 383 40.82 6.60 -6.81
N ILE A 384 41.29 5.37 -6.63
CA ILE A 384 41.37 4.75 -5.29
C ILE A 384 42.34 5.53 -4.40
N SER A 385 43.39 6.12 -4.97
CA SER A 385 44.37 6.94 -4.21
C SER A 385 43.73 8.23 -3.72
N MET A 386 43.02 8.93 -4.61
CA MET A 386 42.47 10.24 -4.26
C MET A 386 41.39 10.07 -3.18
N GLY B 1 55.07 -2.60 10.27
CA GLY B 1 54.37 -1.42 9.73
C GLY B 1 54.96 -0.16 10.32
N ILE B 2 54.35 0.97 9.96
CA ILE B 2 54.81 2.29 10.43
C ILE B 2 54.09 2.61 11.74
N VAL B 3 54.57 3.61 12.45
CA VAL B 3 53.91 4.04 13.72
C VAL B 3 53.69 5.56 13.64
N ARG B 4 52.72 6.05 14.38
CA ARG B 4 52.43 7.50 14.40
C ARG B 4 52.24 7.94 15.85
N GLY B 5 52.48 9.22 16.12
CA GLY B 5 52.28 9.77 17.46
C GLY B 5 52.12 11.25 17.33
N ALA B 6 51.49 11.89 18.31
CA ALA B 6 51.28 13.34 18.27
C ALA B 6 51.43 13.90 19.69
N SER C 46 -3.96 22.73 27.35
CA SER C 46 -3.20 23.95 27.73
C SER C 46 -1.84 24.04 27.02
N GLU C 47 -1.68 23.26 25.94
CA GLU C 47 -0.46 23.09 25.14
C GLU C 47 -0.66 23.56 23.69
N PHE C 48 0.46 23.71 22.96
CA PHE C 48 0.42 23.91 21.52
C PHE C 48 -0.10 22.63 20.81
N ASN C 49 0.27 21.51 21.40
CA ASN C 49 -0.16 20.22 20.91
C ASN C 49 -1.68 20.11 20.90
N SER C 50 -2.38 20.66 21.90
CA SER C 50 -3.82 20.62 22.02
C SER C 50 -4.51 21.31 20.85
N ILE C 51 -4.00 22.51 20.51
CA ILE C 51 -4.54 23.33 19.44
C ILE C 51 -4.51 22.51 18.15
N VAL C 52 -3.31 22.02 17.86
CA VAL C 52 -3.00 21.32 16.63
C VAL C 52 -3.90 20.08 16.52
N ASN C 53 -3.99 19.28 17.61
CA ASN C 53 -4.73 18.03 17.67
C ASN C 53 -6.22 18.23 17.41
N ILE C 54 -6.76 19.39 17.81
CA ILE C 54 -8.15 19.65 17.48
C ILE C 54 -8.28 20.14 16.03
N VAL C 55 -7.40 21.05 15.62
CA VAL C 55 -7.47 21.49 14.23
C VAL C 55 -7.47 20.26 13.30
N LYS C 56 -6.63 19.25 13.62
CA LYS C 56 -6.40 18.08 12.77
C LYS C 56 -7.64 17.18 12.78
N THR C 57 -8.22 16.98 13.96
CA THR C 57 -9.37 16.06 14.10
C THR C 57 -10.67 16.65 13.62
N HIS C 58 -10.84 17.96 13.61
CA HIS C 58 -12.18 18.51 13.26
C HIS C 58 -12.15 19.27 11.93
N TYR C 59 -11.04 19.90 11.62
CA TYR C 59 -10.98 20.75 10.40
C TYR C 59 -9.68 20.43 9.69
N PRO C 60 -9.47 19.17 9.24
CA PRO C 60 -8.19 18.78 8.66
C PRO C 60 -7.90 19.39 7.32
N ASP C 61 -8.95 19.83 6.63
CA ASP C 61 -8.79 20.32 5.24
C ASP C 61 -8.59 21.83 5.28
N GLN C 62 -8.55 22.42 6.47
CA GLN C 62 -8.26 23.86 6.60
C GLN C 62 -7.13 24.00 7.62
N GLU C 63 -6.32 22.97 7.76
CA GLU C 63 -5.29 22.93 8.80
C GLU C 63 -4.37 24.14 8.65
N TYR C 64 -3.94 24.42 7.42
CA TYR C 64 -3.11 25.58 7.20
C TYR C 64 -3.82 26.89 7.58
N GLU C 65 -5.08 27.10 7.14
CA GLU C 65 -5.71 28.42 7.30
C GLU C 65 -5.93 28.76 8.78
N LEU C 66 -6.41 27.75 9.55
CA LEU C 66 -6.65 27.83 10.99
C LEU C 66 -5.36 28.04 11.78
N MET C 67 -4.39 27.17 11.57
CA MET C 67 -3.13 27.21 12.29
C MET C 67 -2.30 28.42 11.90
N GLU C 68 -2.37 28.89 10.64
CA GLU C 68 -1.63 30.09 10.29
C GLU C 68 -2.09 31.25 11.18
N ASN C 69 -3.42 31.40 11.28
CA ASN C 69 -4.03 32.50 12.00
C ASN C 69 -3.71 32.39 13.49
N TYR C 70 -3.90 31.20 14.05
CA TYR C 70 -3.68 30.87 15.45
C TYR C 70 -2.25 31.14 15.90
N CYS C 71 -1.29 30.59 15.13
CA CYS C 71 0.14 30.77 15.39
C CYS C 71 0.51 32.26 15.42
N LEU C 72 -0.03 33.03 14.47
CA LEU C 72 0.27 34.46 14.34
C LEU C 72 -0.34 35.30 15.47
N LEU C 73 -1.23 34.70 16.27
CA LEU C 73 -1.88 35.48 17.31
C LEU C 73 -1.34 35.06 18.67
N LEU C 74 -0.47 34.06 18.68
CA LEU C 74 0.18 33.71 19.93
C LEU C 74 1.06 34.88 20.41
N ASP C 75 1.27 34.93 21.73
CA ASP C 75 2.23 35.82 22.33
C ASP C 75 3.66 35.35 22.06
N PRO C 76 4.51 36.18 21.38
CA PRO C 76 5.90 35.81 21.13
C PRO C 76 6.63 35.17 22.33
N ASN C 77 6.30 35.59 23.55
CA ASN C 77 7.10 35.26 24.72
C ASN C 77 6.73 33.90 25.30
N THR C 78 5.79 33.20 24.66
CA THR C 78 5.18 32.05 25.30
C THR C 78 5.87 30.77 24.84
N LYS C 79 5.81 29.74 25.68
CA LYS C 79 6.21 28.39 25.26
C LYS C 79 5.43 27.90 24.02
N ALA C 80 4.13 28.22 23.91
CA ALA C 80 3.38 27.86 22.73
C ALA C 80 3.89 28.58 21.48
N ALA C 81 4.38 29.82 21.60
CA ALA C 81 4.91 30.49 20.41
C ALA C 81 6.22 29.85 19.92
N ARG C 82 6.96 29.26 20.87
CA ARG C 82 8.19 28.54 20.55
C ARG C 82 7.84 27.26 19.81
N SER C 83 6.84 26.50 20.30
CA SER C 83 6.45 25.28 19.60
C SER C 83 5.90 25.58 18.19
N ALA C 84 5.23 26.72 18.07
CA ALA C 84 4.65 27.21 16.85
C ALA C 84 5.73 27.41 15.79
N LEU C 85 6.91 27.93 16.18
CA LEU C 85 7.96 28.20 15.21
C LEU C 85 8.47 26.91 14.53
N GLU C 86 8.73 25.89 15.35
CA GLU C 86 9.06 24.55 14.91
C GLU C 86 7.96 24.00 14.02
N TYR C 87 6.71 24.07 14.46
CA TYR C 87 5.59 23.62 13.66
C TYR C 87 5.64 24.27 12.28
N ALA C 88 5.88 25.59 12.21
CA ALA C 88 5.86 26.27 10.92
C ALA C 88 7.03 25.79 10.07
N ASP C 89 8.20 25.61 10.68
CA ASP C 89 9.37 25.17 9.90
C ASP C 89 9.34 23.68 9.60
N ALA C 90 8.91 22.84 10.55
CA ALA C 90 8.75 21.42 10.28
C ALA C 90 7.82 21.23 9.08
N ASN C 91 6.78 22.07 8.96
CA ASN C 91 5.82 21.93 7.87
C ASN C 91 6.33 22.60 6.59
N SER C 92 7.43 23.35 6.65
CA SER C 92 7.89 24.17 5.52
C SER C 92 6.81 25.17 5.08
N PHE C 93 6.17 25.80 6.07
CA PHE C 93 5.24 26.89 5.85
C PHE C 93 6.04 28.18 5.89
N ASN C 94 6.63 28.56 4.76
CA ASN C 94 7.73 29.51 4.77
C ASN C 94 7.27 30.93 5.15
N THR C 95 6.24 31.47 4.48
CA THR C 95 5.79 32.82 4.74
C THR C 95 5.46 32.96 6.23
N LEU C 96 4.80 31.91 6.76
CA LEU C 96 4.45 31.79 8.17
C LEU C 96 5.70 31.76 9.04
N THR C 97 6.63 30.80 8.80
CA THR C 97 7.86 30.69 9.58
C THR C 97 8.55 32.04 9.68
N ASP C 98 8.68 32.75 8.54
CA ASP C 98 9.41 34.00 8.40
C ASP C 98 8.79 35.11 9.27
N LYS C 99 7.44 35.18 9.30
CA LYS C 99 6.69 36.09 10.16
C LYS C 99 6.89 35.74 11.63
N LEU C 100 6.90 34.44 11.97
CA LEU C 100 7.08 33.99 13.35
C LEU C 100 8.46 34.41 13.88
N VAL C 101 9.46 34.23 13.03
CA VAL C 101 10.83 34.64 13.29
C VAL C 101 10.90 36.15 13.57
N GLU C 102 10.26 36.96 12.73
CA GLU C 102 10.31 38.44 12.90
C GLU C 102 9.70 38.82 14.26
N LYS C 103 8.58 38.23 14.61
CA LYS C 103 7.89 38.56 15.89
C LYS C 103 8.76 38.11 17.07
N MET C 104 9.37 36.93 16.99
CA MET C 104 10.08 36.39 18.17
C MET C 104 11.50 36.96 18.24
N SER C 105 11.75 38.00 17.47
CA SER C 105 13.07 38.68 17.53
C SER C 105 12.91 39.97 18.35
N ILE C 106 11.70 40.55 18.35
CA ILE C 106 11.42 41.76 19.18
C ILE C 106 10.78 41.27 20.49
N ALA C 107 11.13 40.06 20.91
CA ALA C 107 10.52 39.44 22.12
C ALA C 107 11.37 39.70 23.36
N SER C 108 10.75 39.57 24.53
CA SER C 108 11.46 39.81 25.81
C SER C 108 11.95 38.47 26.37
N ASN C 109 11.19 37.40 26.19
CA ASN C 109 11.66 36.05 26.62
C ASN C 109 12.95 35.72 25.87
N LEU C 110 13.98 35.35 26.61
CA LEU C 110 15.33 35.08 26.03
C LEU C 110 15.32 33.78 25.23
N LYS C 111 14.53 32.79 25.63
CA LYS C 111 14.37 31.54 24.85
C LYS C 111 13.67 31.84 23.53
N SER C 112 12.67 32.71 23.56
CA SER C 112 11.89 33.08 22.34
C SER C 112 12.79 33.90 21.41
N LYS C 113 13.67 34.69 21.99
CA LYS C 113 14.59 35.53 21.20
C LYS C 113 15.65 34.63 20.55
N GLU C 114 16.12 33.62 21.28
CA GLU C 114 17.18 32.72 20.78
C GLU C 114 16.62 31.89 19.63
N TYR C 115 15.42 31.34 19.79
CA TYR C 115 14.80 30.50 18.73
C TYR C 115 14.71 31.33 17.47
N GLY C 116 14.30 32.58 17.60
CA GLY C 116 14.13 33.46 16.43
C GLY C 116 15.42 33.70 15.70
N LYS C 117 16.50 33.93 16.43
CA LYS C 117 17.83 34.20 15.82
C LYS C 117 18.36 32.93 15.17
N ILE C 118 18.29 31.80 15.88
CA ILE C 118 18.76 30.54 15.34
C ILE C 118 17.95 30.21 14.09
N TYR C 119 16.61 30.20 14.21
CA TYR C 119 15.75 29.98 13.05
C TYR C 119 16.04 31.01 11.94
N GLU C 120 16.27 32.28 12.29
CA GLU C 120 16.48 33.32 11.29
C GLU C 120 17.60 32.91 10.34
N ILE C 121 18.65 32.26 10.90
CA ILE C 121 19.81 31.79 10.15
C ILE C 121 19.40 30.65 9.23
N HIS C 122 18.80 29.62 9.85
CA HIS C 122 18.28 28.45 9.18
C HIS C 122 17.47 28.87 7.96
N ARG C 123 16.68 29.94 8.10
CA ARG C 123 15.84 30.36 7.00
C ARG C 123 16.67 31.12 5.96
N LYS C 124 17.70 31.87 6.37
CA LYS C 124 18.52 32.55 5.39
C LYS C 124 19.27 31.52 4.54
N LEU C 125 19.77 30.46 5.19
CA LEU C 125 20.46 29.34 4.55
C LEU C 125 19.53 28.60 3.57
N SER C 126 18.29 28.36 3.98
CA SER C 126 17.32 27.61 3.14
C SER C 126 16.93 28.43 1.90
N ARG C 127 16.87 29.75 2.04
CA ARG C 127 16.48 30.64 0.91
C ARG C 127 17.70 30.88 0.04
N GLY C 128 18.88 30.56 0.55
CA GLY C 128 20.13 30.70 -0.23
C GLY C 128 20.72 32.08 -0.11
N GLU C 129 20.18 32.90 0.80
CA GLU C 129 20.70 34.27 1.02
C GLU C 129 22.12 34.17 1.60
N ILE C 130 22.42 33.08 2.29
CA ILE C 130 23.75 32.90 2.92
C ILE C 130 24.31 31.53 2.54
N ASP C 131 25.58 31.29 2.86
CA ASP C 131 26.22 30.00 2.53
C ASP C 131 26.33 29.19 3.82
N VAL C 132 26.73 27.93 3.71
CA VAL C 132 26.81 27.01 4.88
C VAL C 132 27.90 27.48 5.85
N LEU C 133 28.99 28.04 5.34
CA LEU C 133 30.10 28.50 6.21
C LEU C 133 29.71 29.83 6.89
N GLU C 134 29.12 30.75 6.13
CA GLU C 134 28.61 32.01 6.73
C GLU C 134 27.62 31.62 7.81
N ALA C 135 26.82 30.59 7.53
CA ALA C 135 25.87 30.10 8.51
C ALA C 135 26.59 29.50 9.72
N SER C 136 27.59 28.66 9.42
CA SER C 136 28.32 27.91 10.44
C SER C 136 29.04 28.88 11.38
N LYS C 137 29.36 30.06 10.81
CA LYS C 137 30.07 31.13 11.48
C LYS C 137 29.12 31.82 12.45
N ASN C 138 27.91 32.17 11.97
CA ASN C 138 26.91 32.82 12.77
C ASN C 138 26.53 31.90 13.92
N ILE C 139 26.53 30.59 13.68
CA ILE C 139 26.23 29.64 14.74
C ILE C 139 27.33 29.57 15.80
N GLY C 140 28.61 29.69 15.39
CA GLY C 140 29.76 29.61 16.29
C GLY C 140 29.90 30.83 17.20
N LYS C 141 29.47 31.98 16.67
CA LYS C 141 29.60 33.26 17.42
C LYS C 141 28.45 33.39 18.42
N TYR C 142 27.25 33.04 18.00
CA TYR C 142 26.08 33.15 18.90
C TYR C 142 26.33 32.26 20.11
N ARG C 143 25.87 32.72 21.28
CA ARG C 143 26.00 31.90 22.52
C ARG C 143 24.64 31.24 22.82
N ILE C 144 24.49 29.97 22.45
CA ILE C 144 23.19 29.27 22.63
C ILE C 144 23.13 28.67 24.04
N LYS C 145 22.01 28.87 24.72
CA LYS C 145 21.85 28.35 26.09
C LYS C 145 20.92 27.14 26.06
N THR C 146 19.93 27.14 25.18
CA THR C 146 18.92 26.08 25.15
C THR C 146 19.45 24.85 24.44
N ASP C 147 19.26 23.67 25.02
CA ASP C 147 19.69 22.39 24.41
C ASP C 147 19.06 22.24 23.04
N GLU C 148 17.80 22.65 22.90
CA GLU C 148 17.05 22.52 21.62
C GLU C 148 17.70 23.39 20.54
N MET C 149 18.20 24.58 20.85
CA MET C 149 18.78 25.40 19.75
C MET C 149 20.24 25.01 19.54
N ASN C 150 20.79 24.13 20.39
CA ASN C 150 22.17 23.62 20.16
C ASN C 150 22.05 22.39 19.27
N ILE C 151 20.98 21.63 19.43
CA ILE C 151 20.72 20.44 18.56
C ILE C 151 20.23 20.92 17.19
N PHE C 152 19.40 21.94 17.16
CA PHE C 152 18.88 22.46 15.87
C PHE C 152 20.02 23.18 15.15
N SER C 153 21.00 23.67 15.89
CA SER C 153 22.09 24.34 15.20
C SER C 153 23.01 23.34 14.49
N LYS C 154 23.04 22.09 14.96
CA LYS C 154 23.81 21.03 14.33
C LYS C 154 23.11 20.55 13.05
N MET C 155 21.78 20.56 13.09
CA MET C 155 20.97 20.19 11.94
C MET C 155 21.00 21.27 10.84
N ILE C 156 21.09 22.56 11.21
CA ILE C 156 20.90 23.60 10.21
C ILE C 156 21.76 23.43 8.97
N PRO C 157 23.06 23.08 9.08
CA PRO C 157 23.92 22.95 7.90
C PRO C 157 23.67 21.67 7.09
N MET C 158 23.34 20.58 7.80
CA MET C 158 22.98 19.31 7.18
C MET C 158 21.91 19.41 6.10
N TYR C 159 20.92 20.25 6.30
CA TYR C 159 19.96 20.54 5.23
C TYR C 159 20.68 21.10 4.00
N ASP C 160 21.59 22.04 4.19
CA ASP C 160 22.28 22.62 3.05
C ASP C 160 23.23 21.63 2.38
N TYR C 161 23.98 20.86 3.18
CA TYR C 161 24.82 19.81 2.65
C TYR C 161 24.01 18.84 1.79
N LEU C 162 22.82 18.46 2.27
CA LEU C 162 22.07 17.47 1.53
C LEU C 162 21.68 18.08 0.20
N SER C 163 21.06 19.28 0.23
CA SER C 163 20.60 19.87 -1.01
C SER C 163 21.73 20.19 -1.97
N LYS C 164 22.97 20.41 -1.52
CA LYS C 164 24.06 20.86 -2.40
C LYS C 164 25.00 19.71 -2.79
N GLY C 165 24.52 18.47 -2.61
CA GLY C 165 25.19 17.25 -3.06
C GLY C 165 26.56 17.06 -2.41
N ASN C 166 26.69 17.46 -1.14
CA ASN C 166 27.96 17.31 -0.37
C ASN C 166 27.65 16.43 0.84
N PHE C 167 27.83 15.13 0.72
CA PHE C 167 27.36 14.22 1.81
C PHE C 167 28.45 13.90 2.82
N SER C 168 29.71 14.14 2.48
CA SER C 168 30.83 13.76 3.36
C SER C 168 30.67 14.30 4.79
N PRO C 169 30.34 15.60 5.04
CA PRO C 169 30.31 16.12 6.40
C PRO C 169 28.95 16.06 7.10
N MET C 170 28.11 15.09 6.74
CA MET C 170 26.75 15.04 7.34
C MET C 170 26.70 14.05 8.50
N LYS C 171 27.24 12.84 8.34
CA LYS C 171 27.08 11.81 9.41
C LYS C 171 27.78 12.27 10.69
N SER C 172 28.89 12.98 10.57
CA SER C 172 29.65 13.46 11.74
C SER C 172 28.74 14.34 12.61
N LEU C 173 28.18 15.39 12.02
CA LEU C 173 27.34 16.33 12.80
C LEU C 173 26.18 15.62 13.50
N LEU C 174 25.67 14.52 12.93
CA LEU C 174 24.44 13.89 13.51
C LEU C 174 24.77 13.05 14.74
N LYS C 175 26.04 12.68 14.90
CA LYS C 175 26.44 11.84 16.06
C LYS C 175 26.84 12.78 17.21
N GLN C 176 26.72 14.08 16.99
CA GLN C 176 26.98 15.06 18.07
C GLN C 176 25.63 15.50 18.66
N ILE C 177 24.61 14.64 18.55
CA ILE C 177 23.24 15.06 18.99
C ILE C 177 22.58 14.00 19.86
N ASP C 178 22.14 14.38 21.06
CA ASP C 178 21.35 13.54 21.94
C ASP C 178 20.06 14.25 22.29
N LEU C 179 18.91 13.61 22.05
CA LEU C 179 17.61 14.31 22.19
C LEU C 179 17.03 14.21 23.61
N ASN C 180 17.61 13.37 24.47
CA ASN C 180 17.16 13.28 25.88
C ASN C 180 17.57 14.58 26.58
N ASP C 181 18.51 15.31 25.98
CA ASP C 181 18.97 16.59 26.54
C ASP C 181 17.81 17.61 26.45
N ILE C 182 16.85 17.35 25.57
CA ILE C 182 15.65 18.22 25.53
C ILE C 182 14.64 17.65 26.52
N LYS C 183 14.50 18.30 27.68
CA LYS C 183 13.54 17.85 28.71
C LYS C 183 12.54 18.98 28.95
N GLU C 184 12.80 20.16 28.40
CA GLU C 184 11.93 21.34 28.63
C GLU C 184 10.72 21.30 27.69
N ASN C 185 10.94 21.13 26.38
CA ASN C 185 9.84 21.07 25.38
C ASN C 185 9.77 19.65 24.84
N ASN C 186 8.56 19.10 24.74
CA ASN C 186 8.39 17.70 24.26
C ASN C 186 7.82 17.75 22.85
N TYR C 187 7.19 18.87 22.48
CA TYR C 187 6.76 18.99 21.09
C TYR C 187 7.98 19.07 20.17
N LEU C 188 9.03 19.77 20.60
CA LEU C 188 10.26 19.79 19.81
C LEU C 188 10.91 18.43 19.74
N LYS C 189 11.12 17.83 20.91
CA LYS C 189 11.69 16.49 20.98
C LYS C 189 10.98 15.47 20.06
N LYS C 190 9.69 15.63 19.76
CA LYS C 190 9.07 14.69 18.83
C LYS C 190 9.41 15.13 17.40
N SER C 191 9.30 16.44 17.15
CA SER C 191 9.51 16.98 15.82
C SER C 191 10.96 16.78 15.38
N PHE C 192 11.90 16.90 16.32
CA PHE C 192 13.32 16.72 16.04
C PHE C 192 13.64 15.25 15.86
N GLU C 193 13.07 14.40 16.71
CA GLU C 193 13.23 12.96 16.57
C GLU C 193 12.93 12.56 15.12
N THR C 194 11.84 13.16 14.59
CA THR C 194 11.39 12.91 13.23
C THR C 194 12.41 13.50 12.26
N ARG C 195 12.74 14.78 12.46
CA ARG C 195 13.66 15.50 11.57
C ARG C 195 14.93 14.69 11.35
N ILE C 196 15.36 14.00 12.43
CA ILE C 196 16.61 13.26 12.45
C ILE C 196 16.44 11.94 11.70
N TYR C 197 15.32 11.24 11.93
CA TYR C 197 15.08 9.97 11.25
C TYR C 197 15.23 10.13 9.74
N VAL C 198 14.70 11.24 9.24
CA VAL C 198 14.63 11.52 7.81
C VAL C 198 16.03 11.84 7.27
N LEU C 199 16.78 12.68 7.98
CA LEU C 199 18.16 12.93 7.63
C LEU C 199 18.97 11.64 7.66
N LEU C 200 18.75 10.79 8.66
CA LEU C 200 19.51 9.56 8.79
C LEU C 200 19.20 8.64 7.62
N SER C 201 17.95 8.70 7.15
CA SER C 201 17.54 7.94 5.99
C SER C 201 18.33 8.32 4.76
N ASN C 202 18.50 9.64 4.55
CA ASN C 202 19.23 10.15 3.39
C ASN C 202 20.71 9.82 3.52
N ILE C 203 21.24 9.87 4.75
CA ILE C 203 22.63 9.56 5.00
C ILE C 203 22.92 8.10 4.65
N TYR C 204 22.02 7.20 5.03
CA TYR C 204 22.21 5.79 4.68
C TYR C 204 22.02 5.54 3.19
N LEU C 205 21.08 6.27 2.58
CA LEU C 205 20.87 6.23 1.15
C LEU C 205 22.19 6.49 0.44
N ASN C 206 22.85 7.58 0.81
CA ASN C 206 24.05 8.02 0.13
C ASN C 206 25.24 7.12 0.46
N GLU C 207 25.20 6.45 1.62
CA GLU C 207 26.25 5.52 1.97
C GLU C 207 26.02 4.17 1.30
N ASN C 208 24.90 4.05 0.54
CA ASN C 208 24.52 2.86 -0.20
C ASN C 208 24.12 1.73 0.75
N GLU C 209 23.55 2.08 1.91
CA GLU C 209 23.08 1.06 2.82
C GLU C 209 21.56 1.14 2.91
N LEU C 210 20.85 0.61 1.91
CA LEU C 210 19.40 0.89 1.70
C LEU C 210 18.38 0.20 2.61
N GLU C 211 18.69 -0.95 3.19
CA GLU C 211 17.75 -1.56 4.16
C GLU C 211 17.66 -0.65 5.38
N LEU C 212 18.72 0.10 5.64
CA LEU C 212 18.74 1.00 6.81
C LEU C 212 18.11 2.34 6.42
N SER C 213 18.32 2.79 5.19
CA SER C 213 17.65 4.03 4.70
C SER C 213 16.15 3.80 4.73
N ARG C 214 15.72 2.67 4.19
CA ARG C 214 14.30 2.34 4.23
C ARG C 214 13.80 2.19 5.67
N LYS C 215 14.58 1.52 6.53
CA LYS C 215 14.14 1.29 7.90
C LYS C 215 13.89 2.63 8.57
N TYR C 216 14.77 3.61 8.29
CA TYR C 216 14.72 4.90 8.93
C TYR C 216 13.66 5.82 8.33
N ALA C 217 13.40 5.73 7.03
CA ALA C 217 12.31 6.49 6.47
C ALA C 217 10.97 5.97 7.02
N GLU C 218 10.89 4.71 7.38
CA GLU C 218 9.61 4.14 7.84
C GLU C 218 9.41 4.53 9.29
N LYS C 219 10.50 4.58 10.07
CA LYS C 219 10.40 5.04 11.47
C LYS C 219 9.82 6.44 11.52
N ALA C 220 10.27 7.31 10.64
CA ALA C 220 9.80 8.71 10.59
C ALA C 220 8.33 8.76 10.17
N ILE C 221 7.97 7.97 9.18
CA ILE C 221 6.57 7.95 8.68
C ILE C 221 5.63 7.61 9.83
N LYS C 222 6.00 6.65 10.66
CA LYS C 222 5.20 6.23 11.82
C LYS C 222 5.30 7.29 12.93
N SER C 223 6.42 7.96 13.04
CA SER C 223 6.65 8.92 14.14
C SER C 223 5.94 10.24 13.90
N THR C 224 5.34 10.43 12.73
CA THR C 224 4.79 11.77 12.46
C THR C 224 3.52 11.76 11.66
N ASP C 225 2.92 12.93 11.51
CA ASP C 225 1.74 13.10 10.64
C ASP C 225 2.05 14.38 9.86
N THR C 226 3.20 14.99 10.17
CA THR C 226 3.63 16.21 9.46
C THR C 226 3.91 15.81 8.03
N LYS C 227 3.27 16.46 7.07
CA LYS C 227 3.35 16.04 5.65
C LYS C 227 4.76 16.20 5.04
N ARG C 228 5.48 17.27 5.36
CA ARG C 228 6.86 17.42 4.86
C ARG C 228 7.68 16.17 5.18
N PHE C 229 7.53 15.63 6.38
CA PHE C 229 8.35 14.49 6.75
C PHE C 229 7.87 13.23 6.05
N LEU C 230 6.56 13.14 5.79
CA LEU C 230 6.09 11.98 5.04
C LEU C 230 6.57 12.10 3.60
N VAL C 231 6.44 13.31 3.02
CA VAL C 231 6.91 13.61 1.66
C VAL C 231 8.36 13.18 1.47
N PHE C 232 9.25 13.73 2.31
CA PHE C 232 10.65 13.38 2.18
C PHE C 232 10.92 11.90 2.46
N SER C 233 10.19 11.29 3.40
CA SER C 233 10.42 9.87 3.62
C SER C 233 10.12 9.04 2.37
N TYR C 234 8.98 9.32 1.72
CA TYR C 234 8.62 8.51 0.57
C TYR C 234 9.64 8.76 -0.54
N LEU C 235 10.04 10.04 -0.72
CA LEU C 235 10.97 10.36 -1.79
C LEU C 235 12.24 9.53 -1.56
N THR C 236 12.67 9.44 -0.30
CA THR C 236 13.91 8.74 -0.02
C THR C 236 13.73 7.25 -0.29
N ILE C 237 12.60 6.68 0.14
CA ILE C 237 12.37 5.26 -0.13
C ILE C 237 12.34 5.04 -1.66
N GLY C 238 11.65 5.93 -2.40
CA GLY C 238 11.64 5.86 -3.85
C GLY C 238 13.06 5.81 -4.42
N THR C 239 13.95 6.65 -3.88
CA THR C 239 15.28 6.69 -4.43
C THR C 239 16.03 5.42 -4.03
N SER C 240 15.74 4.87 -2.85
CA SER C 240 16.47 3.67 -2.44
C SER C 240 16.17 2.48 -3.38
N TYR C 241 15.05 2.57 -4.12
CA TYR C 241 14.63 1.49 -4.99
C TYR C 241 15.08 1.70 -6.45
N ILE C 242 15.76 2.83 -6.72
CA ILE C 242 15.91 3.33 -8.08
C ILE C 242 16.56 2.28 -8.98
N PHE C 243 17.49 1.48 -8.43
CA PHE C 243 18.16 0.48 -9.27
C PHE C 243 17.64 -0.92 -9.00
N SER C 244 17.21 -1.17 -7.76
CA SER C 244 16.83 -2.46 -7.23
C SER C 244 15.51 -2.95 -7.86
N ASP C 245 14.45 -2.12 -7.85
CA ASP C 245 13.10 -2.55 -8.18
C ASP C 245 12.33 -1.35 -8.76
N TYR C 246 12.08 -1.38 -10.08
CA TYR C 246 11.41 -0.23 -10.66
C TYR C 246 10.03 0.01 -10.06
N ALA C 247 9.18 -1.03 -9.98
CA ALA C 247 7.82 -0.88 -9.45
C ALA C 247 7.76 -0.18 -8.07
N LEU C 248 8.60 -0.64 -7.13
CA LEU C 248 8.58 -0.15 -5.76
C LEU C 248 9.18 1.25 -5.65
N SER C 249 10.01 1.62 -6.60
CA SER C 249 10.48 2.99 -6.69
C SER C 249 9.33 3.90 -7.15
N LYS C 250 8.64 3.54 -8.22
CA LYS C 250 7.50 4.33 -8.69
C LYS C 250 6.37 4.41 -7.65
N GLN C 251 6.08 3.30 -6.94
CA GLN C 251 4.98 3.27 -5.98
C GLN C 251 5.30 4.17 -4.78
N ASN C 252 6.54 4.15 -4.33
CA ASN C 252 6.90 5.00 -3.20
C ASN C 252 6.91 6.47 -3.64
N TYR C 253 7.38 6.77 -4.87
CA TYR C 253 7.41 8.12 -5.41
C TYR C 253 5.99 8.63 -5.61
N LEU C 254 5.09 7.74 -6.06
CA LEU C 254 3.71 8.16 -6.28
C LEU C 254 2.99 8.45 -4.96
N SER C 255 3.19 7.57 -3.97
CA SER C 255 2.67 7.79 -2.64
C SER C 255 3.06 9.18 -2.11
N GLY C 256 4.37 9.50 -2.14
CA GLY C 256 4.88 10.81 -1.78
C GLY C 256 4.30 11.93 -2.64
N TYR C 257 4.16 11.70 -3.95
CA TYR C 257 3.64 12.72 -4.84
C TYR C 257 2.24 13.17 -4.43
N GLU C 258 1.47 12.22 -3.87
CA GLU C 258 0.07 12.46 -3.51
C GLU C 258 -0.04 13.39 -2.31
N ILE C 259 0.77 13.11 -1.30
CA ILE C 259 0.87 13.93 -0.11
C ILE C 259 1.39 15.33 -0.45
N ALA C 260 2.31 15.39 -1.41
CA ALA C 260 2.96 16.65 -1.77
C ALA C 260 1.99 17.57 -2.47
N LYS C 261 0.95 17.01 -3.11
CA LYS C 261 0.06 17.79 -3.98
C LYS C 261 -0.39 19.04 -3.23
N GLY C 262 -0.33 20.20 -3.92
CA GLY C 262 -0.62 21.49 -3.32
C GLY C 262 0.62 22.30 -2.93
N ASN C 263 1.76 21.65 -2.69
CA ASN C 263 3.01 22.38 -2.51
C ASN C 263 3.90 22.13 -3.74
N SER C 264 3.94 23.13 -4.65
CA SER C 264 4.66 23.08 -5.92
C SER C 264 6.15 22.71 -5.72
N VAL C 265 6.69 23.10 -4.57
CA VAL C 265 8.08 22.85 -4.25
C VAL C 265 8.27 21.37 -3.91
N PHE C 266 7.38 20.80 -3.07
CA PHE C 266 7.45 19.38 -2.82
C PHE C 266 7.12 18.58 -4.08
N GLU C 267 6.14 19.00 -4.89
CA GLU C 267 5.72 18.21 -6.04
C GLU C 267 6.94 18.05 -6.97
N GLU C 268 7.75 19.11 -7.06
CA GLU C 268 8.83 19.18 -8.04
C GLU C 268 9.90 18.14 -7.79
N PHE C 269 10.09 17.74 -6.53
CA PHE C 269 11.02 16.68 -6.15
C PHE C 269 10.60 15.35 -6.77
N PHE C 270 9.28 15.09 -6.84
CA PHE C 270 8.80 13.86 -7.46
C PHE C 270 8.89 13.87 -8.98
N LYS C 271 8.42 14.98 -9.58
CA LYS C 271 8.48 15.12 -11.03
C LYS C 271 9.93 14.96 -11.54
N ARG C 272 10.90 15.34 -10.70
CA ARG C 272 12.28 15.24 -11.10
C ARG C 272 12.74 13.79 -10.93
N ASN C 273 12.34 13.14 -9.83
CA ASN C 273 12.85 11.81 -9.58
C ASN C 273 12.13 10.79 -10.44
N LEU C 274 10.84 10.97 -10.67
CA LEU C 274 10.17 10.01 -11.56
C LEU C 274 10.71 10.17 -13.00
N SER C 275 11.09 11.38 -13.39
CA SER C 275 11.70 11.63 -14.73
C SER C 275 13.00 10.84 -14.87
N PHE C 276 13.84 10.84 -13.84
CA PHE C 276 15.11 10.04 -13.85
C PHE C 276 14.81 8.53 -13.91
N LEU C 277 13.93 8.02 -13.07
CA LEU C 277 13.61 6.57 -13.01
C LEU C 277 13.17 6.07 -14.39
N ASN C 278 12.35 6.85 -15.07
CA ASN C 278 11.84 6.45 -16.41
C ASN C 278 12.93 6.61 -17.48
N ASN C 279 13.83 7.59 -17.34
CA ASN C 279 14.95 7.76 -18.29
C ASN C 279 15.94 6.61 -18.15
N PHE C 280 16.17 6.16 -16.92
CA PHE C 280 17.16 5.09 -16.66
C PHE C 280 16.60 3.73 -17.03
N TRP C 281 15.30 3.55 -16.85
CA TRP C 281 14.66 2.27 -17.21
C TRP C 281 14.13 2.36 -18.64
N ASN C 282 14.38 3.46 -19.35
CA ASN C 282 13.98 3.66 -20.78
C ASN C 282 12.49 3.42 -20.95
N LYS C 283 11.67 4.33 -20.45
CA LYS C 283 10.21 4.11 -20.50
C LYS C 283 9.43 5.39 -20.80
N GLU C 284 8.10 5.29 -20.83
CA GLU C 284 7.17 6.40 -20.96
C GLU C 284 7.51 7.45 -19.90
N ASN C 285 7.88 8.66 -20.35
CA ASN C 285 8.30 9.68 -19.42
C ASN C 285 7.46 10.96 -19.53
N PRO C 286 6.28 11.02 -18.88
CA PRO C 286 5.47 12.25 -18.84
C PRO C 286 5.98 13.33 -17.87
N TRP C 287 7.08 13.05 -17.16
CA TRP C 287 7.47 13.87 -16.02
C TRP C 287 8.41 15.00 -16.39
N ILE C 288 8.89 15.03 -17.62
CA ILE C 288 9.99 15.92 -17.90
C ILE C 288 9.47 17.36 -17.98
N ASN C 289 10.30 18.29 -17.50
CA ASN C 289 9.99 19.69 -17.64
C ASN C 289 10.84 20.26 -18.78
N TYR C 290 10.18 20.66 -19.88
CA TYR C 290 10.89 21.15 -21.04
C TYR C 290 11.20 22.64 -20.93
N ASP C 291 10.51 23.33 -20.02
CA ASP C 291 10.57 24.80 -19.95
C ASP C 291 11.65 25.31 -18.99
N SER C 292 12.12 24.43 -18.09
CA SER C 292 13.06 24.80 -17.04
C SER C 292 14.49 24.81 -17.55
N ASN C 293 15.28 25.79 -17.08
CA ASN C 293 16.70 25.95 -17.37
C ASN C 293 17.56 25.38 -16.26
N ALA C 294 16.96 24.99 -15.14
CA ALA C 294 17.70 24.29 -14.09
C ALA C 294 18.43 23.07 -14.66
N VAL C 295 19.69 22.95 -14.21
CA VAL C 295 20.57 21.88 -14.65
C VAL C 295 19.88 20.52 -14.55
N THR C 296 19.29 20.22 -13.37
CA THR C 296 18.85 18.85 -13.13
C THR C 296 17.63 18.54 -14.02
N ASP C 297 16.97 19.62 -14.46
CA ASP C 297 15.84 19.48 -15.37
C ASP C 297 16.31 19.26 -16.80
N VAL C 298 17.32 20.05 -17.22
CA VAL C 298 17.88 19.94 -18.56
C VAL C 298 18.54 18.58 -18.74
N GLN C 299 19.13 18.07 -17.65
CA GLN C 299 19.71 16.75 -17.67
C GLN C 299 18.66 15.68 -18.01
N GLU C 300 17.36 15.94 -17.77
CA GLU C 300 16.36 14.91 -17.98
C GLU C 300 15.92 14.96 -19.43
N VAL C 301 16.00 16.15 -20.03
CA VAL C 301 15.71 16.32 -21.44
C VAL C 301 16.74 15.57 -22.27
N ILE C 302 17.97 15.60 -21.76
CA ILE C 302 19.12 15.00 -22.43
C ILE C 302 19.01 13.47 -22.35
N PHE C 303 18.67 13.00 -21.15
CA PHE C 303 18.66 11.56 -20.96
C PHE C 303 17.59 10.97 -21.86
N GLU C 304 16.53 11.75 -22.08
CA GLU C 304 15.49 11.35 -23.02
C GLU C 304 16.04 11.28 -24.46
N LEU C 305 16.66 12.36 -24.94
CA LEU C 305 17.23 12.38 -26.28
C LEU C 305 18.11 11.16 -26.49
N ILE C 306 18.96 10.85 -25.49
CA ILE C 306 19.80 9.68 -25.60
C ILE C 306 18.94 8.42 -25.74
N ASN C 307 17.90 8.25 -24.95
CA ASN C 307 17.11 7.00 -25.03
C ASN C 307 16.37 7.00 -26.36
N GLN C 308 16.13 8.18 -26.92
CA GLN C 308 15.43 8.32 -28.22
C GLN C 308 16.48 8.19 -29.33
N LYS C 309 17.75 8.02 -28.96
CA LYS C 309 18.85 7.79 -29.92
C LYS C 309 19.10 9.05 -30.74
N LYS C 310 18.72 10.20 -30.21
CA LYS C 310 19.02 11.50 -30.87
C LYS C 310 20.23 12.11 -30.14
N LEU C 311 21.45 11.64 -30.45
CA LEU C 311 22.64 12.07 -29.68
C LEU C 311 23.14 13.48 -30.09
N GLU C 312 23.11 13.83 -31.37
CA GLU C 312 23.69 15.14 -31.76
C GLU C 312 22.99 16.23 -30.95
N ARG C 313 21.67 16.18 -30.88
CA ARG C 313 20.91 17.22 -30.17
C ARG C 313 21.18 17.07 -28.66
N ALA C 314 21.52 15.87 -28.22
CA ALA C 314 21.79 15.60 -26.79
C ALA C 314 23.13 16.19 -26.40
N LEU C 315 24.13 15.99 -27.25
CA LEU C 315 25.49 16.50 -26.91
C LEU C 315 25.50 18.01 -27.10
N THR C 316 24.73 18.52 -28.06
CA THR C 316 24.64 19.98 -28.17
C THR C 316 24.14 20.55 -26.84
N LEU C 317 23.08 19.93 -26.32
CA LEU C 317 22.37 20.40 -25.14
C LEU C 317 23.22 20.17 -23.89
N LEU C 318 23.92 19.04 -23.83
CA LEU C 318 24.83 18.78 -22.73
C LEU C 318 25.92 19.85 -22.72
N LYS C 319 26.47 20.21 -23.87
CA LYS C 319 27.60 21.15 -23.92
C LYS C 319 27.16 22.54 -23.43
N SER C 320 25.86 22.82 -23.50
CA SER C 320 25.32 24.12 -23.05
C SER C 320 25.29 24.19 -21.52
N LEU C 321 25.35 23.04 -20.85
CA LEU C 321 25.25 23.01 -19.38
C LEU C 321 26.64 23.17 -18.75
N GLU C 322 27.68 23.14 -19.55
CA GLU C 322 29.07 23.20 -19.02
C GLU C 322 29.36 24.64 -18.54
N ARG C 323 28.71 25.64 -19.14
CA ARG C 323 28.87 27.05 -18.74
C ARG C 323 28.12 27.32 -17.44
N LYS C 324 27.19 26.45 -17.06
CA LYS C 324 26.34 26.71 -15.89
C LYS C 324 27.01 26.21 -14.59
N LYS C 325 26.80 26.93 -13.51
CA LYS C 325 27.33 26.53 -12.18
C LYS C 325 26.59 25.28 -11.72
N GLN C 326 27.33 24.30 -11.24
CA GLN C 326 26.74 23.03 -10.83
C GLN C 326 27.58 22.40 -9.73
N ASN C 327 26.92 21.68 -8.81
CA ASN C 327 27.69 21.06 -7.75
C ASN C 327 28.44 19.83 -8.26
N GLU C 328 29.21 19.20 -7.37
CA GLU C 328 29.98 18.02 -7.72
C GLU C 328 29.06 16.85 -8.07
N ASN C 329 28.00 16.69 -7.28
CA ASN C 329 27.04 15.66 -7.58
C ASN C 329 26.44 15.81 -8.97
N ASP C 330 26.07 17.04 -9.36
CA ASP C 330 25.57 17.35 -10.69
C ASP C 330 26.51 16.86 -11.78
N LEU C 331 27.78 17.25 -11.68
CA LEU C 331 28.83 16.87 -12.67
C LEU C 331 28.97 15.36 -12.79
N GLY C 332 28.66 14.60 -11.74
CA GLY C 332 28.69 13.13 -11.83
C GLY C 332 27.67 12.65 -12.81
N PHE C 333 26.48 13.25 -12.80
CA PHE C 333 25.39 12.91 -13.75
C PHE C 333 25.72 13.49 -15.12
N HIS C 334 26.41 14.61 -15.17
CA HIS C 334 26.76 15.28 -16.44
C HIS C 334 27.73 14.43 -17.25
N TYR C 335 28.68 13.82 -16.57
CA TYR C 335 29.72 13.03 -17.28
C TYR C 335 29.23 11.62 -17.50
N TYR C 336 28.21 11.22 -16.77
CA TYR C 336 27.62 9.89 -17.02
C TYR C 336 26.77 10.02 -18.25
N LEU C 337 26.12 11.16 -18.37
CA LEU C 337 25.40 11.39 -19.60
C LEU C 337 26.35 11.45 -20.79
N GLU C 338 27.44 12.22 -20.66
CA GLU C 338 28.43 12.35 -21.71
C GLU C 338 28.90 10.97 -22.16
N GLY C 339 29.25 10.09 -21.18
CA GLY C 339 29.66 8.73 -21.48
C GLY C 339 28.59 7.95 -22.24
N LEU C 340 27.31 8.11 -21.88
CA LEU C 340 26.25 7.46 -22.63
C LEU C 340 26.26 7.92 -24.08
N ILE C 341 26.67 9.16 -24.36
CA ILE C 341 26.62 9.70 -25.71
C ILE C 341 27.86 9.26 -26.51
N THR C 342 29.06 9.39 -25.94
CA THR C 342 30.32 9.25 -26.69
C THR C 342 30.88 7.84 -26.55
N ASN C 343 30.55 7.18 -25.44
CA ASN C 343 31.10 5.87 -25.14
C ASN C 343 32.59 5.91 -24.78
N ASP C 344 33.14 7.12 -24.49
CA ASP C 344 34.52 7.32 -24.07
C ASP C 344 34.69 6.97 -22.59
N LYS C 345 35.56 6.01 -22.27
CA LYS C 345 35.87 5.67 -20.88
C LYS C 345 36.21 6.90 -20.03
N GLU C 346 36.89 7.86 -20.65
CA GLU C 346 37.30 9.09 -19.99
C GLU C 346 36.11 9.76 -19.33
N ALA C 347 34.94 9.82 -20.02
CA ALA C 347 33.78 10.49 -19.46
C ALA C 347 33.26 9.74 -18.24
N PHE C 348 33.21 8.39 -18.29
CA PHE C 348 32.83 7.58 -17.13
C PHE C 348 33.82 7.77 -15.95
N TYR C 349 35.12 7.83 -16.27
CA TYR C 349 36.11 8.10 -15.24
C TYR C 349 35.76 9.36 -14.43
N LYS C 350 35.45 10.46 -15.13
CA LYS C 350 35.15 11.73 -14.48
C LYS C 350 33.86 11.65 -13.67
N SER C 351 32.89 10.89 -14.20
CA SER C 351 31.67 10.67 -13.48
C SER C 351 31.99 10.02 -12.14
N VAL C 352 32.84 8.98 -12.17
CA VAL C 352 33.19 8.27 -10.94
C VAL C 352 33.88 9.23 -9.98
N GLU C 353 34.69 10.15 -10.54
CA GLU C 353 35.50 11.05 -9.73
C GLU C 353 34.64 12.06 -9.00
N TYR C 354 33.64 12.60 -9.73
CA TYR C 354 32.75 13.59 -9.14
C TYR C 354 31.85 12.96 -8.10
N PHE C 355 31.39 11.76 -8.36
CA PHE C 355 30.55 11.05 -7.41
C PHE C 355 31.40 10.74 -6.17
N LYS C 356 32.70 10.49 -6.35
CA LYS C 356 33.54 10.21 -5.21
C LYS C 356 33.68 11.46 -4.32
N LEU C 357 33.82 12.64 -4.95
CA LEU C 357 34.01 13.90 -4.22
C LEU C 357 32.76 14.22 -3.40
N SER C 358 31.62 14.12 -4.10
CA SER C 358 30.27 14.21 -3.56
C SER C 358 30.06 13.22 -2.41
N GLN C 359 30.73 12.08 -2.45
CA GLN C 359 30.54 10.98 -1.50
C GLN C 359 29.14 10.38 -1.66
N ASP C 360 28.82 10.08 -2.92
CA ASP C 360 27.55 9.48 -3.27
C ASP C 360 27.79 8.03 -3.66
N LYS C 361 27.58 7.09 -2.72
CA LYS C 361 27.90 5.68 -2.99
C LYS C 361 26.75 4.95 -3.69
N LEU C 362 25.62 5.63 -3.92
CA LEU C 362 24.54 4.99 -4.64
C LEU C 362 24.70 5.26 -6.13
N PHE C 363 24.78 6.54 -6.52
CA PHE C 363 24.75 6.90 -7.94
C PHE C 363 26.10 6.68 -8.63
N ILE C 364 27.16 6.37 -7.86
CA ILE C 364 28.45 6.04 -8.46
C ILE C 364 28.32 4.68 -9.18
N LYS C 365 27.29 3.87 -8.85
CA LYS C 365 27.18 2.55 -9.48
C LYS C 365 26.97 2.69 -10.99
N MET C 366 26.38 3.82 -11.43
CA MET C 366 25.98 3.96 -12.82
C MET C 366 27.18 3.96 -13.74
N PRO C 367 28.17 4.87 -13.58
CA PRO C 367 29.40 4.78 -14.36
C PRO C 367 30.27 3.55 -14.13
N LEU C 368 30.31 3.07 -12.87
CA LEU C 368 31.01 1.83 -12.56
C LEU C 368 30.53 0.64 -13.41
N ILE C 369 29.21 0.59 -13.68
CA ILE C 369 28.63 -0.53 -14.41
C ILE C 369 29.05 -0.44 -15.86
N LYS C 370 29.01 0.79 -16.42
CA LYS C 370 29.44 1.03 -17.80
C LYS C 370 30.88 0.66 -18.02
N LEU C 371 31.72 0.94 -17.03
CA LEU C 371 33.14 0.57 -17.07
C LEU C 371 33.29 -0.94 -17.03
N GLU C 372 32.44 -1.65 -16.28
CA GLU C 372 32.45 -3.11 -16.29
C GLU C 372 32.18 -3.63 -17.69
N SER C 373 31.19 -3.04 -18.37
CA SER C 373 30.79 -3.32 -19.75
C SER C 373 31.91 -3.07 -20.73
N LEU C 374 32.74 -2.06 -20.45
CA LEU C 374 33.82 -1.72 -21.37
C LEU C 374 35.07 -2.54 -21.01
N GLY C 375 34.88 -3.59 -20.18
CA GLY C 375 35.89 -4.56 -19.78
C GLY C 375 36.96 -4.04 -18.80
N GLU C 376 36.64 -3.06 -17.94
CA GLU C 376 37.51 -2.62 -16.86
C GLU C 376 37.47 -3.64 -15.72
N ASN C 377 38.56 -3.65 -14.92
CA ASN C 377 38.75 -4.74 -13.96
C ASN C 377 37.67 -4.74 -12.87
N PRO C 378 36.81 -5.79 -12.75
CA PRO C 378 35.67 -5.77 -11.82
C PRO C 378 36.02 -5.55 -10.35
N ARG C 379 37.20 -6.05 -9.92
CA ARG C 379 37.65 -5.94 -8.53
C ARG C 379 37.98 -4.49 -8.17
N LEU C 380 38.63 -3.76 -9.09
CA LEU C 380 38.93 -2.36 -8.87
C LEU C 380 37.63 -1.55 -8.85
N LEU C 381 36.67 -1.90 -9.72
CA LEU C 381 35.40 -1.20 -9.72
C LEU C 381 34.63 -1.43 -8.41
N LYS C 382 34.76 -2.61 -7.82
CA LYS C 382 34.08 -2.91 -6.53
C LYS C 382 34.71 -2.13 -5.36
N ILE C 383 36.03 -1.97 -5.33
CA ILE C 383 36.68 -1.18 -4.26
C ILE C 383 36.22 0.29 -4.38
N ILE C 384 36.18 0.85 -5.59
CA ILE C 384 35.67 2.24 -5.81
C ILE C 384 34.20 2.32 -5.37
N SER C 385 33.46 1.21 -5.50
CA SER C 385 32.04 1.16 -5.07
C SER C 385 31.92 1.18 -3.55
N MET C 386 32.81 0.51 -2.84
CA MET C 386 32.68 0.37 -1.38
C MET C 386 32.97 1.70 -0.67
N GLY D 1 19.56 14.36 -13.48
CA GLY D 1 19.97 14.34 -12.06
C GLY D 1 18.80 13.96 -11.16
N ILE D 2 19.14 13.25 -10.10
CA ILE D 2 18.18 12.90 -9.04
C ILE D 2 18.24 14.04 -8.01
N VAL D 3 17.19 14.20 -7.24
CA VAL D 3 17.13 15.27 -6.21
C VAL D 3 16.85 14.58 -4.86
N ARG D 4 17.54 15.03 -3.82
CA ARG D 4 17.40 14.41 -2.49
C ARG D 4 16.75 15.43 -1.56
N GLY D 5 16.29 14.98 -0.41
CA GLY D 5 15.60 15.90 0.50
C GLY D 5 15.27 15.28 1.83
N ALA D 6 15.24 16.10 2.88
CA ALA D 6 14.86 15.64 4.23
C ALA D 6 13.99 16.74 4.88
N SER E 46 -1.03 -26.29 -24.11
CA SER E 46 -1.88 -25.55 -25.09
C SER E 46 -0.98 -24.84 -26.11
N GLU E 47 -1.50 -24.61 -27.32
CA GLU E 47 -0.76 -23.84 -28.32
C GLU E 47 -0.76 -22.36 -27.94
N PHE E 48 -1.95 -21.83 -27.68
CA PHE E 48 -2.14 -20.40 -27.46
C PHE E 48 -1.50 -19.98 -26.13
N ASN E 49 -1.60 -20.88 -25.16
CA ASN E 49 -1.05 -20.62 -23.85
C ASN E 49 0.47 -20.51 -23.93
N SER E 50 1.09 -21.41 -24.73
CA SER E 50 2.55 -21.46 -24.88
C SER E 50 3.07 -20.16 -25.50
N ILE E 51 2.38 -19.68 -26.54
CA ILE E 51 2.74 -18.46 -27.27
C ILE E 51 2.76 -17.31 -26.29
N VAL E 52 1.66 -17.14 -25.55
CA VAL E 52 1.48 -16.03 -24.63
C VAL E 52 2.58 -16.07 -23.58
N ASN E 53 2.85 -17.25 -22.99
CA ASN E 53 3.84 -17.44 -21.93
C ASN E 53 5.25 -17.03 -22.42
N ILE E 54 5.53 -17.24 -23.70
CA ILE E 54 6.80 -16.80 -24.26
C ILE E 54 6.79 -15.30 -24.51
N VAL E 55 5.71 -14.80 -25.15
CA VAL E 55 5.63 -13.38 -25.39
C VAL E 55 5.90 -12.64 -24.08
N LYS E 56 5.35 -13.13 -22.95
CA LYS E 56 5.42 -12.47 -21.64
C LYS E 56 6.85 -12.51 -21.08
N THR E 57 7.43 -13.71 -21.11
CA THR E 57 8.77 -13.96 -20.60
C THR E 57 9.86 -13.20 -21.37
N HIS E 58 9.74 -13.14 -22.69
CA HIS E 58 10.85 -12.66 -23.51
C HIS E 58 10.59 -11.30 -24.15
N TYR E 59 9.31 -10.86 -24.23
CA TYR E 59 9.06 -9.62 -24.94
C TYR E 59 7.98 -8.81 -24.21
N PRO E 60 8.08 -8.65 -22.86
CA PRO E 60 6.94 -8.19 -22.05
C PRO E 60 6.34 -6.87 -22.54
N ASP E 61 7.22 -6.06 -23.10
CA ASP E 61 7.01 -4.65 -23.42
C ASP E 61 6.32 -4.48 -24.77
N GLN E 62 6.26 -5.58 -25.51
CA GLN E 62 5.68 -5.56 -26.86
C GLN E 62 4.60 -6.64 -26.97
N GLU E 63 3.95 -6.98 -25.86
CA GLU E 63 2.94 -8.08 -25.83
C GLU E 63 1.81 -7.83 -26.84
N TYR E 64 1.31 -6.60 -26.93
CA TYR E 64 0.17 -6.31 -27.85
C TYR E 64 0.66 -6.40 -29.28
N GLU E 65 1.86 -5.89 -29.52
CA GLU E 65 2.39 -5.86 -30.90
C GLU E 65 2.53 -7.29 -31.44
N LEU E 66 3.17 -8.15 -30.67
CA LEU E 66 3.42 -9.54 -31.12
C LEU E 66 2.12 -10.36 -31.11
N MET E 67 1.30 -10.21 -30.07
CA MET E 67 0.08 -11.05 -29.95
C MET E 67 -0.95 -10.61 -30.99
N GLU E 68 -1.00 -9.34 -31.34
CA GLU E 68 -1.93 -8.85 -32.37
C GLU E 68 -1.57 -9.55 -33.68
N ASN E 69 -0.29 -9.57 -33.99
CA ASN E 69 0.18 -10.20 -35.25
C ASN E 69 -0.10 -11.71 -35.23
N TYR E 70 0.23 -12.38 -34.13
CA TYR E 70 0.04 -13.85 -34.00
C TYR E 70 -1.43 -14.19 -34.10
N CYS E 71 -2.27 -13.48 -33.34
CA CYS E 71 -3.72 -13.77 -33.29
C CYS E 71 -4.35 -13.53 -34.66
N LEU E 72 -3.83 -12.55 -35.41
CA LEU E 72 -4.43 -12.18 -36.72
C LEU E 72 -3.86 -13.05 -37.85
N LEU E 73 -2.93 -13.95 -37.54
CA LEU E 73 -2.44 -14.84 -38.62
C LEU E 73 -2.83 -16.29 -38.28
N LEU E 74 -3.65 -16.46 -37.25
CA LEU E 74 -4.06 -17.83 -36.85
C LEU E 74 -5.18 -18.33 -37.76
N ASP E 75 -5.26 -19.65 -37.94
CA ASP E 75 -6.37 -20.23 -38.73
C ASP E 75 -7.65 -20.14 -37.91
N PRO E 76 -8.69 -19.44 -38.40
CA PRO E 76 -9.91 -19.27 -37.64
C PRO E 76 -10.56 -20.57 -37.17
N ASN E 77 -10.31 -21.68 -37.86
CA ASN E 77 -10.95 -22.99 -37.52
C ASN E 77 -10.18 -23.72 -36.42
N THR E 78 -9.24 -23.04 -35.77
CA THR E 78 -8.38 -23.72 -34.79
C THR E 78 -8.77 -23.41 -33.37
N LYS E 79 -8.35 -24.28 -32.45
CA LYS E 79 -8.60 -24.09 -31.01
C LYS E 79 -7.79 -22.88 -30.55
N ALA E 80 -6.61 -22.70 -31.14
CA ALA E 80 -5.90 -21.50 -30.75
C ALA E 80 -6.63 -20.26 -31.23
N ALA E 81 -7.33 -20.28 -32.37
CA ALA E 81 -8.04 -19.06 -32.79
C ALA E 81 -9.23 -18.77 -31.88
N ARG E 82 -9.78 -19.83 -31.27
CA ARG E 82 -10.85 -19.68 -30.31
C ARG E 82 -10.32 -19.06 -29.01
N SER E 83 -9.17 -19.54 -28.51
CA SER E 83 -8.57 -18.94 -27.32
C SER E 83 -8.19 -17.47 -27.56
N ALA E 84 -7.81 -17.17 -28.79
CA ALA E 84 -7.38 -15.86 -29.22
C ALA E 84 -8.53 -14.86 -29.09
N LEU E 85 -9.75 -15.31 -29.43
CA LEU E 85 -10.87 -14.38 -29.39
C LEU E 85 -11.18 -13.90 -27.96
N GLU E 86 -11.18 -14.84 -27.02
CA GLU E 86 -11.29 -14.60 -25.60
C GLU E 86 -10.16 -13.67 -25.13
N TYR E 87 -8.92 -14.01 -25.49
CA TYR E 87 -7.82 -13.14 -25.13
C TYR E 87 -8.08 -11.69 -25.59
N ALA E 88 -8.56 -11.50 -26.85
CA ALA E 88 -8.75 -10.16 -27.35
C ALA E 88 -9.88 -9.47 -26.58
N ASP E 89 -10.97 -10.19 -26.30
CA ASP E 89 -12.06 -9.56 -25.58
C ASP E 89 -11.81 -9.42 -24.08
N ALA E 90 -11.18 -10.43 -23.44
CA ALA E 90 -10.80 -10.27 -22.04
C ALA E 90 -9.94 -9.03 -21.87
N ASN E 91 -9.07 -8.74 -22.84
CA ASN E 91 -8.18 -7.60 -22.70
C ASN E 91 -8.84 -6.29 -23.11
N SER E 92 -10.06 -6.36 -23.67
CA SER E 92 -10.73 -5.22 -24.27
C SER E 92 -9.86 -4.57 -25.36
N PHE E 93 -9.24 -5.39 -26.20
CA PHE E 93 -8.53 -4.97 -27.41
C PHE E 93 -9.54 -4.97 -28.54
N ASN E 94 -10.26 -3.84 -28.67
CA ASN E 94 -11.50 -3.82 -29.43
C ASN E 94 -11.27 -4.06 -30.94
N THR E 95 -10.40 -3.26 -31.55
CA THR E 95 -10.05 -3.35 -32.96
C THR E 95 -9.75 -4.80 -33.32
N LEU E 96 -8.90 -5.41 -32.47
CA LEU E 96 -8.45 -6.79 -32.55
C LEU E 96 -9.63 -7.75 -32.45
N THR E 97 -10.38 -7.66 -31.35
CA THR E 97 -11.55 -8.52 -31.14
C THR E 97 -12.44 -8.55 -32.39
N ASP E 98 -12.75 -7.35 -32.91
CA ASP E 98 -13.69 -7.13 -33.99
C ASP E 98 -13.22 -7.82 -35.29
N LYS E 99 -11.91 -7.71 -35.59
CA LYS E 99 -11.27 -8.40 -36.71
C LYS E 99 -11.35 -9.92 -36.53
N LEU E 100 -11.10 -10.41 -35.30
CA LEU E 100 -11.11 -11.84 -35.02
C LEU E 100 -12.50 -12.45 -35.25
N VAL E 101 -13.51 -11.71 -34.80
CA VAL E 101 -14.92 -12.01 -34.99
C VAL E 101 -15.23 -12.11 -36.49
N GLU E 102 -14.81 -11.13 -37.29
CA GLU E 102 -15.13 -11.09 -38.71
C GLU E 102 -14.54 -12.31 -39.43
N LYS E 103 -13.25 -12.57 -39.19
CA LYS E 103 -12.62 -13.81 -39.64
C LYS E 103 -13.45 -15.02 -39.20
N MET E 104 -13.85 -15.11 -37.94
CA MET E 104 -14.36 -16.38 -37.44
C MET E 104 -15.82 -16.64 -37.77
N SER E 105 -16.51 -15.61 -38.29
CA SER E 105 -17.91 -15.77 -38.63
C SER E 105 -18.06 -16.61 -39.90
N ILE E 106 -17.11 -16.47 -40.83
CA ILE E 106 -17.11 -17.16 -42.11
C ILE E 106 -16.16 -18.38 -42.07
N ALA E 107 -16.25 -19.16 -40.99
CA ALA E 107 -15.30 -20.24 -40.75
C ALA E 107 -16.00 -21.57 -40.93
N SER E 108 -15.22 -22.61 -41.29
CA SER E 108 -15.70 -23.99 -41.42
C SER E 108 -16.04 -24.58 -40.06
N ASN E 109 -15.05 -24.60 -39.15
CA ASN E 109 -15.26 -25.24 -37.88
C ASN E 109 -16.48 -24.59 -37.22
N LEU E 110 -17.36 -25.45 -36.67
CA LEU E 110 -18.66 -25.06 -36.11
C LEU E 110 -18.48 -24.39 -34.75
N LYS E 111 -17.56 -24.91 -33.93
CA LYS E 111 -17.11 -24.28 -32.69
C LYS E 111 -16.59 -22.87 -32.98
N SER E 112 -15.77 -22.69 -34.02
CA SER E 112 -15.25 -21.37 -34.36
C SER E 112 -16.35 -20.45 -34.92
N LYS E 113 -17.37 -21.01 -35.54
CA LYS E 113 -18.37 -20.18 -36.19
C LYS E 113 -19.29 -19.60 -35.12
N GLU E 114 -19.49 -20.40 -34.06
CA GLU E 114 -20.38 -20.12 -32.93
C GLU E 114 -19.76 -19.03 -32.06
N TYR E 115 -18.51 -19.23 -31.62
CA TYR E 115 -17.72 -18.23 -30.91
C TYR E 115 -17.83 -16.91 -31.67
N GLY E 116 -17.57 -16.91 -32.97
CA GLY E 116 -17.69 -15.71 -33.78
C GLY E 116 -19.07 -15.07 -33.68
N LYS E 117 -20.13 -15.87 -33.71
CA LYS E 117 -21.50 -15.38 -33.70
C LYS E 117 -21.87 -14.75 -32.34
N ILE E 118 -21.63 -15.50 -31.27
CA ILE E 118 -21.86 -15.13 -29.88
C ILE E 118 -21.06 -13.88 -29.54
N TYR E 119 -19.76 -13.86 -29.78
CA TYR E 119 -18.95 -12.66 -29.57
C TYR E 119 -19.46 -11.49 -30.41
N GLU E 120 -19.87 -11.72 -31.66
CA GLU E 120 -20.35 -10.65 -32.52
C GLU E 120 -21.47 -9.87 -31.84
N ILE E 121 -22.32 -10.58 -31.09
CA ILE E 121 -23.45 -10.03 -30.33
C ILE E 121 -22.91 -9.17 -29.18
N HIS E 122 -22.09 -9.82 -28.35
CA HIS E 122 -21.45 -9.22 -27.21
C HIS E 122 -20.83 -7.89 -27.61
N ARG E 123 -20.23 -7.86 -28.81
CA ARG E 123 -19.57 -6.65 -29.27
C ARG E 123 -20.58 -5.62 -29.73
N LYS E 124 -21.69 -6.06 -30.34
CA LYS E 124 -22.72 -5.11 -30.75
C LYS E 124 -23.32 -4.42 -29.51
N LEU E 125 -23.53 -5.19 -28.43
CA LEU E 125 -24.11 -4.62 -27.19
C LEU E 125 -23.08 -3.71 -26.50
N SER E 126 -21.80 -4.04 -26.63
CA SER E 126 -20.71 -3.24 -26.01
C SER E 126 -20.59 -1.90 -26.73
N ARG E 127 -20.76 -1.88 -28.05
CA ARG E 127 -20.61 -0.63 -28.83
C ARG E 127 -21.96 0.12 -28.77
N GLY E 128 -22.97 -0.51 -28.19
CA GLY E 128 -24.27 0.17 -28.02
C GLY E 128 -25.11 0.10 -29.26
N GLU E 129 -24.72 -0.75 -30.20
CA GLU E 129 -25.45 -0.81 -31.49
C GLU E 129 -26.79 -1.50 -31.28
N ILE E 130 -26.91 -2.30 -30.23
CA ILE E 130 -28.17 -3.03 -29.95
C ILE E 130 -28.58 -2.87 -28.48
N ASP E 131 -29.78 -3.31 -28.12
CA ASP E 131 -30.30 -3.25 -26.73
C ASP E 131 -30.05 -4.60 -26.06
N VAL E 132 -30.06 -4.63 -24.73
CA VAL E 132 -29.79 -5.90 -23.98
C VAL E 132 -30.91 -6.89 -24.30
N LEU E 133 -32.09 -6.40 -24.65
CA LEU E 133 -33.22 -7.32 -24.92
C LEU E 133 -33.02 -7.92 -26.31
N GLU E 134 -32.61 -7.10 -27.27
CA GLU E 134 -32.35 -7.57 -28.65
C GLU E 134 -31.22 -8.60 -28.60
N ALA E 135 -30.18 -8.33 -27.82
CA ALA E 135 -29.06 -9.28 -27.68
C ALA E 135 -29.56 -10.58 -27.08
N SER E 136 -30.37 -10.48 -26.02
CA SER E 136 -30.88 -11.69 -25.33
C SER E 136 -31.80 -12.47 -26.29
N LYS E 137 -32.43 -11.78 -27.22
CA LYS E 137 -33.31 -12.44 -28.22
C LYS E 137 -32.44 -13.18 -29.23
N ASN E 138 -31.35 -12.55 -29.67
CA ASN E 138 -30.42 -13.18 -30.64
C ASN E 138 -29.76 -14.40 -29.97
N ILE E 139 -29.68 -14.40 -28.64
CA ILE E 139 -28.99 -15.52 -27.93
C ILE E 139 -29.96 -16.70 -27.76
N GLY E 140 -31.25 -16.41 -27.53
CA GLY E 140 -32.25 -17.49 -27.37
C GLY E 140 -32.50 -18.17 -28.69
N LYS E 141 -32.59 -17.39 -29.77
CA LYS E 141 -32.77 -17.93 -31.11
C LYS E 141 -31.66 -18.92 -31.45
N TYR E 142 -30.40 -18.45 -31.49
CA TYR E 142 -29.24 -19.30 -31.76
C TYR E 142 -29.27 -20.61 -30.94
N ARG E 143 -28.84 -21.69 -31.59
CA ARG E 143 -28.73 -23.00 -30.95
C ARG E 143 -27.28 -23.26 -30.59
N ILE E 144 -26.98 -23.09 -29.31
CA ILE E 144 -25.60 -23.09 -28.84
C ILE E 144 -25.23 -24.52 -28.46
N LYS E 145 -24.17 -25.03 -29.09
CA LYS E 145 -23.72 -26.40 -28.85
C LYS E 145 -22.62 -26.44 -27.80
N THR E 146 -21.73 -25.45 -27.80
CA THR E 146 -20.57 -25.46 -26.92
C THR E 146 -20.97 -25.05 -25.50
N ASP E 147 -20.43 -25.73 -24.50
CA ASP E 147 -20.69 -25.40 -23.11
C ASP E 147 -20.13 -24.02 -22.75
N GLU E 148 -19.08 -23.60 -23.45
CA GLU E 148 -18.42 -22.30 -23.18
C GLU E 148 -19.19 -21.12 -23.78
N MET E 149 -19.74 -21.24 -24.97
CA MET E 149 -20.55 -20.14 -25.54
C MET E 149 -21.95 -20.16 -24.93
N ASN E 150 -22.20 -21.06 -23.99
CA ASN E 150 -23.49 -21.06 -23.28
C ASN E 150 -23.28 -20.32 -21.96
N ILE E 151 -22.06 -20.34 -21.46
CA ILE E 151 -21.73 -19.64 -20.19
C ILE E 151 -21.46 -18.17 -20.54
N PHE E 152 -20.86 -17.91 -21.69
CA PHE E 152 -20.57 -16.51 -22.10
C PHE E 152 -21.87 -15.84 -22.53
N SER E 153 -22.85 -16.63 -22.94
CA SER E 153 -24.16 -16.08 -23.36
C SER E 153 -24.88 -15.54 -22.13
N LYS E 154 -24.60 -16.11 -20.97
CA LYS E 154 -25.24 -15.68 -19.73
C LYS E 154 -24.54 -14.41 -19.24
N MET E 155 -23.22 -14.32 -19.47
CA MET E 155 -22.45 -13.16 -19.12
C MET E 155 -22.73 -11.96 -20.02
N ILE E 156 -23.03 -12.19 -21.30
CA ILE E 156 -23.14 -11.08 -22.23
C ILE E 156 -24.08 -9.96 -21.77
N PRO E 157 -25.27 -10.27 -21.23
CA PRO E 157 -26.19 -9.23 -20.82
C PRO E 157 -25.81 -8.57 -19.49
N MET E 158 -25.24 -9.38 -18.59
CA MET E 158 -24.76 -8.89 -17.30
C MET E 158 -23.79 -7.72 -17.43
N TYR E 159 -22.93 -7.72 -18.44
CA TYR E 159 -22.10 -6.56 -18.71
C TYR E 159 -22.99 -5.35 -18.99
N ASP E 160 -24.04 -5.51 -19.81
CA ASP E 160 -24.89 -4.36 -20.10
C ASP E 160 -25.72 -3.92 -18.89
N TYR E 161 -26.27 -4.88 -18.15
CA TYR E 161 -26.97 -4.58 -16.91
C TYR E 161 -26.10 -3.79 -15.97
N LEU E 162 -24.83 -4.20 -15.87
CA LEU E 162 -23.99 -3.54 -14.89
C LEU E 162 -23.81 -2.11 -15.34
N SER E 163 -23.38 -1.93 -16.60
CA SER E 163 -23.09 -0.57 -17.03
C SER E 163 -24.34 0.34 -17.02
N LYS E 164 -25.56 -0.20 -17.16
CA LYS E 164 -26.76 0.62 -17.31
C LYS E 164 -27.57 0.74 -16.00
N GLY E 165 -26.96 0.41 -14.87
CA GLY E 165 -27.60 0.62 -13.56
C GLY E 165 -28.78 -0.28 -13.27
N ASN E 166 -28.86 -1.46 -13.88
CA ASN E 166 -29.98 -2.42 -13.67
C ASN E 166 -29.39 -3.68 -13.06
N PHE E 167 -29.32 -3.73 -11.73
CA PHE E 167 -28.62 -4.85 -11.06
C PHE E 167 -29.58 -5.96 -10.77
N SER E 168 -30.87 -5.66 -10.79
CA SER E 168 -31.90 -6.67 -10.47
C SER E 168 -31.65 -7.97 -11.24
N PRO E 169 -31.55 -7.98 -12.59
CA PRO E 169 -31.42 -9.24 -13.31
C PRO E 169 -30.07 -9.96 -13.41
N MET E 170 -29.07 -9.55 -12.65
CA MET E 170 -27.69 -10.11 -12.78
C MET E 170 -27.47 -11.41 -11.98
N LYS E 171 -28.04 -11.55 -10.78
CA LYS E 171 -27.72 -12.74 -9.95
C LYS E 171 -28.33 -14.03 -10.53
N SER E 172 -29.51 -13.94 -11.13
CA SER E 172 -30.17 -15.14 -11.70
C SER E 172 -29.29 -15.68 -12.81
N LEU E 173 -28.74 -14.80 -13.62
CA LEU E 173 -27.90 -15.23 -14.75
C LEU E 173 -26.61 -15.90 -14.24
N LEU E 174 -26.09 -15.48 -13.09
CA LEU E 174 -24.79 -16.03 -12.65
C LEU E 174 -24.95 -17.36 -11.90
N LYS E 175 -26.16 -17.68 -11.44
CA LYS E 175 -26.43 -18.94 -10.70
C LYS E 175 -26.57 -20.08 -11.71
N GLN E 176 -26.79 -19.74 -12.97
CA GLN E 176 -26.97 -20.68 -14.06
C GLN E 176 -25.63 -21.01 -14.73
N ILE E 177 -24.52 -20.80 -14.02
CA ILE E 177 -23.17 -20.93 -14.57
C ILE E 177 -22.40 -21.91 -13.68
N ASP E 178 -21.93 -23.00 -14.30
CA ASP E 178 -20.96 -23.89 -13.68
C ASP E 178 -19.77 -24.02 -14.64
N LEU E 179 -18.56 -23.90 -14.07
CA LEU E 179 -17.38 -23.78 -14.92
C LEU E 179 -16.74 -25.14 -15.22
N ASN E 180 -17.19 -26.17 -14.49
CA ASN E 180 -16.69 -27.52 -14.70
C ASN E 180 -17.24 -28.10 -15.98
N ASP E 181 -18.29 -27.49 -16.51
CA ASP E 181 -18.94 -27.83 -17.78
C ASP E 181 -18.03 -27.50 -18.96
N ILE E 182 -16.93 -26.77 -18.68
CA ILE E 182 -15.91 -26.50 -19.68
C ILE E 182 -14.74 -27.43 -19.41
N LYS E 183 -14.49 -28.34 -20.35
CA LYS E 183 -13.42 -29.33 -20.13
C LYS E 183 -12.40 -29.30 -21.29
N GLU E 184 -12.79 -28.73 -22.44
CA GLU E 184 -11.90 -28.75 -23.64
C GLU E 184 -10.87 -27.62 -23.55
N ASN E 185 -11.32 -26.37 -23.40
CA ASN E 185 -10.40 -25.20 -23.31
C ASN E 185 -10.10 -24.89 -21.85
N ASN E 186 -8.82 -24.91 -21.46
CA ASN E 186 -8.43 -24.59 -20.06
C ASN E 186 -7.96 -23.13 -20.03
N TYR E 187 -7.82 -22.51 -21.20
CA TYR E 187 -7.46 -21.08 -21.25
C TYR E 187 -8.73 -20.27 -21.02
N LEU E 188 -9.86 -20.76 -21.52
CA LEU E 188 -11.13 -20.04 -21.24
C LEU E 188 -11.55 -20.22 -19.76
N LYS E 189 -11.37 -21.41 -19.20
CA LYS E 189 -11.80 -21.68 -17.81
C LYS E 189 -11.06 -20.74 -16.84
N LYS E 190 -9.83 -20.33 -17.17
CA LYS E 190 -9.11 -19.36 -16.30
C LYS E 190 -9.61 -17.91 -16.57
N SER E 191 -9.85 -17.55 -17.83
CA SER E 191 -10.31 -16.18 -18.17
C SER E 191 -11.75 -15.96 -17.68
N PHE E 192 -12.60 -16.97 -17.80
CA PHE E 192 -14.02 -16.88 -17.35
C PHE E 192 -14.07 -16.91 -15.82
N GLU E 193 -13.16 -17.65 -15.21
CA GLU E 193 -13.06 -17.66 -13.74
C GLU E 193 -12.75 -16.26 -13.25
N THR E 194 -11.80 -15.58 -13.90
CA THR E 194 -11.48 -14.18 -13.53
C THR E 194 -12.65 -13.29 -13.92
N ARG E 195 -13.27 -13.52 -15.08
CA ARG E 195 -14.39 -12.67 -15.55
C ARG E 195 -15.54 -12.74 -14.55
N ILE E 196 -15.78 -13.90 -13.95
CA ILE E 196 -16.91 -14.07 -13.00
C ILE E 196 -16.57 -13.48 -11.64
N TYR E 197 -15.32 -13.63 -11.20
CA TYR E 197 -14.89 -13.05 -9.89
C TYR E 197 -15.17 -11.56 -9.92
N VAL E 198 -14.89 -10.92 -11.04
CA VAL E 198 -15.06 -9.45 -11.14
C VAL E 198 -16.56 -9.12 -11.16
N LEU E 199 -17.36 -9.92 -11.84
CA LEU E 199 -18.82 -9.71 -11.90
C LEU E 199 -19.43 -9.99 -10.52
N LEU E 200 -18.91 -10.98 -9.81
CA LEU E 200 -19.38 -11.33 -8.45
C LEU E 200 -18.98 -10.21 -7.49
N SER E 201 -17.84 -9.61 -7.72
CA SER E 201 -17.42 -8.50 -6.90
C SER E 201 -18.41 -7.35 -7.02
N ASN E 202 -18.85 -7.04 -8.25
CA ASN E 202 -19.77 -5.94 -8.50
C ASN E 202 -21.16 -6.27 -7.99
N ILE E 203 -21.54 -7.54 -8.09
CA ILE E 203 -22.83 -8.00 -7.58
C ILE E 203 -22.89 -7.83 -6.05
N TYR E 204 -21.81 -8.17 -5.35
CA TYR E 204 -21.78 -8.00 -3.91
C TYR E 204 -21.71 -6.53 -3.53
N LEU E 205 -21.00 -5.74 -4.33
CA LEU E 205 -20.90 -4.30 -4.14
C LEU E 205 -22.32 -3.76 -4.08
N ASN E 206 -23.11 -4.09 -5.09
CA ASN E 206 -24.43 -3.50 -5.22
C ASN E 206 -25.42 -4.04 -4.19
N GLU E 207 -25.15 -5.26 -3.69
CA GLU E 207 -25.98 -5.81 -2.64
C GLU E 207 -25.59 -5.25 -1.29
N ASN E 208 -24.57 -4.38 -1.26
CA ASN E 208 -24.05 -3.75 -0.04
C ASN E 208 -23.35 -4.78 0.86
N GLU E 209 -22.72 -5.80 0.26
CA GLU E 209 -21.98 -6.78 1.05
C GLU E 209 -20.50 -6.62 0.72
N LEU E 210 -19.82 -5.70 1.42
CA LEU E 210 -18.60 -5.12 0.91
C LEU E 210 -17.37 -5.97 1.22
N GLU E 211 -17.36 -6.65 2.38
CA GLU E 211 -16.29 -7.59 2.72
C GLU E 211 -16.18 -8.63 1.60
N LEU E 212 -17.34 -9.03 1.07
CA LEU E 212 -17.42 -10.04 0.04
C LEU E 212 -17.01 -9.48 -1.32
N SER E 213 -17.49 -8.28 -1.64
CA SER E 213 -17.07 -7.58 -2.85
C SER E 213 -15.54 -7.49 -2.92
N ARG E 214 -14.91 -7.00 -1.84
CA ARG E 214 -13.45 -6.90 -1.75
C ARG E 214 -12.78 -8.27 -1.83
N LYS E 215 -13.35 -9.29 -1.18
CA LYS E 215 -12.75 -10.62 -1.17
C LYS E 215 -12.65 -11.11 -2.61
N TYR E 216 -13.68 -10.83 -3.39
CA TYR E 216 -13.77 -11.35 -4.74
C TYR E 216 -12.96 -10.52 -5.73
N ALA E 217 -12.86 -9.21 -5.53
CA ALA E 217 -11.97 -8.44 -6.38
C ALA E 217 -10.52 -8.86 -6.14
N GLU E 218 -10.18 -9.28 -4.91
CA GLU E 218 -8.83 -9.67 -4.50
C GLU E 218 -8.50 -11.02 -5.14
N LYS E 219 -9.47 -11.92 -5.12
CA LYS E 219 -9.32 -13.20 -5.80
C LYS E 219 -8.95 -12.99 -7.26
N ALA E 220 -9.72 -12.13 -7.93
CA ALA E 220 -9.50 -11.82 -9.33
C ALA E 220 -8.07 -11.33 -9.56
N ILE E 221 -7.64 -10.39 -8.73
CA ILE E 221 -6.34 -9.77 -8.84
C ILE E 221 -5.21 -10.80 -8.76
N LYS E 222 -5.32 -11.75 -7.83
CA LYS E 222 -4.39 -12.88 -7.72
C LYS E 222 -4.49 -13.84 -8.92
N SER E 223 -5.69 -14.01 -9.46
CA SER E 223 -5.90 -15.08 -10.42
C SER E 223 -5.44 -14.68 -11.81
N THR E 224 -4.96 -13.44 -11.99
CA THR E 224 -4.84 -12.97 -13.37
C THR E 224 -3.63 -12.08 -13.50
N ASP E 225 -3.31 -11.84 -14.78
CA ASP E 225 -2.39 -10.79 -15.14
C ASP E 225 -3.02 -9.87 -16.18
N THR E 226 -4.20 -10.25 -16.69
CA THR E 226 -4.93 -9.44 -17.69
C THR E 226 -5.23 -8.09 -17.08
N LYS E 227 -4.83 -7.01 -17.76
CA LYS E 227 -4.93 -5.64 -17.18
C LYS E 227 -6.39 -5.20 -16.91
N ARG E 228 -7.33 -5.51 -17.80
CA ARG E 228 -8.75 -5.07 -17.62
C ARG E 228 -9.32 -5.62 -16.30
N PHE E 229 -9.00 -6.87 -15.97
CA PHE E 229 -9.52 -7.50 -14.72
C PHE E 229 -8.91 -6.82 -13.51
N LEU E 230 -7.62 -6.46 -13.59
CA LEU E 230 -6.96 -5.71 -12.49
C LEU E 230 -7.56 -4.31 -12.45
N VAL E 231 -7.75 -3.67 -13.60
CA VAL E 231 -8.40 -2.36 -13.69
C VAL E 231 -9.76 -2.36 -13.00
N PHE E 232 -10.66 -3.23 -13.47
CA PHE E 232 -11.99 -3.29 -12.90
C PHE E 232 -11.97 -3.76 -11.46
N SER E 233 -11.05 -4.66 -11.07
CA SER E 233 -11.03 -5.06 -9.66
C SER E 233 -10.70 -3.87 -8.75
N TYR E 234 -9.70 -3.08 -9.12
CA TYR E 234 -9.32 -1.97 -8.26
C TYR E 234 -10.47 -0.99 -8.22
N LEU E 235 -11.10 -0.72 -9.39
CA LEU E 235 -12.19 0.25 -9.41
C LEU E 235 -13.25 -0.22 -8.42
N THR E 236 -13.54 -1.52 -8.41
CA THR E 236 -14.60 -2.03 -7.58
C THR E 236 -14.18 -1.91 -6.12
N ILE E 237 -12.94 -2.25 -5.78
CA ILE E 237 -12.50 -2.08 -4.40
C ILE E 237 -12.59 -0.61 -4.00
N GLY E 238 -12.17 0.30 -4.89
CA GLY E 238 -12.30 1.72 -4.66
C GLY E 238 -13.73 2.11 -4.33
N THR E 239 -14.69 1.54 -5.06
CA THR E 239 -16.06 1.90 -4.83
C THR E 239 -16.54 1.31 -3.51
N SER E 240 -16.03 0.12 -3.16
CA SER E 240 -16.51 -0.50 -1.93
C SER E 240 -16.12 0.33 -0.71
N TYR E 241 -15.10 1.21 -0.87
CA TYR E 241 -14.60 2.00 0.23
C TYR E 241 -15.22 3.41 0.27
N ILE E 242 -16.11 3.71 -0.68
CA ILE E 242 -16.48 5.08 -0.99
C ILE E 242 -17.04 5.77 0.26
N PHE E 243 -17.75 5.05 1.13
CA PHE E 243 -18.31 5.69 2.32
C PHE E 243 -17.49 5.40 3.59
N SER E 244 -16.84 4.24 3.62
CA SER E 244 -16.21 3.63 4.77
C SER E 244 -14.90 4.35 5.08
N ASP E 245 -14.02 4.49 4.09
CA ASP E 245 -12.65 4.95 4.30
C ASP E 245 -12.20 5.75 3.08
N TYR E 246 -12.11 7.07 3.18
CA TYR E 246 -11.75 7.88 1.99
C TYR E 246 -10.39 7.47 1.40
N ALA E 247 -9.38 7.28 2.23
CA ALA E 247 -8.01 7.00 1.74
C ALA E 247 -7.86 5.67 1.01
N LEU E 248 -8.53 4.61 1.48
CA LEU E 248 -8.49 3.27 0.84
C LEU E 248 -9.28 3.29 -0.48
N SER E 249 -10.24 4.20 -0.61
CA SER E 249 -10.96 4.39 -1.90
C SER E 249 -10.02 5.03 -2.93
N LYS E 250 -9.28 6.06 -2.55
CA LYS E 250 -8.37 6.79 -3.47
C LYS E 250 -7.15 5.92 -3.83
N GLN E 251 -6.63 5.16 -2.87
CA GLN E 251 -5.48 4.25 -3.11
C GLN E 251 -5.85 3.17 -4.11
N ASN E 252 -7.06 2.63 -4.01
CA ASN E 252 -7.49 1.52 -4.90
C ASN E 252 -7.86 2.13 -6.26
N TYR E 253 -8.41 3.33 -6.25
CA TYR E 253 -8.77 4.04 -7.51
C TYR E 253 -7.48 4.45 -8.22
N LEU E 254 -6.49 4.91 -7.47
CA LEU E 254 -5.20 5.36 -8.06
C LEU E 254 -4.39 4.14 -8.49
N SER E 255 -4.41 3.07 -7.70
CA SER E 255 -3.73 1.81 -8.08
C SER E 255 -4.23 1.34 -9.45
N GLY E 256 -5.53 1.31 -9.65
CA GLY E 256 -6.10 0.93 -10.95
C GLY E 256 -5.98 2.03 -11.98
N TYR E 257 -5.99 3.29 -11.55
CA TYR E 257 -5.75 4.32 -12.54
C TYR E 257 -4.40 4.15 -13.22
N GLU E 258 -3.41 3.62 -12.48
CA GLU E 258 -2.04 3.49 -12.98
C GLU E 258 -1.94 2.42 -14.07
N ILE E 259 -2.57 1.28 -13.80
CA ILE E 259 -2.65 0.19 -14.75
C ILE E 259 -3.48 0.63 -15.96
N ALA E 260 -4.50 1.44 -15.75
CA ALA E 260 -5.40 1.85 -16.82
C ALA E 260 -4.73 2.80 -17.79
N LYS E 261 -3.71 3.52 -17.32
CA LYS E 261 -3.08 4.58 -18.11
C LYS E 261 -2.73 4.03 -19.49
N GLY E 262 -3.09 4.77 -20.57
CA GLY E 262 -2.89 4.30 -21.94
C GLY E 262 -4.17 3.78 -22.61
N ASN E 263 -5.18 3.47 -21.79
CA ASN E 263 -6.53 3.14 -22.33
C ASN E 263 -7.45 4.26 -21.85
N SER E 264 -7.84 5.15 -22.76
CA SER E 264 -8.73 6.28 -22.45
C SER E 264 -10.04 5.82 -21.77
N VAL E 265 -10.59 4.67 -22.18
CA VAL E 265 -11.90 4.18 -21.65
C VAL E 265 -11.77 3.70 -20.20
N PHE E 266 -10.71 2.95 -19.89
CA PHE E 266 -10.46 2.47 -18.50
C PHE E 266 -10.14 3.66 -17.60
N GLU E 267 -9.41 4.64 -18.12
CA GLU E 267 -9.03 5.85 -17.34
C GLU E 267 -10.26 6.67 -16.96
N GLU E 268 -11.26 6.75 -17.84
CA GLU E 268 -12.45 7.59 -17.61
C GLU E 268 -13.19 7.10 -16.36
N PHE E 269 -13.11 5.80 -16.08
CA PHE E 269 -13.78 5.19 -14.90
C PHE E 269 -13.18 5.75 -13.61
N PHE E 270 -11.87 5.96 -13.59
CA PHE E 270 -11.21 6.45 -12.35
C PHE E 270 -11.44 7.96 -12.20
N LYS E 271 -11.32 8.70 -13.30
CA LYS E 271 -11.51 10.17 -13.27
C LYS E 271 -12.98 10.51 -12.94
N ARG E 272 -13.88 9.58 -13.20
CA ARG E 272 -15.30 9.79 -12.88
C ARG E 272 -15.55 9.36 -11.43
N ASN E 273 -14.88 8.29 -10.99
CA ASN E 273 -15.14 7.85 -9.61
C ASN E 273 -14.34 8.69 -8.64
N LEU E 274 -13.11 9.07 -9.01
CA LEU E 274 -12.39 9.96 -8.10
C LEU E 274 -13.12 11.29 -7.97
N SER E 275 -13.56 11.79 -9.13
CA SER E 275 -14.34 12.99 -9.20
C SER E 275 -15.51 12.90 -8.21
N PHE E 276 -16.20 11.77 -8.12
CA PHE E 276 -17.35 11.60 -7.20
C PHE E 276 -16.90 11.51 -5.73
N LEU E 277 -15.88 10.71 -5.43
CA LEU E 277 -15.35 10.54 -4.05
C LEU E 277 -14.95 11.90 -3.48
N ASN E 278 -14.33 12.72 -4.30
CA ASN E 278 -13.82 14.03 -3.81
C ASN E 278 -15.00 14.99 -3.54
N ASN E 279 -16.05 14.90 -4.35
CA ASN E 279 -17.22 15.80 -4.17
C ASN E 279 -17.98 15.37 -2.92
N PHE E 280 -18.03 14.08 -2.65
CA PHE E 280 -18.80 13.55 -1.49
C PHE E 280 -18.10 13.88 -0.19
N TRP E 281 -16.77 13.91 -0.21
CA TRP E 281 -15.99 14.22 1.01
C TRP E 281 -15.59 15.69 0.99
N ASN E 282 -16.12 16.49 0.07
CA ASN E 282 -15.80 17.94 -0.08
C ASN E 282 -14.29 18.14 -0.02
N LYS E 283 -13.60 17.80 -1.10
CA LYS E 283 -12.12 17.85 -1.10
C LYS E 283 -11.62 18.39 -2.46
N GLU E 284 -10.31 18.55 -2.60
CA GLU E 284 -9.70 19.05 -3.86
C GLU E 284 -10.13 18.12 -4.99
N ASN E 285 -10.70 18.71 -6.04
CA ASN E 285 -11.24 17.89 -7.11
C ASN E 285 -10.69 18.31 -8.48
N PRO E 286 -9.49 17.81 -8.86
CA PRO E 286 -8.97 18.03 -10.21
C PRO E 286 -9.57 17.13 -11.28
N TRP E 287 -10.50 16.23 -10.90
CA TRP E 287 -10.91 15.15 -11.79
C TRP E 287 -12.09 15.50 -12.67
N ILE E 288 -12.70 16.65 -12.45
CA ILE E 288 -13.97 16.90 -13.10
C ILE E 288 -13.73 17.21 -14.56
N ASN E 289 -14.67 16.75 -15.38
CA ASN E 289 -14.64 17.04 -16.79
C ASN E 289 -15.73 18.06 -17.07
N TYR E 290 -15.32 19.28 -17.46
CA TYR E 290 -16.25 20.38 -17.69
C TYR E 290 -16.80 20.33 -19.12
N ASP E 291 -16.10 19.61 -20.01
CA ASP E 291 -16.32 19.63 -21.44
C ASP E 291 -17.32 18.56 -21.90
N SER E 292 -17.58 17.57 -21.05
CA SER E 292 -18.44 16.45 -21.36
C SER E 292 -19.91 16.80 -21.19
N ASN E 293 -20.75 16.26 -22.08
CA ASN E 293 -22.20 16.40 -22.03
C ASN E 293 -22.85 15.24 -21.29
N ALA E 294 -22.09 14.17 -21.08
CA ALA E 294 -22.59 12.99 -20.39
C ALA E 294 -23.14 13.36 -19.02
N VAL E 295 -24.30 12.76 -18.76
CA VAL E 295 -25.04 12.98 -17.53
C VAL E 295 -24.12 12.84 -16.31
N THR E 296 -23.40 11.72 -16.25
CA THR E 296 -22.68 11.37 -15.05
C THR E 296 -21.54 12.36 -14.81
N ASP E 297 -21.11 13.03 -15.89
CA ASP E 297 -20.04 14.03 -15.83
C ASP E 297 -20.61 15.36 -15.37
N VAL E 298 -21.79 15.72 -15.91
CA VAL E 298 -22.46 16.97 -15.57
C VAL E 298 -22.87 16.92 -14.09
N GLN E 299 -23.22 15.73 -13.63
CA GLN E 299 -23.55 15.55 -12.23
C GLN E 299 -22.37 15.88 -11.32
N GLU E 300 -21.14 15.85 -11.85
CA GLU E 300 -19.99 16.08 -10.99
C GLU E 300 -19.70 17.56 -10.93
N VAL E 301 -20.09 18.25 -12.01
CA VAL E 301 -19.94 19.69 -12.08
C VAL E 301 -20.89 20.30 -11.06
N ILE E 302 -22.07 19.69 -10.94
CA ILE E 302 -23.13 20.19 -10.09
C ILE E 302 -22.77 19.94 -8.64
N PHE E 303 -22.24 18.74 -8.38
CA PHE E 303 -21.93 18.40 -7.00
C PHE E 303 -20.85 19.34 -6.50
N GLU E 304 -19.97 19.77 -7.40
CA GLU E 304 -18.98 20.78 -7.06
C GLU E 304 -19.63 22.11 -6.72
N LEU E 305 -20.49 22.64 -7.62
CA LEU E 305 -21.16 23.91 -7.36
C LEU E 305 -21.82 23.88 -6.00
N ILE E 306 -22.48 22.76 -5.68
CA ILE E 306 -23.10 22.61 -4.37
C ILE E 306 -22.04 22.72 -3.27
N ASN E 307 -20.91 22.04 -3.42
CA ASN E 307 -19.93 22.10 -2.35
C ASN E 307 -19.35 23.50 -2.20
N GLN E 308 -19.39 24.26 -3.32
CA GLN E 308 -18.93 25.64 -3.39
C GLN E 308 -20.07 26.61 -3.04
N LYS E 309 -21.22 26.05 -2.69
CA LYS E 309 -22.38 26.83 -2.18
C LYS E 309 -22.91 27.79 -3.26
N LYS E 310 -22.80 27.38 -4.52
CA LYS E 310 -23.36 28.19 -5.62
C LYS E 310 -24.61 27.42 -6.05
N LEU E 311 -25.68 27.53 -5.28
CA LEU E 311 -26.87 26.67 -5.50
C LEU E 311 -27.87 27.15 -6.56
N GLU E 312 -27.97 28.45 -6.81
CA GLU E 312 -28.87 28.94 -7.88
C GLU E 312 -28.42 28.39 -9.23
N ARG E 313 -27.14 28.53 -9.54
CA ARG E 313 -26.58 28.01 -10.81
C ARG E 313 -26.63 26.48 -10.79
N ALA E 314 -26.39 25.88 -9.63
CA ALA E 314 -26.42 24.41 -9.50
C ALA E 314 -27.82 23.89 -9.84
N LEU E 315 -28.85 24.49 -9.29
CA LEU E 315 -30.23 24.01 -9.52
C LEU E 315 -30.66 24.38 -10.94
N THR E 316 -30.17 25.49 -11.48
CA THR E 316 -30.48 25.79 -12.87
C THR E 316 -29.99 24.63 -13.75
N LEU E 317 -28.73 24.23 -13.50
CA LEU E 317 -28.00 23.25 -14.27
C LEU E 317 -28.61 21.87 -14.03
N LEU E 318 -28.95 21.56 -12.79
CA LEU E 318 -29.57 20.29 -12.47
C LEU E 318 -30.91 20.17 -13.18
N LYS E 319 -31.70 21.24 -13.19
CA LYS E 319 -33.03 21.18 -13.77
C LYS E 319 -32.95 20.90 -15.28
N SER E 320 -31.81 21.23 -15.90
CA SER E 320 -31.60 21.00 -17.35
C SER E 320 -31.25 19.53 -17.64
N LEU E 321 -30.68 18.83 -16.68
CA LEU E 321 -30.21 17.44 -16.88
C LEU E 321 -31.39 16.51 -16.62
N GLU E 322 -32.37 16.97 -15.86
CA GLU E 322 -33.56 16.15 -15.53
C GLU E 322 -34.27 15.78 -16.83
N ARG E 323 -34.26 16.70 -17.79
CA ARG E 323 -34.95 16.48 -19.07
C ARG E 323 -34.13 15.59 -20.01
N LYS E 324 -32.85 15.41 -19.71
CA LYS E 324 -31.96 14.61 -20.58
C LYS E 324 -32.18 13.10 -20.33
N LYS E 325 -31.68 12.27 -21.24
CA LYS E 325 -31.90 10.80 -21.17
C LYS E 325 -31.04 10.19 -20.06
N GLN E 326 -31.67 9.39 -19.20
CA GLN E 326 -30.96 8.87 -18.03
C GLN E 326 -31.48 7.51 -17.57
N ASN E 327 -30.61 6.71 -16.95
CA ASN E 327 -31.07 5.46 -16.33
C ASN E 327 -31.64 5.76 -14.94
N GLU E 328 -32.22 4.77 -14.30
CA GLU E 328 -32.82 4.92 -12.95
C GLU E 328 -31.71 5.08 -11.93
N ASN E 329 -30.58 4.38 -12.10
CA ASN E 329 -29.48 4.65 -11.19
C ASN E 329 -29.04 6.12 -11.28
N ASP E 330 -28.93 6.67 -12.50
CA ASP E 330 -28.64 8.08 -12.72
C ASP E 330 -29.58 8.97 -11.90
N LEU E 331 -30.89 8.73 -12.05
CA LEU E 331 -31.89 9.54 -11.39
C LEU E 331 -31.77 9.41 -9.86
N GLY E 332 -31.37 8.22 -9.37
CA GLY E 332 -30.98 8.07 -7.98
C GLY E 332 -30.04 9.20 -7.55
N PHE E 333 -28.98 9.42 -8.33
CA PHE E 333 -28.04 10.50 -8.06
C PHE E 333 -28.69 11.84 -8.34
N HIS E 334 -29.51 11.96 -9.38
CA HIS E 334 -30.05 13.29 -9.75
C HIS E 334 -30.87 13.90 -8.61
N TYR E 335 -31.68 13.09 -7.95
CA TYR E 335 -32.58 13.64 -6.90
C TYR E 335 -31.85 13.76 -5.59
N TYR E 336 -30.70 13.11 -5.45
CA TYR E 336 -29.90 13.30 -4.21
C TYR E 336 -29.34 14.70 -4.23
N LEU E 337 -28.84 15.11 -5.39
CA LEU E 337 -28.28 16.46 -5.57
C LEU E 337 -29.37 17.51 -5.35
N GLU E 338 -30.56 17.29 -5.92
CA GLU E 338 -31.70 18.23 -5.74
C GLU E 338 -32.00 18.36 -4.25
N GLY E 339 -32.01 17.25 -3.54
CA GLY E 339 -32.18 17.35 -2.10
C GLY E 339 -31.06 18.13 -1.42
N LEU E 340 -29.82 17.93 -1.87
CA LEU E 340 -28.71 18.72 -1.34
C LEU E 340 -28.95 20.21 -1.55
N ILE E 341 -29.63 20.57 -2.65
CA ILE E 341 -29.84 21.97 -2.98
C ILE E 341 -31.02 22.56 -2.21
N THR E 342 -32.17 21.85 -2.20
CA THR E 342 -33.45 22.42 -1.77
C THR E 342 -33.74 22.06 -0.32
N ASN E 343 -33.15 20.97 0.15
CA ASN E 343 -33.43 20.48 1.49
C ASN E 343 -34.83 19.84 1.59
N ASP E 344 -35.50 19.57 0.46
CA ASP E 344 -36.84 19.04 0.39
C ASP E 344 -36.81 17.51 0.53
N LYS E 345 -37.50 16.99 1.55
CA LYS E 345 -37.66 15.55 1.75
C LYS E 345 -38.13 14.83 0.48
N GLU E 346 -39.00 15.48 -0.28
CA GLU E 346 -39.55 14.92 -1.51
C GLU E 346 -38.42 14.46 -2.43
N ALA E 347 -37.36 15.29 -2.57
CA ALA E 347 -36.30 14.95 -3.50
C ALA E 347 -35.55 13.71 -3.01
N PHE E 348 -35.30 13.61 -1.68
CA PHE E 348 -34.67 12.44 -1.11
C PHE E 348 -35.54 11.19 -1.27
N TYR E 349 -36.86 11.33 -1.08
CA TYR E 349 -37.77 10.23 -1.33
C TYR E 349 -37.58 9.63 -2.72
N LYS E 350 -37.53 10.47 -3.77
CA LYS E 350 -37.39 10.01 -5.14
C LYS E 350 -36.02 9.40 -5.38
N SER E 351 -34.99 9.95 -4.74
CA SER E 351 -33.67 9.36 -4.80
C SER E 351 -33.74 7.93 -4.27
N VAL E 352 -34.39 7.75 -3.12
CA VAL E 352 -34.55 6.41 -2.53
C VAL E 352 -35.28 5.50 -3.53
N GLU E 353 -36.26 6.07 -4.23
CA GLU E 353 -37.12 5.29 -5.11
C GLU E 353 -36.36 4.79 -6.34
N TYR E 354 -35.55 5.68 -6.91
CA TYR E 354 -34.81 5.31 -8.10
C TYR E 354 -33.72 4.30 -7.77
N PHE E 355 -33.08 4.49 -6.61
CA PHE E 355 -32.05 3.57 -6.16
C PHE E 355 -32.70 2.21 -5.89
N LYS E 356 -33.95 2.23 -5.40
CA LYS E 356 -34.64 0.98 -5.12
C LYS E 356 -34.88 0.21 -6.43
N LEU E 357 -35.30 0.92 -7.49
CA LEU E 357 -35.64 0.27 -8.75
C LEU E 357 -34.39 -0.34 -9.38
N SER E 358 -33.34 0.49 -9.42
CA SER E 358 -31.98 0.13 -9.79
C SER E 358 -31.48 -1.08 -8.98
N GLN E 359 -31.93 -1.26 -7.74
CA GLN E 359 -31.48 -2.32 -6.85
C GLN E 359 -30.03 -2.08 -6.43
N ASP E 360 -29.76 -0.83 -6.05
CA ASP E 360 -28.46 -0.36 -5.63
C ASP E 360 -28.49 -0.17 -4.11
N LYS E 361 -28.04 -1.17 -3.35
CA LYS E 361 -28.12 -1.10 -1.90
C LYS E 361 -26.92 -0.38 -1.28
N LEU E 362 -25.99 0.08 -2.09
CA LEU E 362 -24.88 0.84 -1.55
C LEU E 362 -25.21 2.32 -1.60
N PHE E 363 -25.53 2.85 -2.79
CA PHE E 363 -25.70 4.28 -2.95
C PHE E 363 -27.05 4.77 -2.44
N ILE E 364 -27.97 3.85 -2.09
CA ILE E 364 -29.20 4.24 -1.44
C ILE E 364 -28.91 4.83 -0.05
N LYS E 365 -27.73 4.54 0.53
CA LYS E 365 -27.45 5.04 1.86
C LYS E 365 -27.41 6.56 1.88
N MET E 366 -27.08 7.18 0.74
CA MET E 366 -26.85 8.62 0.71
C MET E 366 -28.11 9.38 1.06
N PRO E 367 -29.23 9.22 0.32
CA PRO E 367 -30.49 9.84 0.71
C PRO E 367 -31.06 9.34 2.04
N LEU E 368 -30.90 8.04 2.36
CA LEU E 368 -31.34 7.51 3.65
C LEU E 368 -30.73 8.28 4.83
N ILE E 369 -29.46 8.70 4.70
CA ILE E 369 -28.78 9.39 5.77
C ILE E 369 -29.34 10.79 5.95
N LYS E 370 -29.55 11.47 4.80
CA LYS E 370 -30.18 12.79 4.79
C LYS E 370 -31.55 12.79 5.43
N LEU E 371 -32.33 11.74 5.17
CA LEU E 371 -33.65 11.58 5.75
C LEU E 371 -33.54 11.36 7.26
N GLU E 372 -32.50 10.65 7.72
CA GLU E 372 -32.28 10.50 9.15
C GLU E 372 -32.07 11.86 9.81
N SER E 373 -31.27 12.71 9.15
CA SER E 373 -30.98 14.08 9.58
C SER E 373 -32.22 14.95 9.58
N LEU E 374 -33.16 14.68 8.66
CA LEU E 374 -34.37 15.48 8.60
C LEU E 374 -35.42 14.92 9.55
N GLY E 375 -35.00 13.96 10.42
CA GLY E 375 -35.77 13.43 11.55
C GLY E 375 -36.84 12.43 11.08
N GLU E 376 -36.53 11.70 10.00
CA GLU E 376 -37.38 10.60 9.55
C GLU E 376 -37.11 9.39 10.43
N ASN E 377 -38.10 8.50 10.56
CA ASN E 377 -38.03 7.42 11.52
C ASN E 377 -36.86 6.47 11.22
N PRO E 378 -35.84 6.33 12.11
CA PRO E 378 -34.64 5.53 11.80
C PRO E 378 -34.90 4.07 11.45
N ARG E 379 -35.91 3.48 12.08
CA ARG E 379 -36.28 2.07 11.85
C ARG E 379 -36.82 1.82 10.43
N LEU E 380 -37.64 2.75 9.91
CA LEU E 380 -38.13 2.66 8.55
C LEU E 380 -36.99 2.82 7.56
N LEU E 381 -36.06 3.72 7.85
CA LEU E 381 -34.94 3.96 6.91
C LEU E 381 -34.02 2.73 6.90
N LYS E 382 -33.85 2.07 8.04
CA LYS E 382 -33.05 0.82 8.12
C LYS E 382 -33.68 -0.31 7.29
N ILE E 383 -35.00 -0.38 7.24
CA ILE E 383 -35.71 -1.44 6.47
C ILE E 383 -35.55 -1.19 4.96
N ILE E 384 -35.58 0.07 4.52
CA ILE E 384 -35.42 0.41 3.08
C ILE E 384 -33.94 0.17 2.70
N SER E 385 -33.06 0.21 3.69
CA SER E 385 -31.63 -0.08 3.47
C SER E 385 -31.42 -1.57 3.27
N MET E 386 -32.11 -2.38 4.04
CA MET E 386 -31.90 -3.84 3.97
C MET E 386 -32.56 -4.35 2.69
N GLY F 1 -21.95 10.99 -11.16
CA GLY F 1 -22.35 9.79 -10.41
C GLY F 1 -21.24 8.76 -10.38
N ILE F 2 -21.52 7.61 -9.80
CA ILE F 2 -20.54 6.51 -9.75
C ILE F 2 -20.64 5.70 -11.05
N VAL F 3 -19.56 5.05 -11.42
CA VAL F 3 -19.52 4.24 -12.67
C VAL F 3 -18.96 2.87 -12.28
N ARG F 4 -19.55 1.83 -12.82
CA ARG F 4 -19.14 0.45 -12.44
C ARG F 4 -18.75 -0.30 -13.70
N GLY F 5 -17.85 -1.24 -13.54
CA GLY F 5 -17.46 -2.08 -14.67
C GLY F 5 -16.88 -3.38 -14.20
N ALA F 6 -16.94 -4.39 -15.04
CA ALA F 6 -16.30 -5.67 -14.73
C ALA F 6 -15.44 -6.04 -15.93
N SER G 46 -51.22 -41.03 -28.61
CA SER G 46 -52.39 -40.54 -27.84
C SER G 46 -53.12 -41.72 -27.21
N GLU G 47 -52.35 -42.72 -26.73
CA GLU G 47 -52.92 -43.89 -26.06
C GLU G 47 -53.47 -43.50 -24.69
N PHE G 48 -52.61 -42.86 -23.89
CA PHE G 48 -52.93 -42.58 -22.49
C PHE G 48 -54.02 -41.52 -22.40
N ASN G 49 -53.96 -40.54 -23.30
CA ASN G 49 -54.92 -39.47 -23.40
C ASN G 49 -56.33 -40.04 -23.64
N SER G 50 -56.43 -41.01 -24.56
CA SER G 50 -57.70 -41.60 -24.95
C SER G 50 -58.36 -42.32 -23.78
N ILE G 51 -57.56 -43.11 -23.04
CA ILE G 51 -58.00 -43.88 -21.88
C ILE G 51 -58.65 -42.91 -20.89
N VAL G 52 -57.87 -41.88 -20.51
CA VAL G 52 -58.24 -40.92 -19.50
C VAL G 52 -59.52 -40.22 -19.92
N ASN G 53 -59.59 -39.74 -21.18
CA ASN G 53 -60.72 -38.97 -21.71
C ASN G 53 -62.01 -39.77 -21.65
N ILE G 54 -61.92 -41.10 -21.83
CA ILE G 54 -63.14 -41.88 -21.72
C ILE G 54 -63.46 -42.15 -20.25
N VAL G 55 -62.43 -42.52 -19.47
CA VAL G 55 -62.66 -42.73 -18.05
C VAL G 55 -63.43 -41.53 -17.49
N LYS G 56 -63.02 -40.30 -17.88
CA LYS G 56 -63.54 -39.07 -17.28
C LYS G 56 -64.96 -38.81 -17.75
N THR G 57 -65.17 -38.93 -19.07
CA THR G 57 -66.45 -38.56 -19.61
C THR G 57 -67.54 -39.59 -19.30
N HIS G 58 -67.18 -40.89 -19.14
CA HIS G 58 -68.24 -41.89 -18.99
C HIS G 58 -68.24 -42.54 -17.61
N TYR G 59 -67.15 -42.42 -16.84
CA TYR G 59 -67.09 -43.06 -15.54
C TYR G 59 -66.45 -42.10 -14.53
N PRO G 60 -66.89 -40.82 -14.46
CA PRO G 60 -66.14 -39.77 -13.76
C PRO G 60 -65.81 -40.11 -12.31
N ASP G 61 -66.71 -40.90 -11.73
CA ASP G 61 -66.86 -41.19 -10.31
C ASP G 61 -65.98 -42.39 -9.93
N GLN G 62 -65.42 -43.05 -10.94
CA GLN G 62 -64.57 -44.20 -10.73
C GLN G 62 -63.16 -43.89 -11.20
N GLU G 63 -62.89 -42.62 -11.51
CA GLU G 63 -61.67 -42.20 -12.18
C GLU G 63 -60.44 -42.75 -11.46
N TYR G 64 -60.40 -42.60 -10.14
CA TYR G 64 -59.28 -43.16 -9.41
C TYR G 64 -59.20 -44.69 -9.54
N GLU G 65 -60.29 -45.43 -9.38
CA GLU G 65 -60.26 -46.89 -9.29
C GLU G 65 -59.81 -47.52 -10.62
N LEU G 66 -60.36 -46.99 -11.72
CA LEU G 66 -60.12 -47.42 -13.10
C LEU G 66 -58.68 -47.12 -13.51
N MET G 67 -58.30 -45.86 -13.33
CA MET G 67 -56.99 -45.40 -13.76
C MET G 67 -55.91 -46.00 -12.87
N GLU G 68 -56.16 -46.19 -11.58
CA GLU G 68 -55.13 -46.74 -10.71
C GLU G 68 -54.75 -48.12 -11.23
N ASN G 69 -55.77 -48.94 -11.52
CA ASN G 69 -55.57 -50.32 -11.94
C ASN G 69 -54.83 -50.36 -13.28
N TYR G 70 -55.32 -49.55 -14.25
CA TYR G 70 -54.80 -49.49 -15.61
C TYR G 70 -53.34 -49.02 -15.64
N CYS G 71 -53.07 -47.91 -14.95
CA CYS G 71 -51.72 -47.36 -14.82
C CYS G 71 -50.74 -48.38 -14.25
N LEU G 72 -51.17 -49.14 -13.23
CA LEU G 72 -50.30 -50.12 -12.58
C LEU G 72 -50.02 -51.35 -13.45
N LEU G 73 -50.75 -51.47 -14.58
CA LEU G 73 -50.60 -52.65 -15.42
C LEU G 73 -49.86 -52.25 -16.69
N LEU G 74 -49.61 -50.95 -16.85
CA LEU G 74 -48.77 -50.48 -17.93
C LEU G 74 -47.35 -51.04 -17.75
N ASP G 75 -46.71 -51.28 -18.91
CA ASP G 75 -45.32 -51.65 -18.98
C ASP G 75 -44.45 -50.42 -18.67
N PRO G 76 -43.58 -50.52 -17.65
CA PRO G 76 -42.73 -49.39 -17.27
C PRO G 76 -42.09 -48.68 -18.47
N ASN G 77 -41.76 -49.43 -19.54
CA ASN G 77 -40.86 -48.96 -20.58
C ASN G 77 -41.60 -48.16 -21.64
N THR G 78 -42.90 -47.98 -21.43
CA THR G 78 -43.76 -47.51 -22.51
C THR G 78 -43.95 -46.01 -22.38
N LYS G 79 -44.24 -45.38 -23.52
CA LYS G 79 -44.68 -43.99 -23.58
C LYS G 79 -45.90 -43.73 -22.68
N ALA G 80 -46.86 -44.69 -22.66
CA ALA G 80 -48.03 -44.55 -21.82
C ALA G 80 -47.66 -44.58 -20.34
N ALA G 81 -46.64 -45.37 -19.94
CA ALA G 81 -46.29 -45.40 -18.52
C ALA G 81 -45.66 -44.07 -18.08
N ARG G 82 -45.02 -43.38 -19.03
CA ARG G 82 -44.45 -42.07 -18.78
C ARG G 82 -45.56 -41.06 -18.56
N SER G 83 -46.60 -41.06 -19.43
CA SER G 83 -47.72 -40.15 -19.27
C SER G 83 -48.47 -40.39 -17.95
N ALA G 84 -48.50 -41.67 -17.56
CA ALA G 84 -49.14 -42.12 -16.33
C ALA G 84 -48.47 -41.51 -15.10
N LEU G 85 -47.13 -41.40 -15.09
CA LEU G 85 -46.46 -40.90 -13.90
C LEU G 85 -46.80 -39.43 -13.61
N GLU G 86 -46.78 -38.61 -14.67
CA GLU G 86 -47.24 -37.23 -14.65
C GLU G 86 -48.70 -37.16 -14.18
N TYR G 87 -49.57 -37.96 -14.80
CA TYR G 87 -50.95 -38.01 -14.38
C TYR G 87 -51.06 -38.28 -12.88
N ALA G 88 -50.31 -39.26 -12.35
CA ALA G 88 -50.43 -39.58 -10.93
C ALA G 88 -49.95 -38.41 -10.08
N ASP G 89 -48.83 -37.77 -10.47
CA ASP G 89 -48.33 -36.66 -9.67
C ASP G 89 -49.12 -35.37 -9.89
N ALA G 90 -49.55 -35.06 -11.12
CA ALA G 90 -50.40 -33.90 -11.34
C ALA G 90 -51.66 -34.00 -10.49
N ASN G 91 -52.19 -35.23 -10.30
CA ASN G 91 -53.41 -35.43 -9.54
C ASN G 91 -53.16 -35.49 -8.02
N SER G 92 -51.90 -35.53 -7.64
CA SER G 92 -51.54 -35.65 -6.21
C SER G 92 -52.05 -37.00 -5.68
N PHE G 93 -51.98 -38.03 -6.52
CA PHE G 93 -52.30 -39.42 -6.10
C PHE G 93 -50.96 -39.99 -5.64
N ASN G 94 -50.60 -39.77 -4.38
CA ASN G 94 -49.24 -40.07 -3.87
C ASN G 94 -48.90 -41.56 -3.82
N THR G 95 -49.80 -42.38 -3.31
CA THR G 95 -49.58 -43.83 -3.26
C THR G 95 -49.31 -44.37 -4.66
N LEU G 96 -50.08 -43.93 -5.66
CA LEU G 96 -49.90 -44.38 -7.06
C LEU G 96 -48.60 -43.80 -7.63
N THR G 97 -48.37 -42.51 -7.44
CA THR G 97 -47.17 -41.86 -8.01
C THR G 97 -45.96 -42.56 -7.45
N ASP G 98 -45.98 -42.92 -6.17
CA ASP G 98 -44.83 -43.56 -5.52
C ASP G 98 -44.59 -44.98 -6.06
N LYS G 99 -45.65 -45.75 -6.29
CA LYS G 99 -45.51 -47.12 -6.86
C LYS G 99 -45.00 -47.01 -8.31
N LEU G 100 -45.55 -46.06 -9.06
CA LEU G 100 -45.17 -45.85 -10.45
C LEU G 100 -43.67 -45.59 -10.58
N VAL G 101 -43.19 -44.73 -9.68
CA VAL G 101 -41.79 -44.39 -9.55
C VAL G 101 -40.95 -45.66 -9.30
N GLU G 102 -41.37 -46.51 -8.34
CA GLU G 102 -40.60 -47.69 -7.96
C GLU G 102 -40.46 -48.66 -9.15
N LYS G 103 -41.58 -48.94 -9.80
CA LYS G 103 -41.59 -49.66 -11.07
C LYS G 103 -40.59 -49.01 -12.04
N MET G 104 -40.66 -47.70 -12.26
CA MET G 104 -39.98 -47.11 -13.40
C MET G 104 -38.49 -46.86 -13.14
N SER G 105 -38.04 -47.02 -11.90
CA SER G 105 -36.64 -46.79 -11.58
C SER G 105 -35.78 -47.95 -12.11
N ILE G 106 -36.34 -49.17 -12.06
CA ILE G 106 -35.65 -50.38 -12.50
C ILE G 106 -36.14 -50.77 -13.91
N ALA G 107 -36.12 -49.79 -14.81
CA ALA G 107 -36.68 -49.97 -16.14
C ALA G 107 -35.55 -49.97 -17.16
N SER G 108 -35.76 -50.67 -18.28
CA SER G 108 -34.85 -50.70 -19.42
C SER G 108 -34.83 -49.37 -20.17
N ASN G 109 -36.00 -48.93 -20.64
CA ASN G 109 -36.06 -47.70 -21.40
C ASN G 109 -35.42 -46.59 -20.55
N LEU G 110 -34.55 -45.80 -21.20
CA LEU G 110 -33.74 -44.79 -20.53
C LEU G 110 -34.56 -43.54 -20.21
N LYS G 111 -35.47 -43.14 -21.12
CA LYS G 111 -36.50 -42.14 -20.84
C LYS G 111 -37.35 -42.52 -19.61
N SER G 112 -37.78 -43.78 -19.50
CA SER G 112 -38.55 -44.23 -18.35
C SER G 112 -37.71 -44.27 -17.07
N LYS G 113 -36.40 -44.51 -17.19
CA LYS G 113 -35.59 -44.65 -16.00
C LYS G 113 -35.32 -43.27 -15.39
N GLU G 114 -35.23 -42.26 -16.27
CA GLU G 114 -34.90 -40.88 -15.96
C GLU G 114 -36.09 -40.23 -15.23
N TYR G 115 -37.27 -40.31 -15.87
CA TYR G 115 -38.52 -39.89 -15.30
C TYR G 115 -38.63 -40.45 -13.87
N GLY G 116 -38.42 -41.77 -13.72
CA GLY G 116 -38.45 -42.42 -12.42
C GLY G 116 -37.53 -41.75 -11.40
N LYS G 117 -36.31 -41.43 -11.85
CA LYS G 117 -35.29 -40.89 -10.95
C LYS G 117 -35.63 -39.47 -10.48
N ILE G 118 -35.95 -38.61 -11.45
CA ILE G 118 -36.32 -37.21 -11.26
C ILE G 118 -37.54 -37.11 -10.34
N TYR G 119 -38.63 -37.81 -10.69
CA TYR G 119 -39.82 -37.83 -9.86
C TYR G 119 -39.50 -38.37 -8.47
N GLU G 120 -38.63 -39.39 -8.36
CA GLU G 120 -38.32 -39.98 -7.06
C GLU G 120 -37.88 -38.90 -6.07
N ILE G 121 -37.12 -37.92 -6.59
CA ILE G 121 -36.61 -36.79 -5.81
C ILE G 121 -37.75 -35.87 -5.40
N HIS G 122 -38.49 -35.43 -6.42
CA HIS G 122 -39.67 -34.60 -6.27
C HIS G 122 -40.59 -35.16 -5.19
N ARG G 123 -40.72 -36.48 -5.10
CA ARG G 123 -41.68 -37.05 -4.13
C ARG G 123 -41.05 -37.07 -2.72
N LYS G 124 -39.73 -37.18 -2.62
CA LYS G 124 -39.07 -37.11 -1.29
C LYS G 124 -39.10 -35.66 -0.80
N LEU G 125 -38.98 -34.69 -1.71
CA LEU G 125 -39.12 -33.27 -1.32
C LEU G 125 -40.55 -33.05 -0.83
N SER G 126 -41.52 -33.63 -1.54
CA SER G 126 -42.94 -33.46 -1.19
C SER G 126 -43.28 -34.15 0.14
N ARG G 127 -42.73 -35.33 0.36
CA ARG G 127 -43.09 -36.11 1.58
C ARG G 127 -42.43 -35.46 2.80
N GLY G 128 -41.51 -34.52 2.56
CA GLY G 128 -40.81 -33.83 3.66
C GLY G 128 -39.72 -34.70 4.23
N GLU G 129 -38.98 -35.37 3.36
CA GLU G 129 -37.93 -36.29 3.82
C GLU G 129 -36.58 -35.67 3.52
N ILE G 130 -36.55 -34.72 2.59
CA ILE G 130 -35.27 -34.05 2.24
C ILE G 130 -35.47 -32.53 2.26
N ASP G 131 -34.41 -31.76 1.96
CA ASP G 131 -34.51 -30.29 1.91
C ASP G 131 -34.47 -29.82 0.45
N VAL G 132 -34.75 -28.54 0.22
CA VAL G 132 -34.83 -28.02 -1.18
C VAL G 132 -33.45 -28.10 -1.83
N LEU G 133 -32.39 -27.86 -1.07
CA LEU G 133 -31.05 -27.81 -1.71
C LEU G 133 -30.54 -29.24 -1.89
N GLU G 134 -30.68 -30.10 -0.87
CA GLU G 134 -30.34 -31.50 -1.09
C GLU G 134 -30.92 -31.94 -2.42
N ALA G 135 -32.19 -31.57 -2.64
CA ALA G 135 -32.88 -31.87 -3.87
C ALA G 135 -32.16 -31.22 -5.06
N SER G 136 -31.83 -29.92 -4.91
CA SER G 136 -31.23 -29.11 -5.96
C SER G 136 -29.87 -29.69 -6.35
N LYS G 137 -29.25 -30.37 -5.37
CA LYS G 137 -27.95 -31.00 -5.49
C LYS G 137 -28.09 -32.27 -6.36
N ASN G 138 -29.08 -33.10 -6.02
CA ASN G 138 -29.37 -34.30 -6.76
C ASN G 138 -29.71 -33.96 -8.21
N ILE G 139 -30.37 -32.82 -8.41
CA ILE G 139 -30.69 -32.37 -9.75
C ILE G 139 -29.44 -31.95 -10.55
N GLY G 140 -28.47 -31.33 -9.87
CA GLY G 140 -27.24 -30.86 -10.51
C GLY G 140 -26.29 -31.98 -10.93
N LYS G 141 -26.33 -33.08 -10.18
CA LYS G 141 -25.48 -34.24 -10.50
C LYS G 141 -26.04 -34.96 -11.73
N TYR G 142 -27.29 -35.43 -11.65
CA TYR G 142 -27.89 -36.23 -12.75
C TYR G 142 -27.67 -35.55 -14.07
N ARG G 143 -27.30 -36.35 -15.08
CA ARG G 143 -27.13 -35.79 -16.44
C ARG G 143 -28.48 -35.97 -17.14
N ILE G 144 -29.28 -34.91 -17.19
CA ILE G 144 -30.66 -35.00 -17.74
C ILE G 144 -30.62 -34.89 -19.27
N LYS G 145 -31.14 -35.92 -19.95
CA LYS G 145 -31.12 -35.93 -21.39
C LYS G 145 -32.41 -35.35 -21.95
N THR G 146 -33.54 -35.67 -21.31
CA THR G 146 -34.85 -35.27 -21.86
C THR G 146 -35.14 -33.80 -21.66
N ASP G 147 -35.81 -33.19 -22.64
CA ASP G 147 -36.19 -31.76 -22.53
C ASP G 147 -37.26 -31.60 -21.45
N GLU G 148 -38.17 -32.58 -21.37
CA GLU G 148 -39.28 -32.52 -20.39
C GLU G 148 -38.73 -32.61 -18.96
N MET G 149 -37.82 -33.55 -18.69
CA MET G 149 -37.36 -33.71 -17.29
C MET G 149 -36.45 -32.52 -16.95
N ASN G 150 -35.94 -31.83 -17.96
CA ASN G 150 -35.12 -30.62 -17.69
C ASN G 150 -36.04 -29.51 -17.19
N ILE G 151 -37.15 -29.28 -17.89
CA ILE G 151 -38.13 -28.23 -17.48
C ILE G 151 -38.73 -28.63 -16.12
N PHE G 152 -38.97 -29.92 -15.90
CA PHE G 152 -39.62 -30.37 -14.63
C PHE G 152 -38.66 -30.23 -13.45
N SER G 153 -37.35 -30.31 -13.73
CA SER G 153 -36.34 -30.18 -12.65
C SER G 153 -36.29 -28.73 -12.13
N LYS G 154 -36.63 -27.77 -13.00
CA LYS G 154 -36.69 -26.34 -12.58
C LYS G 154 -37.94 -26.13 -11.73
N MET G 155 -38.99 -26.91 -11.97
CA MET G 155 -40.21 -26.84 -11.18
C MET G 155 -40.05 -27.50 -9.81
N ILE G 156 -39.29 -28.59 -9.71
CA ILE G 156 -39.27 -29.36 -8.48
C ILE G 156 -39.04 -28.55 -7.20
N PRO G 157 -38.08 -27.61 -7.19
CA PRO G 157 -37.80 -26.83 -5.98
C PRO G 157 -38.85 -25.76 -5.67
N MET G 158 -39.37 -25.18 -6.76
CA MET G 158 -40.37 -24.14 -6.69
C MET G 158 -41.61 -24.56 -5.88
N TYR G 159 -42.01 -25.83 -5.97
CA TYR G 159 -43.04 -26.35 -5.09
C TYR G 159 -42.64 -26.17 -3.62
N ASP G 160 -41.39 -26.50 -3.30
CA ASP G 160 -40.99 -26.42 -1.89
C ASP G 160 -40.85 -24.97 -1.43
N TYR G 161 -40.25 -24.13 -2.28
CA TYR G 161 -40.18 -22.71 -2.03
C TYR G 161 -41.56 -22.13 -1.74
N LEU G 162 -42.55 -22.51 -2.55
CA LEU G 162 -43.84 -21.90 -2.38
C LEU G 162 -44.37 -22.32 -1.03
N SER G 163 -44.40 -23.64 -0.77
CA SER G 163 -45.02 -24.08 0.47
C SER G 163 -44.28 -23.55 1.71
N LYS G 164 -42.96 -23.27 1.63
CA LYS G 164 -42.18 -22.91 2.83
C LYS G 164 -41.95 -21.40 2.95
N GLY G 165 -42.79 -20.61 2.25
CA GLY G 165 -42.87 -19.17 2.37
C GLY G 165 -41.55 -18.46 2.02
N ASN G 166 -40.85 -18.99 1.02
CA ASN G 166 -39.56 -18.47 0.61
C ASN G 166 -39.63 -18.07 -0.86
N PHE G 167 -40.09 -16.86 -1.13
CA PHE G 167 -40.52 -16.58 -2.48
C PHE G 167 -39.39 -16.08 -3.35
N SER G 168 -38.30 -15.62 -2.70
CA SER G 168 -37.16 -14.98 -3.37
C SER G 168 -36.76 -15.73 -4.64
N PRO G 169 -36.34 -17.01 -4.46
CA PRO G 169 -35.74 -17.78 -5.56
C PRO G 169 -36.67 -18.33 -6.65
N MET G 170 -37.97 -18.03 -6.55
CA MET G 170 -38.93 -18.67 -7.42
C MET G 170 -38.94 -18.01 -8.79
N LYS G 171 -38.76 -16.67 -8.85
CA LYS G 171 -39.07 -15.95 -10.09
C LYS G 171 -38.04 -16.26 -11.18
N SER G 172 -36.77 -16.37 -10.74
CA SER G 172 -35.65 -16.51 -11.67
C SER G 172 -35.70 -17.87 -12.35
N LEU G 173 -35.98 -18.90 -11.54
CA LEU G 173 -36.13 -20.28 -11.98
C LEU G 173 -37.16 -20.39 -13.11
N LEU G 174 -38.19 -19.54 -13.09
CA LEU G 174 -39.30 -19.76 -14.00
C LEU G 174 -39.04 -19.20 -15.40
N LYS G 175 -38.04 -18.32 -15.53
CA LYS G 175 -37.74 -17.70 -16.81
C LYS G 175 -36.89 -18.61 -17.70
N GLN G 176 -36.36 -19.71 -17.12
CA GLN G 176 -35.52 -20.69 -17.79
C GLN G 176 -36.35 -21.80 -18.43
N ILE G 177 -37.63 -21.53 -18.73
CA ILE G 177 -38.58 -22.58 -19.11
C ILE G 177 -39.21 -22.25 -20.47
N ASP G 178 -38.98 -23.12 -21.45
CA ASP G 178 -39.66 -23.02 -22.73
C ASP G 178 -40.32 -24.36 -23.05
N LEU G 179 -41.60 -24.29 -23.45
CA LEU G 179 -42.42 -25.48 -23.56
C LEU G 179 -42.36 -26.08 -24.95
N ASN G 180 -41.82 -25.33 -25.92
CA ASN G 180 -41.70 -25.80 -27.29
C ASN G 180 -40.59 -26.83 -27.42
N ASP G 181 -39.73 -26.88 -26.39
CA ASP G 181 -38.62 -27.83 -26.27
C ASP G 181 -39.17 -29.25 -26.06
N ILE G 182 -40.47 -29.34 -25.76
CA ILE G 182 -41.15 -30.61 -25.62
C ILE G 182 -42.00 -30.81 -26.88
N LYS G 183 -41.64 -31.79 -27.70
CA LYS G 183 -42.50 -32.09 -28.88
C LYS G 183 -42.86 -33.58 -28.81
N GLU G 184 -42.07 -34.35 -28.05
CA GLU G 184 -42.29 -35.82 -27.99
C GLU G 184 -43.64 -36.16 -27.36
N ASN G 185 -43.98 -35.57 -26.21
CA ASN G 185 -45.23 -35.96 -25.50
C ASN G 185 -46.11 -34.73 -25.30
N ASN G 186 -47.19 -34.60 -26.08
CA ASN G 186 -48.04 -33.39 -25.98
C ASN G 186 -48.97 -33.51 -24.76
N TYR G 187 -49.01 -34.67 -24.10
CA TYR G 187 -49.80 -34.80 -22.84
C TYR G 187 -49.07 -34.08 -21.71
N LEU G 188 -47.76 -34.31 -21.57
CA LEU G 188 -46.99 -33.57 -20.55
C LEU G 188 -47.04 -32.10 -20.96
N LYS G 189 -46.97 -31.83 -22.25
CA LYS G 189 -46.94 -30.42 -22.72
C LYS G 189 -48.23 -29.72 -22.28
N LYS G 190 -49.33 -30.47 -22.11
CA LYS G 190 -50.53 -29.81 -21.60
C LYS G 190 -50.45 -29.71 -20.08
N SER G 191 -50.04 -30.80 -19.44
CA SER G 191 -49.97 -30.91 -17.99
C SER G 191 -48.97 -29.91 -17.41
N PHE G 192 -47.83 -29.72 -18.10
CA PHE G 192 -46.83 -28.79 -17.63
C PHE G 192 -47.25 -27.37 -17.91
N GLU G 193 -47.82 -27.13 -19.09
CA GLU G 193 -48.36 -25.81 -19.41
C GLU G 193 -49.25 -25.35 -18.24
N THR G 194 -50.07 -26.28 -17.73
CA THR G 194 -50.99 -26.04 -16.62
C THR G 194 -50.16 -25.80 -15.36
N ARG G 195 -49.26 -26.75 -15.04
CA ARG G 195 -48.47 -26.70 -13.81
C ARG G 195 -47.79 -25.33 -13.69
N ILE G 196 -47.39 -24.76 -14.84
CA ILE G 196 -46.66 -23.51 -14.94
C ILE G 196 -47.61 -22.35 -14.72
N TYR G 197 -48.78 -22.39 -15.36
CA TYR G 197 -49.74 -21.30 -15.21
C TYR G 197 -50.03 -21.04 -13.73
N VAL G 198 -50.15 -22.14 -12.98
CA VAL G 198 -50.55 -22.12 -11.59
C VAL G 198 -49.42 -21.56 -10.73
N LEU G 199 -48.19 -22.04 -10.95
CA LEU G 199 -47.04 -21.48 -10.27
C LEU G 199 -46.90 -19.99 -10.59
N LEU G 200 -47.11 -19.61 -11.87
CA LEU G 200 -46.95 -18.23 -12.29
C LEU G 200 -47.97 -17.36 -11.56
N SER G 201 -49.16 -17.94 -11.34
CA SER G 201 -50.20 -17.25 -10.62
C SER G 201 -49.77 -16.90 -9.20
N ASN G 202 -49.15 -17.86 -8.52
CA ASN G 202 -48.70 -17.68 -7.14
C ASN G 202 -47.52 -16.71 -7.07
N ILE G 203 -46.66 -16.75 -8.09
CA ILE G 203 -45.52 -15.86 -8.17
C ILE G 203 -46.00 -14.41 -8.31
N TYR G 204 -47.03 -14.17 -9.14
CA TYR G 204 -47.57 -12.82 -9.30
C TYR G 204 -48.31 -12.38 -8.05
N LEU G 205 -48.99 -13.33 -7.41
CA LEU G 205 -49.68 -13.07 -6.16
C LEU G 205 -48.67 -12.47 -5.19
N ASN G 206 -47.54 -13.16 -5.01
CA ASN G 206 -46.57 -12.75 -4.00
C ASN G 206 -45.83 -11.48 -4.38
N GLU G 207 -45.76 -11.19 -5.69
CA GLU G 207 -45.13 -9.96 -6.15
C GLU G 207 -46.13 -8.80 -6.05
N ASN G 208 -47.35 -9.09 -5.61
CA ASN G 208 -48.43 -8.13 -5.45
C ASN G 208 -48.93 -7.60 -6.80
N GLU G 209 -48.89 -8.44 -7.84
CA GLU G 209 -49.40 -8.03 -9.14
C GLU G 209 -50.62 -8.88 -9.47
N LEU G 210 -51.74 -8.55 -8.84
CA LEU G 210 -52.92 -9.46 -8.87
C LEU G 210 -53.69 -9.54 -10.19
N GLU G 211 -53.73 -8.50 -11.01
CA GLU G 211 -54.47 -8.66 -12.28
C GLU G 211 -53.79 -9.78 -13.07
N LEU G 212 -52.49 -9.97 -12.84
CA LEU G 212 -51.73 -11.04 -13.54
C LEU G 212 -51.97 -12.39 -12.85
N SER G 213 -51.90 -12.44 -11.52
CA SER G 213 -52.16 -13.71 -10.79
C SER G 213 -53.53 -14.23 -11.21
N ARG G 214 -54.55 -13.36 -11.16
CA ARG G 214 -55.87 -13.80 -11.59
C ARG G 214 -55.90 -14.24 -13.06
N LYS G 215 -55.25 -13.47 -13.93
CA LYS G 215 -55.27 -13.80 -15.34
C LYS G 215 -54.71 -15.19 -15.56
N TYR G 216 -53.65 -15.52 -14.80
CA TYR G 216 -52.93 -16.77 -14.96
C TYR G 216 -53.64 -17.94 -14.28
N ALA G 217 -54.30 -17.70 -13.15
CA ALA G 217 -55.10 -18.76 -12.58
C ALA G 217 -56.28 -19.13 -13.50
N GLU G 218 -56.80 -18.14 -14.26
CA GLU G 218 -57.94 -18.30 -15.15
C GLU G 218 -57.51 -19.13 -16.36
N LYS G 219 -56.32 -18.80 -16.87
CA LYS G 219 -55.72 -19.57 -17.95
C LYS G 219 -55.65 -21.05 -17.57
N ALA G 220 -55.10 -21.31 -16.39
CA ALA G 220 -54.92 -22.68 -15.90
C ALA G 220 -56.27 -23.41 -15.85
N ILE G 221 -57.29 -22.73 -15.31
CA ILE G 221 -58.61 -23.31 -15.15
C ILE G 221 -59.20 -23.76 -16.50
N LYS G 222 -59.04 -22.93 -17.54
CA LYS G 222 -59.43 -23.27 -18.91
C LYS G 222 -58.58 -24.41 -19.48
N SER G 223 -57.30 -24.46 -19.11
CA SER G 223 -56.36 -25.37 -19.71
C SER G 223 -56.54 -26.80 -19.25
N THR G 224 -57.37 -27.05 -18.24
CA THR G 224 -57.27 -28.32 -17.54
C THR G 224 -58.63 -28.82 -17.09
N ASP G 225 -58.61 -30.09 -16.67
CA ASP G 225 -59.69 -30.70 -15.94
C ASP G 225 -59.14 -31.41 -14.71
N THR G 226 -57.81 -31.41 -14.52
CA THR G 226 -57.22 -32.14 -13.40
C THR G 226 -57.62 -31.42 -12.12
N LYS G 227 -58.16 -32.16 -11.13
CA LYS G 227 -58.82 -31.54 -9.98
C LYS G 227 -57.86 -30.59 -9.24
N ARG G 228 -56.63 -31.08 -9.01
CA ARG G 228 -55.66 -30.39 -8.19
C ARG G 228 -55.36 -29.00 -8.76
N PHE G 229 -55.25 -28.85 -10.07
CA PHE G 229 -54.92 -27.57 -10.67
C PHE G 229 -56.11 -26.62 -10.60
N LEU G 230 -57.34 -27.16 -10.66
CA LEU G 230 -58.47 -26.27 -10.47
C LEU G 230 -58.49 -25.78 -9.03
N VAL G 231 -58.27 -26.71 -8.08
CA VAL G 231 -58.20 -26.44 -6.65
C VAL G 231 -57.23 -25.30 -6.36
N PHE G 232 -55.98 -25.47 -6.75
CA PHE G 232 -54.99 -24.44 -6.49
C PHE G 232 -55.28 -23.15 -7.25
N SER G 233 -55.84 -23.22 -8.47
CA SER G 233 -56.20 -21.96 -9.13
C SER G 233 -57.22 -21.15 -8.33
N TYR G 234 -58.27 -21.82 -7.84
CA TYR G 234 -59.31 -21.08 -7.13
C TYR G 234 -58.71 -20.50 -5.85
N LEU G 235 -57.90 -21.31 -5.15
CA LEU G 235 -57.34 -20.85 -3.90
C LEU G 235 -56.53 -19.59 -4.16
N THR G 236 -55.77 -19.58 -5.26
CA THR G 236 -54.93 -18.45 -5.55
C THR G 236 -55.79 -17.23 -5.89
N ILE G 237 -56.84 -17.42 -6.70
CA ILE G 237 -57.71 -16.30 -7.00
C ILE G 237 -58.34 -15.77 -5.70
N GLY G 238 -58.78 -16.68 -4.84
CA GLY G 238 -59.31 -16.28 -3.55
C GLY G 238 -58.32 -15.39 -2.78
N THR G 239 -57.05 -15.78 -2.80
CA THR G 239 -56.08 -15.05 -2.03
C THR G 239 -55.82 -13.70 -2.69
N SER G 240 -55.90 -13.65 -4.03
CA SER G 240 -55.63 -12.40 -4.71
C SER G 240 -56.67 -11.33 -4.34
N TYR G 241 -57.83 -11.77 -3.87
CA TYR G 241 -58.92 -10.85 -3.54
C TYR G 241 -58.95 -10.49 -2.04
N ILE G 242 -58.02 -11.05 -1.26
CA ILE G 242 -58.17 -11.07 0.20
C ILE G 242 -58.33 -9.65 0.75
N PHE G 243 -57.68 -8.65 0.13
CA PHE G 243 -57.82 -7.27 0.63
C PHE G 243 -58.76 -6.42 -0.25
N SER G 244 -58.76 -6.75 -1.54
CA SER G 244 -59.38 -6.02 -2.63
C SER G 244 -60.92 -6.09 -2.53
N ASP G 245 -61.49 -7.30 -2.37
CA ASP G 245 -62.94 -7.51 -2.46
C ASP G 245 -63.30 -8.73 -1.62
N TYR G 246 -63.95 -8.54 -0.47
CA TYR G 246 -64.29 -9.68 0.36
C TYR G 246 -65.17 -10.71 -0.37
N ALA G 247 -66.26 -10.26 -1.00
CA ALA G 247 -67.20 -11.16 -1.68
C ALA G 247 -66.51 -12.12 -2.68
N LEU G 248 -65.66 -11.53 -3.54
CA LEU G 248 -65.01 -12.26 -4.62
C LEU G 248 -63.92 -13.19 -4.08
N SER G 249 -63.36 -12.86 -2.92
CA SER G 249 -62.43 -13.76 -2.26
C SER G 249 -63.18 -14.99 -1.71
N LYS G 250 -64.28 -14.78 -1.00
CA LYS G 250 -65.08 -15.88 -0.49
C LYS G 250 -65.65 -16.77 -1.61
N GLN G 251 -66.11 -16.17 -2.71
CA GLN G 251 -66.74 -16.92 -3.78
C GLN G 251 -65.72 -17.79 -4.51
N ASN G 252 -64.51 -17.27 -4.68
CA ASN G 252 -63.47 -18.05 -5.32
C ASN G 252 -63.00 -19.16 -4.38
N TYR G 253 -62.91 -18.89 -3.09
CA TYR G 253 -62.50 -19.88 -2.10
C TYR G 253 -63.57 -20.98 -2.01
N LEU G 254 -64.84 -20.57 -2.07
CA LEU G 254 -65.92 -21.54 -1.98
C LEU G 254 -65.98 -22.43 -3.23
N SER G 255 -65.86 -21.82 -4.41
CA SER G 255 -65.78 -22.59 -5.65
C SER G 255 -64.73 -23.70 -5.55
N GLY G 256 -63.50 -23.34 -5.15
CA GLY G 256 -62.41 -24.29 -4.92
C GLY G 256 -62.71 -25.29 -3.81
N TYR G 257 -63.35 -24.83 -2.73
CA TYR G 257 -63.69 -25.71 -1.62
C TYR G 257 -64.58 -26.86 -2.08
N GLU G 258 -65.47 -26.57 -3.06
CA GLU G 258 -66.45 -27.53 -3.53
C GLU G 258 -65.79 -28.67 -4.30
N ILE G 259 -64.87 -28.30 -5.19
CA ILE G 259 -64.11 -29.24 -5.99
C ILE G 259 -63.23 -30.06 -5.06
N ALA G 260 -62.68 -29.44 -4.02
CA ALA G 260 -61.72 -30.09 -3.16
C ALA G 260 -62.39 -31.18 -2.32
N LYS G 261 -63.71 -31.08 -2.13
CA LYS G 261 -64.43 -31.92 -1.19
C LYS G 261 -64.07 -33.37 -1.40
N GLY G 262 -63.76 -34.08 -0.30
CA GLY G 262 -63.31 -35.47 -0.32
C GLY G 262 -61.80 -35.62 -0.12
N ASN G 263 -61.01 -34.72 -0.71
CA ASN G 263 -59.59 -34.78 -0.43
C ASN G 263 -59.34 -33.88 0.75
N SER G 264 -59.22 -34.48 1.95
CA SER G 264 -59.04 -33.78 3.21
C SER G 264 -57.84 -32.79 3.16
N VAL G 265 -56.82 -33.14 2.35
CA VAL G 265 -55.64 -32.33 2.22
C VAL G 265 -55.93 -31.08 1.39
N PHE G 266 -56.66 -31.22 0.27
CA PHE G 266 -57.08 -30.05 -0.49
C PHE G 266 -58.11 -29.23 0.29
N GLU G 267 -59.02 -29.88 1.03
CA GLU G 267 -60.06 -29.15 1.75
C GLU G 267 -59.38 -28.19 2.71
N GLU G 268 -58.35 -28.67 3.42
CA GLU G 268 -57.69 -27.90 4.49
C GLU G 268 -57.16 -26.55 4.02
N PHE G 269 -56.70 -26.49 2.78
CA PHE G 269 -56.21 -25.23 2.24
C PHE G 269 -57.31 -24.18 2.25
N PHE G 270 -58.55 -24.59 1.96
CA PHE G 270 -59.67 -23.64 2.01
C PHE G 270 -60.11 -23.28 3.43
N LYS G 271 -60.24 -24.31 4.29
CA LYS G 271 -60.60 -24.10 5.68
C LYS G 271 -59.64 -23.13 6.35
N ARG G 272 -58.38 -23.13 5.90
CA ARG G 272 -57.39 -22.26 6.49
C ARG G 272 -57.56 -20.86 5.91
N ASN G 273 -57.78 -20.77 4.58
CA ASN G 273 -57.85 -19.46 3.96
C ASN G 273 -59.17 -18.77 4.27
N LEU G 274 -60.26 -19.55 4.29
CA LEU G 274 -61.52 -18.91 4.64
C LEU G 274 -61.46 -18.39 6.09
N SER G 275 -60.92 -19.28 6.94
CA SER G 275 -60.70 -18.97 8.32
C SER G 275 -59.95 -17.64 8.43
N PHE G 276 -58.88 -17.45 7.66
CA PHE G 276 -58.13 -16.20 7.61
C PHE G 276 -58.98 -15.06 7.06
N LEU G 277 -59.58 -15.21 5.86
CA LEU G 277 -60.41 -14.18 5.26
C LEU G 277 -61.43 -13.61 6.26
N ASN G 278 -62.13 -14.50 6.97
CA ASN G 278 -63.14 -14.08 7.95
C ASN G 278 -62.51 -13.43 9.19
N ASN G 279 -61.37 -13.94 9.65
CA ASN G 279 -60.78 -13.33 10.82
C ASN G 279 -60.41 -11.93 10.43
N PHE G 280 -59.85 -11.71 9.24
CA PHE G 280 -59.33 -10.36 8.90
C PHE G 280 -60.46 -9.35 8.73
N TRP G 281 -61.62 -9.82 8.28
CA TRP G 281 -62.76 -8.91 8.03
C TRP G 281 -63.71 -8.92 9.23
N ASN G 282 -63.27 -9.44 10.38
CA ASN G 282 -64.10 -9.54 11.61
C ASN G 282 -65.49 -10.05 11.24
N LYS G 283 -65.56 -11.29 10.81
CA LYS G 283 -66.84 -11.86 10.35
C LYS G 283 -67.01 -13.26 10.94
N GLU G 284 -68.21 -13.82 10.84
CA GLU G 284 -68.50 -15.15 11.43
C GLU G 284 -67.53 -16.18 10.86
N ASN G 285 -66.84 -16.92 11.73
CA ASN G 285 -65.79 -17.85 11.24
C ASN G 285 -66.07 -19.27 11.69
N PRO G 286 -66.89 -20.04 10.96
CA PRO G 286 -67.05 -21.47 11.23
C PRO G 286 -65.86 -22.34 10.86
N TRP G 287 -64.80 -21.74 10.30
CA TRP G 287 -63.77 -22.50 9.61
C TRP G 287 -62.61 -22.90 10.51
N ILE G 288 -62.62 -22.44 11.74
CA ILE G 288 -61.42 -22.59 12.52
C ILE G 288 -61.27 -24.03 12.98
N ASN G 289 -60.03 -24.48 13.02
CA ASN G 289 -59.72 -25.77 13.59
C ASN G 289 -59.06 -25.52 14.93
N TYR G 290 -59.76 -25.90 16.01
CA TYR G 290 -59.28 -25.67 17.38
C TYR G 290 -58.36 -26.82 17.81
N ASP G 291 -58.44 -27.97 17.12
CA ASP G 291 -57.83 -29.22 17.56
C ASP G 291 -56.41 -29.42 17.01
N SER G 292 -56.06 -28.67 15.96
CA SER G 292 -54.77 -28.74 15.34
C SER G 292 -53.69 -27.98 16.14
N ASN G 293 -52.46 -28.52 16.13
CA ASN G 293 -51.26 -27.91 16.72
C ASN G 293 -50.48 -27.09 15.71
N ALA G 294 -50.81 -27.24 14.43
CA ALA G 294 -50.12 -26.50 13.38
C ALA G 294 -50.17 -25.01 13.66
N VAL G 295 -49.03 -24.38 13.49
CA VAL G 295 -48.86 -22.95 13.70
C VAL G 295 -49.96 -22.20 12.95
N THR G 296 -50.16 -22.49 11.66
CA THR G 296 -51.01 -21.61 10.86
C THR G 296 -52.46 -21.78 11.30
N ASP G 297 -52.76 -22.93 11.94
CA ASP G 297 -54.08 -23.19 12.51
C ASP G 297 -54.26 -22.42 13.83
N VAL G 298 -53.25 -22.50 14.71
CA VAL G 298 -53.26 -21.83 16.01
C VAL G 298 -53.31 -20.32 15.81
N GLN G 299 -52.64 -19.83 14.76
CA GLN G 299 -52.71 -18.43 14.42
C GLN G 299 -54.13 -17.98 14.12
N GLU G 300 -55.02 -18.90 13.73
CA GLU G 300 -56.37 -18.49 13.35
C GLU G 300 -57.24 -18.44 14.59
N VAL G 301 -56.88 -19.28 15.57
CA VAL G 301 -57.59 -19.29 16.85
C VAL G 301 -57.31 -17.96 17.55
N ILE G 302 -56.07 -17.48 17.39
CA ILE G 302 -55.58 -16.27 18.03
C ILE G 302 -56.27 -15.06 17.40
N PHE G 303 -56.32 -15.06 16.07
CA PHE G 303 -56.87 -13.90 15.41
C PHE G 303 -58.34 -13.79 15.77
N GLU G 304 -59.00 -14.93 16.01
CA GLU G 304 -60.37 -14.90 16.53
C GLU G 304 -60.45 -14.25 17.93
N LEU G 305 -59.64 -14.77 18.88
CA LEU G 305 -59.62 -14.23 20.23
C LEU G 305 -59.46 -12.70 20.17
N ILE G 306 -58.54 -12.23 19.33
CA ILE G 306 -58.34 -10.81 19.16
C ILE G 306 -59.63 -10.16 18.68
N ASN G 307 -60.29 -10.72 17.66
CA ASN G 307 -61.48 -10.07 17.16
C ASN G 307 -62.59 -10.02 18.22
N GLN G 308 -62.52 -11.00 19.15
CA GLN G 308 -63.46 -11.12 20.25
C GLN G 308 -62.98 -10.34 21.47
N LYS G 309 -61.82 -9.70 21.35
CA LYS G 309 -61.29 -8.84 22.39
C LYS G 309 -60.94 -9.65 23.63
N LYS G 310 -60.51 -10.90 23.46
CA LYS G 310 -60.02 -11.68 24.60
C LYS G 310 -58.49 -11.74 24.57
N LEU G 311 -57.84 -10.63 24.92
CA LEU G 311 -56.44 -10.42 24.61
C LEU G 311 -55.49 -11.18 25.53
N GLU G 312 -55.91 -11.44 26.78
CA GLU G 312 -55.05 -12.13 27.74
C GLU G 312 -54.79 -13.54 27.23
N ARG G 313 -55.87 -14.26 26.87
CA ARG G 313 -55.75 -15.62 26.37
C ARG G 313 -55.04 -15.64 25.01
N ALA G 314 -55.32 -14.63 24.15
CA ALA G 314 -54.69 -14.43 22.84
C ALA G 314 -53.17 -14.35 22.96
N LEU G 315 -52.66 -13.47 23.80
CA LEU G 315 -51.18 -13.31 23.81
C LEU G 315 -50.53 -14.56 24.40
N THR G 316 -51.26 -15.27 25.25
CA THR G 316 -50.70 -16.46 25.90
C THR G 316 -50.45 -17.52 24.85
N LEU G 317 -51.39 -17.75 23.94
CA LEU G 317 -51.26 -18.78 22.89
C LEU G 317 -50.18 -18.36 21.90
N LEU G 318 -50.06 -17.06 21.67
CA LEU G 318 -49.06 -16.51 20.72
C LEU G 318 -47.67 -16.76 21.29
N LYS G 319 -47.52 -16.57 22.58
CA LYS G 319 -46.20 -16.75 23.23
C LYS G 319 -45.79 -18.22 23.08
N SER G 320 -46.77 -19.11 23.06
CA SER G 320 -46.49 -20.56 22.97
C SER G 320 -46.02 -20.93 21.57
N LEU G 321 -46.22 -20.04 20.61
CA LEU G 321 -45.85 -20.34 19.21
C LEU G 321 -44.49 -19.71 18.92
N GLU G 322 -44.17 -18.60 19.55
CA GLU G 322 -42.88 -17.90 19.33
C GLU G 322 -41.73 -18.90 19.46
N ARG G 323 -41.84 -19.89 20.37
CA ARG G 323 -40.80 -20.85 20.65
C ARG G 323 -40.77 -21.95 19.58
N LYS G 324 -41.86 -22.07 18.81
CA LYS G 324 -42.06 -23.15 17.86
C LYS G 324 -41.37 -22.83 16.54
N LYS G 325 -40.99 -23.90 15.83
CA LYS G 325 -40.26 -23.80 14.58
C LYS G 325 -41.23 -23.43 13.47
N GLN G 326 -40.90 -22.39 12.72
CA GLN G 326 -41.82 -21.82 11.74
C GLN G 326 -41.01 -21.00 10.75
N ASN G 327 -41.52 -20.84 9.53
CA ASN G 327 -40.73 -20.14 8.53
C ASN G 327 -40.81 -18.62 8.75
N GLU G 328 -40.09 -17.87 7.90
CA GLU G 328 -40.11 -16.43 7.96
C GLU G 328 -41.49 -15.85 7.65
N ASN G 329 -42.16 -16.41 6.63
CA ASN G 329 -43.51 -15.96 6.33
C ASN G 329 -44.44 -16.09 7.55
N ASP G 330 -44.35 -17.23 8.24
CA ASP G 330 -45.11 -17.47 9.47
C ASP G 330 -44.91 -16.34 10.47
N LEU G 331 -43.65 -16.02 10.75
CA LEU G 331 -43.32 -14.99 11.72
C LEU G 331 -43.85 -13.63 11.28
N GLY G 332 -43.86 -13.35 9.97
CA GLY G 332 -44.59 -12.23 9.38
C GLY G 332 -45.96 -12.10 10.01
N PHE G 333 -46.73 -13.21 9.99
CA PHE G 333 -48.05 -13.23 10.60
C PHE G 333 -47.94 -13.17 12.11
N HIS G 334 -46.94 -13.86 12.66
CA HIS G 334 -46.90 -14.02 14.11
C HIS G 334 -46.78 -12.63 14.73
N TYR G 335 -45.91 -11.79 14.15
CA TYR G 335 -45.66 -10.49 14.73
C TYR G 335 -46.82 -9.56 14.47
N TYR G 336 -47.52 -9.77 13.36
CA TYR G 336 -48.62 -8.88 13.03
C TYR G 336 -49.70 -9.08 14.09
N LEU G 337 -49.93 -10.35 14.46
CA LEU G 337 -50.88 -10.66 15.52
C LEU G 337 -50.46 -9.98 16.82
N GLU G 338 -49.17 -10.11 17.19
CA GLU G 338 -48.70 -9.50 18.41
C GLU G 338 -48.99 -8.00 18.44
N GLY G 339 -48.72 -7.30 17.34
CA GLY G 339 -49.05 -5.89 17.19
C GLY G 339 -50.54 -5.63 17.39
N LEU G 340 -51.42 -6.49 16.85
CA LEU G 340 -52.84 -6.32 17.08
C LEU G 340 -53.17 -6.39 18.57
N ILE G 341 -52.38 -7.15 19.35
CA ILE G 341 -52.69 -7.33 20.75
C ILE G 341 -52.14 -6.18 21.58
N THR G 342 -50.88 -5.79 21.34
CA THR G 342 -50.14 -4.89 22.23
C THR G 342 -50.20 -3.46 21.71
N ASN G 343 -50.37 -3.32 20.40
CA ASN G 343 -50.37 -2.01 19.77
C ASN G 343 -48.98 -1.37 19.75
N ASP G 344 -47.93 -2.18 19.97
CA ASP G 344 -46.54 -1.75 19.95
C ASP G 344 -46.04 -1.69 18.51
N LYS G 345 -45.60 -0.50 18.06
CA LYS G 345 -44.95 -0.31 16.77
C LYS G 345 -43.85 -1.35 16.51
N GLU G 346 -43.11 -1.69 17.58
CA GLU G 346 -42.02 -2.64 17.49
C GLU G 346 -42.50 -3.95 16.85
N ALA G 347 -43.67 -4.46 17.29
CA ALA G 347 -44.15 -5.72 16.76
C ALA G 347 -44.47 -5.60 15.27
N PHE G 348 -45.09 -4.49 14.83
CA PHE G 348 -45.35 -4.23 13.41
C PHE G 348 -44.04 -4.13 12.60
N TYR G 349 -43.04 -3.44 13.17
CA TYR G 349 -41.73 -3.37 12.51
C TYR G 349 -41.22 -4.78 12.17
N LYS G 350 -41.26 -5.71 13.13
CA LYS G 350 -40.73 -7.05 12.94
C LYS G 350 -41.55 -7.83 11.91
N SER G 351 -42.87 -7.62 11.95
CA SER G 351 -43.75 -8.21 10.97
C SER G 351 -43.30 -7.75 9.59
N VAL G 352 -43.02 -6.45 9.42
CA VAL G 352 -42.59 -5.93 8.13
C VAL G 352 -41.29 -6.60 7.70
N GLU G 353 -40.43 -6.84 8.70
CA GLU G 353 -39.09 -7.35 8.41
C GLU G 353 -39.16 -8.81 7.97
N TYR G 354 -40.00 -9.61 8.62
CA TYR G 354 -40.14 -11.01 8.26
C TYR G 354 -40.81 -11.16 6.91
N PHE G 355 -41.82 -10.31 6.64
CA PHE G 355 -42.48 -10.33 5.34
C PHE G 355 -41.48 -9.93 4.27
N LYS G 356 -40.58 -9.02 4.61
CA LYS G 356 -39.56 -8.60 3.65
C LYS G 356 -38.62 -9.77 3.29
N LEU G 357 -38.22 -10.56 4.30
CA LEU G 357 -37.29 -11.66 4.08
C LEU G 357 -37.91 -12.73 3.21
N SER G 358 -39.13 -13.10 3.58
CA SER G 358 -40.03 -13.97 2.85
C SER G 358 -40.25 -13.47 1.42
N GLN G 359 -40.18 -12.15 1.19
CA GLN G 359 -40.43 -11.50 -0.10
C GLN G 359 -41.91 -11.67 -0.45
N ASP G 360 -42.76 -11.35 0.53
CA ASP G 360 -44.20 -11.44 0.38
C ASP G 360 -44.77 -10.04 0.24
N LYS G 361 -45.01 -9.58 -0.99
CA LYS G 361 -45.43 -8.21 -1.22
C LYS G 361 -46.94 -8.06 -1.12
N LEU G 362 -47.68 -9.15 -0.90
CA LEU G 362 -49.10 -8.98 -0.61
C LEU G 362 -49.36 -8.77 0.88
N PHE G 363 -48.92 -9.71 1.72
CA PHE G 363 -49.25 -9.71 3.13
C PHE G 363 -48.45 -8.71 3.95
N ILE G 364 -47.43 -8.08 3.35
CA ILE G 364 -46.70 -7.01 4.01
C ILE G 364 -47.62 -5.80 4.20
N LYS G 365 -48.71 -5.72 3.40
CA LYS G 365 -49.60 -4.56 3.51
C LYS G 365 -50.22 -4.44 4.91
N MET G 366 -50.37 -5.60 5.58
CA MET G 366 -51.11 -5.63 6.82
C MET G 366 -50.43 -4.81 7.89
N PRO G 367 -49.17 -5.10 8.27
CA PRO G 367 -48.45 -4.24 9.22
C PRO G 367 -48.18 -2.80 8.74
N LEU G 368 -47.98 -2.63 7.43
CA LEU G 368 -47.70 -1.28 6.88
C LEU G 368 -48.92 -0.37 7.08
N ILE G 369 -50.13 -0.92 7.07
CA ILE G 369 -51.37 -0.11 7.21
C ILE G 369 -51.56 0.27 8.69
N LYS G 370 -51.24 -0.65 9.60
CA LYS G 370 -51.32 -0.36 11.05
C LYS G 370 -50.30 0.72 11.41
N LEU G 371 -49.14 0.69 10.77
CA LEU G 371 -48.13 1.72 10.98
C LEU G 371 -48.65 3.06 10.46
N GLU G 372 -49.39 3.06 9.33
CA GLU G 372 -50.00 4.28 8.82
C GLU G 372 -50.94 4.87 9.86
N SER G 373 -51.78 4.02 10.48
CA SER G 373 -52.73 4.37 11.54
C SER G 373 -52.04 4.93 12.77
N LEU G 374 -50.83 4.43 13.06
CA LEU G 374 -50.12 4.91 14.24
C LEU G 374 -49.29 6.15 13.90
N GLY G 375 -49.57 6.74 12.72
CA GLY G 375 -49.02 8.01 12.26
C GLY G 375 -47.57 7.93 11.80
N GLU G 376 -47.14 6.77 11.27
CA GLU G 376 -45.84 6.62 10.63
C GLU G 376 -45.93 7.19 9.23
N ASN G 377 -44.78 7.61 8.71
CA ASN G 377 -44.73 8.41 7.50
C ASN G 377 -45.26 7.64 6.29
N PRO G 378 -46.38 8.07 5.65
CA PRO G 378 -47.00 7.27 4.57
C PRO G 378 -46.10 6.94 3.37
N ARG G 379 -45.19 7.88 3.04
CA ARG G 379 -44.29 7.74 1.90
C ARG G 379 -43.24 6.64 2.14
N LEU G 380 -42.70 6.55 3.36
CA LEU G 380 -41.76 5.51 3.73
C LEU G 380 -42.47 4.15 3.72
N LEU G 381 -43.72 4.11 4.17
CA LEU G 381 -44.48 2.87 4.14
C LEU G 381 -44.73 2.41 2.70
N LYS G 382 -45.02 3.37 1.82
CA LYS G 382 -45.20 3.08 0.42
C LYS G 382 -43.92 2.48 -0.19
N ILE G 383 -42.77 3.08 0.10
CA ILE G 383 -41.51 2.64 -0.47
C ILE G 383 -41.25 1.20 -0.01
N ILE G 384 -41.45 0.90 1.28
CA ILE G 384 -41.28 -0.48 1.80
C ILE G 384 -42.29 -1.43 1.10
N SER G 385 -43.42 -0.91 0.67
CA SER G 385 -44.46 -1.71 -0.03
C SER G 385 -43.99 -2.15 -1.42
N MET G 386 -43.25 -1.29 -2.13
CA MET G 386 -42.81 -1.61 -3.50
C MET G 386 -41.78 -2.76 -3.45
N GLY H 1 -51.87 -18.14 9.58
CA GLY H 1 -52.05 -17.13 8.53
C GLY H 1 -52.55 -17.74 7.25
N ILE H 2 -52.07 -17.25 6.11
CA ILE H 2 -52.55 -17.71 4.78
C ILE H 2 -51.78 -18.97 4.36
N VAL H 3 -52.31 -19.68 3.36
CA VAL H 3 -51.65 -20.89 2.81
C VAL H 3 -51.68 -20.72 1.28
N ARG H 4 -50.69 -21.30 0.60
CA ARG H 4 -50.58 -21.13 -0.87
C ARG H 4 -50.20 -22.46 -1.50
N GLY H 5 -50.68 -22.71 -2.72
CA GLY H 5 -50.31 -23.94 -3.44
C GLY H 5 -50.29 -23.73 -4.94
N ALA H 6 -49.56 -24.57 -5.65
CA ALA H 6 -49.54 -24.50 -7.14
C ALA H 6 -49.71 -25.89 -7.72
#